data_2XYA
# 
_entry.id   2XYA 
# 
_audit_conform.dict_name       mmcif_pdbx.dic 
_audit_conform.dict_version    5.391 
_audit_conform.dict_location   http://mmcif.pdb.org/dictionaries/ascii/mmcif_pdbx.dic 
# 
loop_
_database_2.database_id 
_database_2.database_code 
_database_2.pdbx_database_accession 
_database_2.pdbx_DOI 
PDB   2XYA         pdb_00002xya 10.2210/pdb2xya/pdb 
PDBE  EBI-46269    ?            ?                   
WWPDB D_1290046269 ?            ?                   
# 
loop_
_pdbx_audit_revision_history.ordinal 
_pdbx_audit_revision_history.data_content_type 
_pdbx_audit_revision_history.major_revision 
_pdbx_audit_revision_history.minor_revision 
_pdbx_audit_revision_history.revision_date 
1 'Structure model' 1 0 2011-04-27 
2 'Structure model' 1 1 2011-05-08 
3 'Structure model' 1 2 2011-07-13 
4 'Structure model' 1 3 2024-05-08 
# 
_pdbx_audit_revision_details.ordinal             1 
_pdbx_audit_revision_details.revision_ordinal    1 
_pdbx_audit_revision_details.data_content_type   'Structure model' 
_pdbx_audit_revision_details.provider            repository 
_pdbx_audit_revision_details.type                'Initial release' 
_pdbx_audit_revision_details.description         ? 
_pdbx_audit_revision_details.details             ? 
# 
loop_
_pdbx_audit_revision_group.ordinal 
_pdbx_audit_revision_group.revision_ordinal 
_pdbx_audit_revision_group.data_content_type 
_pdbx_audit_revision_group.group 
1 2 'Structure model' 'Version format compliance' 
2 3 'Structure model' 'Version format compliance' 
3 4 'Structure model' 'Data collection'           
4 4 'Structure model' 'Database references'       
5 4 'Structure model' 'Derived calculations'      
6 4 'Structure model' Other                       
# 
loop_
_pdbx_audit_revision_category.ordinal 
_pdbx_audit_revision_category.revision_ordinal 
_pdbx_audit_revision_category.data_content_type 
_pdbx_audit_revision_category.category 
1 4 'Structure model' chem_comp_atom       
2 4 'Structure model' chem_comp_bond       
3 4 'Structure model' database_2           
4 4 'Structure model' pdbx_database_status 
5 4 'Structure model' struct_site          
# 
loop_
_pdbx_audit_revision_item.ordinal 
_pdbx_audit_revision_item.revision_ordinal 
_pdbx_audit_revision_item.data_content_type 
_pdbx_audit_revision_item.item 
1 4 'Structure model' '_database_2.pdbx_DOI'                 
2 4 'Structure model' '_database_2.pdbx_database_accession'  
3 4 'Structure model' '_pdbx_database_status.status_code_sf' 
4 4 'Structure model' '_struct_site.pdbx_auth_asym_id'       
5 4 'Structure model' '_struct_site.pdbx_auth_comp_id'       
6 4 'Structure model' '_struct_site.pdbx_auth_seq_id'        
# 
_pdbx_database_status.status_code                     REL 
_pdbx_database_status.entry_id                        2XYA 
_pdbx_database_status.deposit_site                    PDBE 
_pdbx_database_status.process_site                    PDBE 
_pdbx_database_status.SG_entry                        . 
_pdbx_database_status.recvd_initial_deposition_date   2010-11-16 
_pdbx_database_status.pdb_format_compatible           Y 
_pdbx_database_status.status_code_sf                  REL 
_pdbx_database_status.status_code_mr                  ? 
_pdbx_database_status.status_code_cs                  ? 
_pdbx_database_status.methods_development_category    ? 
_pdbx_database_status.status_code_nmr_data            ? 
# 
loop_
_pdbx_database_related.db_name 
_pdbx_database_related.db_id 
_pdbx_database_related.content_type 
_pdbx_database_related.details 
PDB 1A3R unspecified 
'FAB FRAGMENT (ANTIBODY 8F5) COMPLEXED WITH PEPTIDE FROMHUMAN RHINOVIRUS (SEROTYPE 2) VIRAL CAPSID PROTEIN VP2(RESIDUES 156 - 170)' 
PDB 1CQQ unspecified 'TYPE 2 RHINOVIRUS 3C PROTEASE WITH AG7088 INHIBITOR' 
PDB 2HRV unspecified '2A CYSTEINE PROTEINASE FROM HUMAN RHINOVIRUS 2' 
PDB 1V9U unspecified 'HUMAN RHINOVIRUS 2 BOUND TO A FRAGMENT OF ITS CELLULARRECEPTOR PROTEIN' 
PDB 1FPN unspecified 'HUMAN RHINOVIRUS SEROTYPE 2 (HRV2)' 
# 
loop_
_audit_author.name 
_audit_author.pdbx_ordinal 
'Petersen, J.'  1 
'Edman, K.'     2 
'Edfeldt, F.'   3 
'Johansson, C.' 4 
# 
_citation.id                        primary 
_citation.title                     'Non-Covalent Inhibitors of Rhinovirus 3C Protease.' 
_citation.journal_abbrev            Bioorg.Med.Chem.Lett. 
_citation.journal_volume            21 
_citation.page_first                777 
_citation.page_last                 ? 
_citation.year                      2011 
_citation.journal_id_ASTM           BMCLE8 
_citation.country                   UK 
_citation.journal_id_ISSN           0960-894X 
_citation.journal_id_CSD            1127 
_citation.book_publisher            ? 
_citation.pdbx_database_id_PubMed   21183345 
_citation.pdbx_database_id_DOI      10.1016/J.BMCL.2010.11.110 
# 
loop_
_citation_author.citation_id 
_citation_author.name 
_citation_author.ordinal 
_citation_author.identifier_ORCID 
primary 'Baxter, A.'    1  ? 
primary 'Chambers, M.'  2  ? 
primary 'Edfeldt, F.'   3  ? 
primary 'Edman, K.'     4  ? 
primary 'Freeman, A.'   5  ? 
primary 'Johansson, C.' 6  ? 
primary 'King, S.'      7  ? 
primary 'Morley, A.'    8  ? 
primary 'Petersen, J.'  9  ? 
primary 'Rawlins, P.'   10 ? 
primary 'Spadola, L.'   11 ? 
primary 'Thong, B.'     12 ? 
primary 'Poel, H.V.'    13 ? 
primary 'Williams, N.'  14 ? 
# 
loop_
_entity.id 
_entity.type 
_entity.src_method 
_entity.pdbx_description 
_entity.formula_weight 
_entity.pdbx_number_of_molecules 
_entity.pdbx_ec 
_entity.pdbx_mutation 
_entity.pdbx_fragment 
_entity.details 
1 polymer     man 'PICORNAIN 3C'        20125.793 1  3.4.22.28 ? ? ? 
2 non-polymer syn 2-PHENYLQUINOLIN-4-OL 221.254   1  ?         ? ? ? 
3 water       nat water                 18.015    30 ?         ? ? ? 
# 
_entity_name_com.entity_id   1 
_entity_name_com.name        'PROTEASE 3C, P3C, HUMAN RHINOVIRUS 3C PROTEASE' 
# 
_entity_poly.entity_id                      1 
_entity_poly.type                           'polypeptide(L)' 
_entity_poly.nstd_linkage                   no 
_entity_poly.nstd_monomer                   no 
_entity_poly.pdbx_seq_one_letter_code       
;GSGPEEEFGMSLIKHNSCVITTENGKFTGLGVYDRFVVVPTHADPGKEIQVDGITTKVIDSYDLYNKNGIKLEITVLKLD
RNEKFRDIRRYIPNNEDDYPNCNLALLANQPEPTIINVGDVVSYGNILLSGNQTARMLKYSYPTKSGYCGGVLYKIGQVL
GIHVGGNGRDGFSAMLLRSYFT
;
_entity_poly.pdbx_seq_one_letter_code_can   
;GSGPEEEFGMSLIKHNSCVITTENGKFTGLGVYDRFVVVPTHADPGKEIQVDGITTKVIDSYDLYNKNGIKLEITVLKLD
RNEKFRDIRRYIPNNEDDYPNCNLALLANQPEPTIINVGDVVSYGNILLSGNQTARMLKYSYPTKSGYCGGVLYKIGQVL
GIHVGGNGRDGFSAMLLRSYFT
;
_entity_poly.pdbx_strand_id                 A 
_entity_poly.pdbx_target_identifier         ? 
# 
loop_
_pdbx_entity_nonpoly.entity_id 
_pdbx_entity_nonpoly.name 
_pdbx_entity_nonpoly.comp_id 
2 2-PHENYLQUINOLIN-4-OL 7L4 
3 water                 HOH 
# 
loop_
_entity_poly_seq.entity_id 
_entity_poly_seq.num 
_entity_poly_seq.mon_id 
_entity_poly_seq.hetero 
1 1   GLY n 
1 2   SER n 
1 3   GLY n 
1 4   PRO n 
1 5   GLU n 
1 6   GLU n 
1 7   GLU n 
1 8   PHE n 
1 9   GLY n 
1 10  MET n 
1 11  SER n 
1 12  LEU n 
1 13  ILE n 
1 14  LYS n 
1 15  HIS n 
1 16  ASN n 
1 17  SER n 
1 18  CYS n 
1 19  VAL n 
1 20  ILE n 
1 21  THR n 
1 22  THR n 
1 23  GLU n 
1 24  ASN n 
1 25  GLY n 
1 26  LYS n 
1 27  PHE n 
1 28  THR n 
1 29  GLY n 
1 30  LEU n 
1 31  GLY n 
1 32  VAL n 
1 33  TYR n 
1 34  ASP n 
1 35  ARG n 
1 36  PHE n 
1 37  VAL n 
1 38  VAL n 
1 39  VAL n 
1 40  PRO n 
1 41  THR n 
1 42  HIS n 
1 43  ALA n 
1 44  ASP n 
1 45  PRO n 
1 46  GLY n 
1 47  LYS n 
1 48  GLU n 
1 49  ILE n 
1 50  GLN n 
1 51  VAL n 
1 52  ASP n 
1 53  GLY n 
1 54  ILE n 
1 55  THR n 
1 56  THR n 
1 57  LYS n 
1 58  VAL n 
1 59  ILE n 
1 60  ASP n 
1 61  SER n 
1 62  TYR n 
1 63  ASP n 
1 64  LEU n 
1 65  TYR n 
1 66  ASN n 
1 67  LYS n 
1 68  ASN n 
1 69  GLY n 
1 70  ILE n 
1 71  LYS n 
1 72  LEU n 
1 73  GLU n 
1 74  ILE n 
1 75  THR n 
1 76  VAL n 
1 77  LEU n 
1 78  LYS n 
1 79  LEU n 
1 80  ASP n 
1 81  ARG n 
1 82  ASN n 
1 83  GLU n 
1 84  LYS n 
1 85  PHE n 
1 86  ARG n 
1 87  ASP n 
1 88  ILE n 
1 89  ARG n 
1 90  ARG n 
1 91  TYR n 
1 92  ILE n 
1 93  PRO n 
1 94  ASN n 
1 95  ASN n 
1 96  GLU n 
1 97  ASP n 
1 98  ASP n 
1 99  TYR n 
1 100 PRO n 
1 101 ASN n 
1 102 CYS n 
1 103 ASN n 
1 104 LEU n 
1 105 ALA n 
1 106 LEU n 
1 107 LEU n 
1 108 ALA n 
1 109 ASN n 
1 110 GLN n 
1 111 PRO n 
1 112 GLU n 
1 113 PRO n 
1 114 THR n 
1 115 ILE n 
1 116 ILE n 
1 117 ASN n 
1 118 VAL n 
1 119 GLY n 
1 120 ASP n 
1 121 VAL n 
1 122 VAL n 
1 123 SER n 
1 124 TYR n 
1 125 GLY n 
1 126 ASN n 
1 127 ILE n 
1 128 LEU n 
1 129 LEU n 
1 130 SER n 
1 131 GLY n 
1 132 ASN n 
1 133 GLN n 
1 134 THR n 
1 135 ALA n 
1 136 ARG n 
1 137 MET n 
1 138 LEU n 
1 139 LYS n 
1 140 TYR n 
1 141 SER n 
1 142 TYR n 
1 143 PRO n 
1 144 THR n 
1 145 LYS n 
1 146 SER n 
1 147 GLY n 
1 148 TYR n 
1 149 CYS n 
1 150 GLY n 
1 151 GLY n 
1 152 VAL n 
1 153 LEU n 
1 154 TYR n 
1 155 LYS n 
1 156 ILE n 
1 157 GLY n 
1 158 GLN n 
1 159 VAL n 
1 160 LEU n 
1 161 GLY n 
1 162 ILE n 
1 163 HIS n 
1 164 VAL n 
1 165 GLY n 
1 166 GLY n 
1 167 ASN n 
1 168 GLY n 
1 169 ARG n 
1 170 ASP n 
1 171 GLY n 
1 172 PHE n 
1 173 SER n 
1 174 ALA n 
1 175 MET n 
1 176 LEU n 
1 177 LEU n 
1 178 ARG n 
1 179 SER n 
1 180 TYR n 
1 181 PHE n 
1 182 THR n 
# 
_entity_src_gen.entity_id                          1 
_entity_src_gen.pdbx_src_id                        1 
_entity_src_gen.pdbx_alt_source_flag               sample 
_entity_src_gen.pdbx_seq_type                      ? 
_entity_src_gen.pdbx_beg_seq_num                   ? 
_entity_src_gen.pdbx_end_seq_num                   ? 
_entity_src_gen.gene_src_common_name               ? 
_entity_src_gen.gene_src_genus                     ? 
_entity_src_gen.pdbx_gene_src_gene                 ? 
_entity_src_gen.gene_src_species                   ? 
_entity_src_gen.gene_src_strain                    ? 
_entity_src_gen.gene_src_tissue                    ? 
_entity_src_gen.gene_src_tissue_fraction           ? 
_entity_src_gen.gene_src_details                   ? 
_entity_src_gen.pdbx_gene_src_fragment             ? 
_entity_src_gen.pdbx_gene_src_scientific_name      'HUMAN RHINOVIRUS SP.' 
_entity_src_gen.pdbx_gene_src_ncbi_taxonomy_id     169066 
_entity_src_gen.pdbx_gene_src_variant              ? 
_entity_src_gen.pdbx_gene_src_cell_line            ? 
_entity_src_gen.pdbx_gene_src_atcc                 ? 
_entity_src_gen.pdbx_gene_src_organ                ? 
_entity_src_gen.pdbx_gene_src_organelle            ? 
_entity_src_gen.pdbx_gene_src_cell                 ? 
_entity_src_gen.pdbx_gene_src_cellular_location    ? 
_entity_src_gen.host_org_common_name               ? 
_entity_src_gen.pdbx_host_org_scientific_name      'ESCHERICHIA COLI' 
_entity_src_gen.pdbx_host_org_ncbi_taxonomy_id     562 
_entity_src_gen.host_org_genus                     ? 
_entity_src_gen.pdbx_host_org_gene                 ? 
_entity_src_gen.pdbx_host_org_organ                ? 
_entity_src_gen.host_org_species                   ? 
_entity_src_gen.pdbx_host_org_tissue               ? 
_entity_src_gen.pdbx_host_org_tissue_fraction      ? 
_entity_src_gen.pdbx_host_org_strain               ? 
_entity_src_gen.pdbx_host_org_variant              ? 
_entity_src_gen.pdbx_host_org_cell_line            ? 
_entity_src_gen.pdbx_host_org_atcc                 ? 
_entity_src_gen.pdbx_host_org_culture_collection   ? 
_entity_src_gen.pdbx_host_org_cell                 ? 
_entity_src_gen.pdbx_host_org_organelle            ? 
_entity_src_gen.pdbx_host_org_cellular_location    ? 
_entity_src_gen.pdbx_host_org_vector_type          ? 
_entity_src_gen.pdbx_host_org_vector               ? 
_entity_src_gen.host_org_details                   ? 
_entity_src_gen.expression_system_id               ? 
_entity_src_gen.plasmid_name                       ? 
_entity_src_gen.plasmid_details                    ? 
_entity_src_gen.pdbx_description                   ? 
# 
loop_
_chem_comp.id 
_chem_comp.type 
_chem_comp.mon_nstd_flag 
_chem_comp.name 
_chem_comp.pdbx_synonyms 
_chem_comp.formula 
_chem_comp.formula_weight 
7L4 non-polymer         . 2-PHENYLQUINOLIN-4-OL ? 'C15 H11 N O'    221.254 
ALA 'L-peptide linking' y ALANINE               ? 'C3 H7 N O2'     89.093  
ARG 'L-peptide linking' y ARGININE              ? 'C6 H15 N4 O2 1' 175.209 
ASN 'L-peptide linking' y ASPARAGINE            ? 'C4 H8 N2 O3'    132.118 
ASP 'L-peptide linking' y 'ASPARTIC ACID'       ? 'C4 H7 N O4'     133.103 
CYS 'L-peptide linking' y CYSTEINE              ? 'C3 H7 N O2 S'   121.158 
GLN 'L-peptide linking' y GLUTAMINE             ? 'C5 H10 N2 O3'   146.144 
GLU 'L-peptide linking' y 'GLUTAMIC ACID'       ? 'C5 H9 N O4'     147.129 
GLY 'peptide linking'   y GLYCINE               ? 'C2 H5 N O2'     75.067  
HIS 'L-peptide linking' y HISTIDINE             ? 'C6 H10 N3 O2 1' 156.162 
HOH non-polymer         . WATER                 ? 'H2 O'           18.015  
ILE 'L-peptide linking' y ISOLEUCINE            ? 'C6 H13 N O2'    131.173 
LEU 'L-peptide linking' y LEUCINE               ? 'C6 H13 N O2'    131.173 
LYS 'L-peptide linking' y LYSINE                ? 'C6 H15 N2 O2 1' 147.195 
MET 'L-peptide linking' y METHIONINE            ? 'C5 H11 N O2 S'  149.211 
PHE 'L-peptide linking' y PHENYLALANINE         ? 'C9 H11 N O2'    165.189 
PRO 'L-peptide linking' y PROLINE               ? 'C5 H9 N O2'     115.130 
SER 'L-peptide linking' y SERINE                ? 'C3 H7 N O3'     105.093 
THR 'L-peptide linking' y THREONINE             ? 'C4 H9 N O3'     119.119 
TYR 'L-peptide linking' y TYROSINE              ? 'C9 H11 N O3'    181.189 
VAL 'L-peptide linking' y VALINE                ? 'C5 H11 N O2'    117.146 
# 
loop_
_pdbx_poly_seq_scheme.asym_id 
_pdbx_poly_seq_scheme.entity_id 
_pdbx_poly_seq_scheme.seq_id 
_pdbx_poly_seq_scheme.mon_id 
_pdbx_poly_seq_scheme.ndb_seq_num 
_pdbx_poly_seq_scheme.pdb_seq_num 
_pdbx_poly_seq_scheme.auth_seq_num 
_pdbx_poly_seq_scheme.pdb_mon_id 
_pdbx_poly_seq_scheme.auth_mon_id 
_pdbx_poly_seq_scheme.pdb_strand_id 
_pdbx_poly_seq_scheme.pdb_ins_code 
_pdbx_poly_seq_scheme.hetero 
A 1 1   GLY 1   -1  -1  GLY GLY A . n 
A 1 2   SER 2   0   0   SER SER A . n 
A 1 3   GLY 3   1   1   GLY GLY A . n 
A 1 4   PRO 4   2   2   PRO PRO A . n 
A 1 5   GLU 5   3   3   GLU GLU A . n 
A 1 6   GLU 6   4   4   GLU GLU A . n 
A 1 7   GLU 7   5   5   GLU GLU A . n 
A 1 8   PHE 8   6   6   PHE PHE A . n 
A 1 9   GLY 9   7   7   GLY GLY A . n 
A 1 10  MET 10  8   8   MET MET A . n 
A 1 11  SER 11  9   9   SER SER A . n 
A 1 12  LEU 12  10  10  LEU LEU A . n 
A 1 13  ILE 13  11  11  ILE ILE A . n 
A 1 14  LYS 14  12  12  LYS LYS A . n 
A 1 15  HIS 15  13  13  HIS HIS A . n 
A 1 16  ASN 16  14  14  ASN ASN A . n 
A 1 17  SER 17  15  15  SER SER A . n 
A 1 18  CYS 18  16  16  CYS CYS A . n 
A 1 19  VAL 19  17  17  VAL VAL A . n 
A 1 20  ILE 20  18  18  ILE ILE A . n 
A 1 21  THR 21  19  19  THR THR A . n 
A 1 22  THR 22  20  20  THR THR A . n 
A 1 23  GLU 23  21  21  GLU GLU A . n 
A 1 24  ASN 24  22  22  ASN ASN A . n 
A 1 25  GLY 25  23  23  GLY GLY A . n 
A 1 26  LYS 26  24  24  LYS LYS A . n 
A 1 27  PHE 27  25  25  PHE PHE A . n 
A 1 28  THR 28  26  26  THR THR A . n 
A 1 29  GLY 29  27  27  GLY GLY A . n 
A 1 30  LEU 30  28  28  LEU LEU A . n 
A 1 31  GLY 31  29  29  GLY GLY A . n 
A 1 32  VAL 32  30  30  VAL VAL A . n 
A 1 33  TYR 33  31  31  TYR TYR A . n 
A 1 34  ASP 34  32  32  ASP ASP A . n 
A 1 35  ARG 35  33  33  ARG ARG A . n 
A 1 36  PHE 36  34  34  PHE PHE A . n 
A 1 37  VAL 37  35  35  VAL VAL A . n 
A 1 38  VAL 38  36  36  VAL VAL A . n 
A 1 39  VAL 39  37  37  VAL VAL A . n 
A 1 40  PRO 40  38  38  PRO PRO A . n 
A 1 41  THR 41  39  39  THR THR A . n 
A 1 42  HIS 42  40  40  HIS HIS A . n 
A 1 43  ALA 43  41  41  ALA ALA A . n 
A 1 44  ASP 44  42  42  ASP ASP A . n 
A 1 45  PRO 45  43  43  PRO PRO A . n 
A 1 46  GLY 46  44  44  GLY GLY A . n 
A 1 47  LYS 47  45  45  LYS LYS A . n 
A 1 48  GLU 48  46  46  GLU GLU A . n 
A 1 49  ILE 49  47  47  ILE ILE A . n 
A 1 50  GLN 50  48  48  GLN GLN A . n 
A 1 51  VAL 51  49  49  VAL VAL A . n 
A 1 52  ASP 52  50  50  ASP ASP A . n 
A 1 53  GLY 53  51  51  GLY GLY A . n 
A 1 54  ILE 54  52  52  ILE ILE A . n 
A 1 55  THR 55  53  53  THR THR A . n 
A 1 56  THR 56  54  54  THR THR A . n 
A 1 57  LYS 57  55  55  LYS LYS A . n 
A 1 58  VAL 58  56  56  VAL VAL A . n 
A 1 59  ILE 59  57  57  ILE ILE A . n 
A 1 60  ASP 60  58  58  ASP ASP A . n 
A 1 61  SER 61  59  59  SER SER A . n 
A 1 62  TYR 62  60  60  TYR TYR A . n 
A 1 63  ASP 63  61  61  ASP ASP A . n 
A 1 64  LEU 64  62  62  LEU LEU A . n 
A 1 65  TYR 65  63  63  TYR TYR A . n 
A 1 66  ASN 66  64  64  ASN ASN A . n 
A 1 67  LYS 67  65  65  LYS LYS A . n 
A 1 68  ASN 68  66  66  ASN ASN A . n 
A 1 69  GLY 69  67  67  GLY GLY A . n 
A 1 70  ILE 70  68  68  ILE ILE A . n 
A 1 71  LYS 71  69  69  LYS LYS A . n 
A 1 72  LEU 72  70  70  LEU LEU A . n 
A 1 73  GLU 73  71  71  GLU GLU A . n 
A 1 74  ILE 74  72  72  ILE ILE A . n 
A 1 75  THR 75  73  73  THR THR A . n 
A 1 76  VAL 76  74  74  VAL VAL A . n 
A 1 77  LEU 77  75  75  LEU LEU A . n 
A 1 78  LYS 78  76  76  LYS LYS A . n 
A 1 79  LEU 79  77  77  LEU LEU A . n 
A 1 80  ASP 80  78  78  ASP ASP A . n 
A 1 81  ARG 81  79  79  ARG ARG A . n 
A 1 82  ASN 82  80  80  ASN ASN A . n 
A 1 83  GLU 83  81  81  GLU GLU A . n 
A 1 84  LYS 84  82  82  LYS LYS A . n 
A 1 85  PHE 85  83  83  PHE PHE A . n 
A 1 86  ARG 86  84  84  ARG ARG A . n 
A 1 87  ASP 87  85  85  ASP ASP A . n 
A 1 88  ILE 88  86  86  ILE ILE A . n 
A 1 89  ARG 89  87  87  ARG ARG A . n 
A 1 90  ARG 90  88  88  ARG ARG A . n 
A 1 91  TYR 91  89  89  TYR TYR A . n 
A 1 92  ILE 92  90  90  ILE ILE A . n 
A 1 93  PRO 93  91  91  PRO PRO A . n 
A 1 94  ASN 94  92  92  ASN ASN A . n 
A 1 95  ASN 95  93  93  ASN ASN A . n 
A 1 96  GLU 96  94  94  GLU GLU A . n 
A 1 97  ASP 97  95  95  ASP ASP A . n 
A 1 98  ASP 98  96  96  ASP ASP A . n 
A 1 99  TYR 99  97  97  TYR TYR A . n 
A 1 100 PRO 100 98  98  PRO PRO A . n 
A 1 101 ASN 101 99  99  ASN ASN A . n 
A 1 102 CYS 102 100 100 CYS CYS A . n 
A 1 103 ASN 103 101 101 ASN ASN A . n 
A 1 104 LEU 104 102 102 LEU LEU A . n 
A 1 105 ALA 105 103 103 ALA ALA A . n 
A 1 106 LEU 106 104 104 LEU LEU A . n 
A 1 107 LEU 107 105 105 LEU LEU A . n 
A 1 108 ALA 108 106 106 ALA ALA A . n 
A 1 109 ASN 109 107 107 ASN ASN A . n 
A 1 110 GLN 110 108 108 GLN GLN A . n 
A 1 111 PRO 111 109 109 PRO PRO A . n 
A 1 112 GLU 112 110 110 GLU GLU A . n 
A 1 113 PRO 113 111 111 PRO PRO A . n 
A 1 114 THR 114 112 112 THR THR A . n 
A 1 115 ILE 115 113 113 ILE ILE A . n 
A 1 116 ILE 116 114 114 ILE ILE A . n 
A 1 117 ASN 117 115 115 ASN ASN A . n 
A 1 118 VAL 118 116 116 VAL VAL A . n 
A 1 119 GLY 119 117 117 GLY GLY A . n 
A 1 120 ASP 120 118 118 ASP ASP A . n 
A 1 121 VAL 121 119 119 VAL VAL A . n 
A 1 122 VAL 122 120 120 VAL VAL A . n 
A 1 123 SER 123 121 121 SER SER A . n 
A 1 124 TYR 124 122 122 TYR TYR A . n 
A 1 125 GLY 125 123 123 GLY GLY A . n 
A 1 126 ASN 126 124 124 ASN ASN A . n 
A 1 127 ILE 127 125 125 ILE ILE A . n 
A 1 128 LEU 128 126 126 LEU LEU A . n 
A 1 129 LEU 129 127 127 LEU LEU A . n 
A 1 130 SER 130 128 128 SER SER A . n 
A 1 131 GLY 131 129 129 GLY GLY A . n 
A 1 132 ASN 132 130 130 ASN ASN A . n 
A 1 133 GLN 133 131 131 GLN GLN A . n 
A 1 134 THR 134 132 132 THR THR A . n 
A 1 135 ALA 135 133 133 ALA ALA A . n 
A 1 136 ARG 136 134 134 ARG ARG A . n 
A 1 137 MET 137 135 135 MET MET A . n 
A 1 138 LEU 138 136 136 LEU LEU A . n 
A 1 139 LYS 139 137 137 LYS LYS A . n 
A 1 140 TYR 140 138 138 TYR TYR A . n 
A 1 141 SER 141 139 139 SER SER A . n 
A 1 142 TYR 142 140 140 TYR TYR A . n 
A 1 143 PRO 143 141 141 PRO PRO A . n 
A 1 144 THR 144 142 142 THR THR A . n 
A 1 145 LYS 145 143 143 LYS LYS A . n 
A 1 146 SER 146 144 144 SER SER A . n 
A 1 147 GLY 147 145 145 GLY GLY A . n 
A 1 148 TYR 148 146 146 TYR TYR A . n 
A 1 149 CYS 149 147 147 CYS CYS A . n 
A 1 150 GLY 150 148 148 GLY GLY A . n 
A 1 151 GLY 151 149 149 GLY GLY A . n 
A 1 152 VAL 152 150 150 VAL VAL A . n 
A 1 153 LEU 153 151 151 LEU LEU A . n 
A 1 154 TYR 154 152 152 TYR TYR A . n 
A 1 155 LYS 155 153 153 LYS LYS A . n 
A 1 156 ILE 156 154 154 ILE ILE A . n 
A 1 157 GLY 157 155 155 GLY GLY A . n 
A 1 158 GLN 158 156 156 GLN GLN A . n 
A 1 159 VAL 159 157 157 VAL VAL A . n 
A 1 160 LEU 160 158 158 LEU LEU A . n 
A 1 161 GLY 161 159 159 GLY GLY A . n 
A 1 162 ILE 162 160 160 ILE ILE A . n 
A 1 163 HIS 163 161 161 HIS HIS A . n 
A 1 164 VAL 164 162 162 VAL VAL A . n 
A 1 165 GLY 165 163 163 GLY GLY A . n 
A 1 166 GLY 166 164 164 GLY GLY A . n 
A 1 167 ASN 167 165 165 ASN ASN A . n 
A 1 168 GLY 168 166 166 GLY GLY A . n 
A 1 169 ARG 169 167 167 ARG ARG A . n 
A 1 170 ASP 170 168 168 ASP ASP A . n 
A 1 171 GLY 171 169 169 GLY GLY A . n 
A 1 172 PHE 172 170 170 PHE PHE A . n 
A 1 173 SER 173 171 171 SER SER A . n 
A 1 174 ALA 174 172 172 ALA ALA A . n 
A 1 175 MET 175 173 173 MET MET A . n 
A 1 176 LEU 176 174 174 LEU LEU A . n 
A 1 177 LEU 177 175 175 LEU LEU A . n 
A 1 178 ARG 178 176 176 ARG ARG A . n 
A 1 179 SER 179 177 177 SER SER A . n 
A 1 180 TYR 180 178 178 TYR TYR A . n 
A 1 181 PHE 181 179 179 PHE PHE A . n 
A 1 182 THR 182 180 180 THR THR A . n 
# 
loop_
_pdbx_nonpoly_scheme.asym_id 
_pdbx_nonpoly_scheme.entity_id 
_pdbx_nonpoly_scheme.mon_id 
_pdbx_nonpoly_scheme.ndb_seq_num 
_pdbx_nonpoly_scheme.pdb_seq_num 
_pdbx_nonpoly_scheme.auth_seq_num 
_pdbx_nonpoly_scheme.pdb_mon_id 
_pdbx_nonpoly_scheme.auth_mon_id 
_pdbx_nonpoly_scheme.pdb_strand_id 
_pdbx_nonpoly_scheme.pdb_ins_code 
B 2 7L4 1  1181 1181 7L4 7L4 A . 
C 3 HOH 1  2001 2001 HOH HOH A . 
C 3 HOH 2  2002 2002 HOH HOH A . 
C 3 HOH 3  2003 2003 HOH HOH A . 
C 3 HOH 4  2004 2004 HOH HOH A . 
C 3 HOH 5  2005 2005 HOH HOH A . 
C 3 HOH 6  2006 2006 HOH HOH A . 
C 3 HOH 7  2007 2007 HOH HOH A . 
C 3 HOH 8  2008 2008 HOH HOH A . 
C 3 HOH 9  2009 2009 HOH HOH A . 
C 3 HOH 10 2010 2010 HOH HOH A . 
C 3 HOH 11 2011 2011 HOH HOH A . 
C 3 HOH 12 2012 2012 HOH HOH A . 
C 3 HOH 13 2013 2013 HOH HOH A . 
C 3 HOH 14 2014 2014 HOH HOH A . 
C 3 HOH 15 2015 2015 HOH HOH A . 
C 3 HOH 16 2016 2016 HOH HOH A . 
C 3 HOH 17 2017 2017 HOH HOH A . 
C 3 HOH 18 2018 2018 HOH HOH A . 
C 3 HOH 19 2019 2019 HOH HOH A . 
C 3 HOH 20 2020 2020 HOH HOH A . 
C 3 HOH 21 2021 2021 HOH HOH A . 
C 3 HOH 22 2022 2022 HOH HOH A . 
C 3 HOH 23 2023 2023 HOH HOH A . 
C 3 HOH 24 2024 2024 HOH HOH A . 
C 3 HOH 25 2025 2025 HOH HOH A . 
C 3 HOH 26 2026 2026 HOH HOH A . 
C 3 HOH 27 2027 2027 HOH HOH A . 
C 3 HOH 28 2028 2028 HOH HOH A . 
C 3 HOH 29 2029 2029 HOH HOH A . 
C 3 HOH 30 2030 2030 HOH HOH A . 
# 
loop_
_software.name 
_software.classification 
_software.version 
_software.citation_id 
_software.pdbx_ordinal 
REFMAC refinement       5.2.0019 ? 1 
MOSFLM 'data reduction' .        ? 2 
SCALA  'data scaling'   .        ? 3 
# 
_cell.entry_id           2XYA 
_cell.length_a           126.143 
_cell.length_b           126.143 
_cell.length_c           75.454 
_cell.angle_alpha        90.00 
_cell.angle_beta         90.00 
_cell.angle_gamma        90.00 
_cell.Z_PDB              16 
_cell.pdbx_unique_axis   ? 
# 
_symmetry.entry_id                         2XYA 
_symmetry.space_group_name_H-M             'I 41 2 2' 
_symmetry.pdbx_full_space_group_name_H-M   ? 
_symmetry.cell_setting                     ? 
_symmetry.Int_Tables_number                98 
# 
_exptl.entry_id          2XYA 
_exptl.method            'X-RAY DIFFRACTION' 
_exptl.crystals_number   ? 
# 
_exptl_crystal.id                    1 
_exptl_crystal.density_meas          ? 
_exptl_crystal.density_Matthews      3.73 
_exptl_crystal.density_percent_sol   67.01 
_exptl_crystal.description           NONE 
# 
_diffrn.id                     1 
_diffrn.ambient_temp           100 
_diffrn.ambient_temp_details   ? 
_diffrn.crystal_id             1 
# 
_diffrn_radiation.diffrn_id                        1 
_diffrn_radiation.wavelength_id                    1 
_diffrn_radiation.pdbx_monochromatic_or_laue_m_l   M 
_diffrn_radiation.monochromator                    ? 
_diffrn_radiation.pdbx_diffrn_protocol             'SINGLE WAVELENGTH' 
_diffrn_radiation.pdbx_scattering_type             x-ray 
# 
_diffrn_radiation_wavelength.id           1 
_diffrn_radiation_wavelength.wavelength   . 
_diffrn_radiation_wavelength.wt           1.0 
# 
_diffrn_source.diffrn_id                   1 
_diffrn_source.source                      SYNCHROTRON 
_diffrn_source.type                        ESRF 
_diffrn_source.pdbx_synchrotron_site       ESRF 
_diffrn_source.pdbx_synchrotron_beamline   ? 
_diffrn_source.pdbx_wavelength             ? 
_diffrn_source.pdbx_wavelength_list        ? 
# 
_reflns.pdbx_diffrn_id               1 
_reflns.pdbx_ordinal                 1 
_reflns.entry_id                     2XYA 
_reflns.observed_criterion_sigma_I   0.0 
_reflns.observed_criterion_sigma_F   ? 
_reflns.d_resolution_low             45.20 
_reflns.d_resolution_high            2.40 
_reflns.number_obs                   12145 
_reflns.number_all                   ? 
_reflns.percent_possible_obs         99.5 
_reflns.pdbx_Rmerge_I_obs            0.10 
_reflns.pdbx_Rsym_value              ? 
_reflns.pdbx_netI_over_sigmaI        6.60 
_reflns.B_iso_Wilson_estimate        ? 
_reflns.pdbx_redundancy              6.9 
# 
_reflns_shell.pdbx_diffrn_id         1 
_reflns_shell.pdbx_ordinal           1 
_reflns_shell.d_res_high             2.40 
_reflns_shell.d_res_low              2.46 
_reflns_shell.percent_possible_all   ? 
_reflns_shell.Rmerge_I_obs           ? 
_reflns_shell.pdbx_Rsym_value        ? 
_reflns_shell.meanI_over_sigI_obs    ? 
_reflns_shell.pdbx_redundancy        7.2 
# 
_refine.pdbx_refine_id                           'X-RAY DIFFRACTION' 
_refine.entry_id                                 2XYA 
_refine.pdbx_diffrn_id                           1 
_refine.pdbx_TLS_residual_ADP_flag               ? 
_refine.ls_number_reflns_obs                     11202 
_refine.ls_number_reflns_all                     ? 
_refine.pdbx_ls_sigma_I                          ? 
_refine.pdbx_ls_sigma_F                          . 
_refine.pdbx_data_cutoff_high_absF               ? 
_refine.pdbx_data_cutoff_low_absF                ? 
_refine.pdbx_data_cutoff_high_rms_absF           ? 
_refine.ls_d_res_low                             89.09 
_refine.ls_d_res_high                            2.40 
_refine.ls_percent_reflns_obs                    96.36 
_refine.ls_R_factor_obs                          0.22987 
_refine.ls_R_factor_all                          ? 
_refine.ls_R_factor_R_work                       0.22719 
_refine.ls_R_factor_R_free                       0.28850 
_refine.ls_R_factor_R_free_error                 ? 
_refine.ls_R_factor_R_free_error_details         ? 
_refine.ls_percent_reflns_R_free                 4.8 
_refine.ls_number_reflns_R_free                  563 
_refine.ls_number_parameters                     ? 
_refine.ls_number_restraints                     ? 
_refine.occupancy_min                            ? 
_refine.occupancy_max                            ? 
_refine.correlation_coeff_Fo_to_Fc               0.927 
_refine.correlation_coeff_Fo_to_Fc_free          0.875 
_refine.B_iso_mean                               47.270 
_refine.aniso_B[1][1]                            -1.43 
_refine.aniso_B[2][2]                            -1.43 
_refine.aniso_B[3][3]                            2.86 
_refine.aniso_B[1][2]                            0.00 
_refine.aniso_B[1][3]                            0.00 
_refine.aniso_B[2][3]                            0.00 
_refine.solvent_model_details                    'BABINET MODEL WITH MASK' 
_refine.solvent_model_param_ksol                 ? 
_refine.solvent_model_param_bsol                 ? 
_refine.pdbx_solvent_vdw_probe_radii             1.40 
_refine.pdbx_solvent_ion_probe_radii             0.80 
_refine.pdbx_solvent_shrinkage_radii             0.80 
_refine.pdbx_ls_cross_valid_method               THROUGHOUT 
_refine.details                                  'HYDROGENS HAVE BEEN ADDED IN THE RIDING POSITIONS.' 
_refine.pdbx_starting_model                      NONE 
_refine.pdbx_method_to_determine_struct          OTHER 
_refine.pdbx_isotropic_thermal_model             ? 
_refine.pdbx_stereochemistry_target_values       'MAXIMUM LIKELIHOOD' 
_refine.pdbx_stereochem_target_val_spec_case     ? 
_refine.pdbx_R_Free_selection_details            RANDOM 
_refine.pdbx_overall_ESU_R                       0.293 
_refine.pdbx_overall_ESU_R_Free                  0.257 
_refine.overall_SU_ML                            0.175 
_refine.pdbx_overall_phase_error                 ? 
_refine.overall_SU_B                             7.376 
_refine.overall_SU_R_Cruickshank_DPI             ? 
_refine.pdbx_overall_SU_R_free_Cruickshank_DPI   ? 
_refine.pdbx_overall_SU_R_Blow_DPI               ? 
_refine.pdbx_overall_SU_R_free_Blow_DPI          ? 
# 
_refine_hist.pdbx_refine_id                   'X-RAY DIFFRACTION' 
_refine_hist.cycle_id                         LAST 
_refine_hist.pdbx_number_atoms_protein        1415 
_refine_hist.pdbx_number_atoms_nucleic_acid   0 
_refine_hist.pdbx_number_atoms_ligand         17 
_refine_hist.number_atoms_solvent             30 
_refine_hist.number_atoms_total               1462 
_refine_hist.d_res_high                       2.40 
_refine_hist.d_res_low                        89.09 
# 
loop_
_refine_ls_restr.type 
_refine_ls_restr.dev_ideal 
_refine_ls_restr.dev_ideal_target 
_refine_ls_restr.weight 
_refine_ls_restr.number 
_refine_ls_restr.pdbx_refine_id 
_refine_ls_restr.pdbx_restraint_function 
r_bond_refined_d             0.014  0.022  ? 1461 'X-RAY DIFFRACTION' ? 
r_bond_other_d               ?      ?      ? ?    'X-RAY DIFFRACTION' ? 
r_angle_refined_deg          2.158  1.987  ? 1978 'X-RAY DIFFRACTION' ? 
r_angle_other_deg            ?      ?      ? ?    'X-RAY DIFFRACTION' ? 
r_dihedral_angle_1_deg       4.865  5.000  ? 181  'X-RAY DIFFRACTION' ? 
r_dihedral_angle_2_deg       35.837 24.545 ? 66   'X-RAY DIFFRACTION' ? 
r_dihedral_angle_3_deg       13.303 15.000 ? 246  'X-RAY DIFFRACTION' ? 
r_dihedral_angle_4_deg       16.305 15.000 ? 8    'X-RAY DIFFRACTION' ? 
r_chiral_restr               0.129  0.200  ? 216  'X-RAY DIFFRACTION' ? 
r_gen_planes_refined         0.007  0.020  ? 1125 'X-RAY DIFFRACTION' ? 
r_gen_planes_other           ?      ?      ? ?    'X-RAY DIFFRACTION' ? 
r_nbd_refined                0.216  0.200  ? 575  'X-RAY DIFFRACTION' ? 
r_nbd_other                  ?      ?      ? ?    'X-RAY DIFFRACTION' ? 
r_nbtor_refined              0.315  0.200  ? 992  'X-RAY DIFFRACTION' ? 
r_nbtor_other                ?      ?      ? ?    'X-RAY DIFFRACTION' ? 
r_xyhbond_nbd_refined        0.134  0.200  ? 62   'X-RAY DIFFRACTION' ? 
r_xyhbond_nbd_other          ?      ?      ? ?    'X-RAY DIFFRACTION' ? 
r_metal_ion_refined          ?      ?      ? ?    'X-RAY DIFFRACTION' ? 
r_metal_ion_other            ?      ?      ? ?    'X-RAY DIFFRACTION' ? 
r_symmetry_vdw_refined       0.145  0.200  ? 21   'X-RAY DIFFRACTION' ? 
r_symmetry_vdw_other         ?      ?      ? ?    'X-RAY DIFFRACTION' ? 
r_symmetry_hbond_refined     0.112  0.200  ? 5    'X-RAY DIFFRACTION' ? 
r_symmetry_hbond_other       ?      ?      ? ?    'X-RAY DIFFRACTION' ? 
r_symmetry_metal_ion_refined ?      ?      ? ?    'X-RAY DIFFRACTION' ? 
r_symmetry_metal_ion_other   ?      ?      ? ?    'X-RAY DIFFRACTION' ? 
r_mcbond_it                  0.972  1.500  ? 919  'X-RAY DIFFRACTION' ? 
r_mcbond_other               ?      ?      ? ?    'X-RAY DIFFRACTION' ? 
r_mcangle_it                 1.706  2.000  ? 1450 'X-RAY DIFFRACTION' ? 
r_mcangle_other              ?      ?      ? ?    'X-RAY DIFFRACTION' ? 
r_scbond_it                  2.301  3.000  ? 627  'X-RAY DIFFRACTION' ? 
r_scbond_other               ?      ?      ? ?    'X-RAY DIFFRACTION' ? 
r_scangle_it                 3.459  4.500  ? 528  'X-RAY DIFFRACTION' ? 
r_scangle_other              ?      ?      ? ?    'X-RAY DIFFRACTION' ? 
r_long_range_B_refined       ?      ?      ? ?    'X-RAY DIFFRACTION' ? 
r_long_range_B_other         ?      ?      ? ?    'X-RAY DIFFRACTION' ? 
r_rigid_bond_restr           ?      ?      ? ?    'X-RAY DIFFRACTION' ? 
r_sphericity_free            ?      ?      ? ?    'X-RAY DIFFRACTION' ? 
r_sphericity_bonded          ?      ?      ? ?    'X-RAY DIFFRACTION' ? 
# 
_refine_ls_shell.pdbx_refine_id                   'X-RAY DIFFRACTION' 
_refine_ls_shell.pdbx_total_number_of_bins_used   20 
_refine_ls_shell.d_res_high                       2.400 
_refine_ls_shell.d_res_low                        2.462 
_refine_ls_shell.number_reflns_R_work             748 
_refine_ls_shell.R_factor_R_work                  0.269 
_refine_ls_shell.percent_reflns_obs               89.94 
_refine_ls_shell.R_factor_R_free                  0.458 
_refine_ls_shell.R_factor_R_free_error            ? 
_refine_ls_shell.percent_reflns_R_free            ? 
_refine_ls_shell.number_reflns_R_free             39 
_refine_ls_shell.number_reflns_all                ? 
_refine_ls_shell.R_factor_all                     ? 
# 
_struct.entry_id                  2XYA 
_struct.title                     'Non-covalent inhibtors of rhinovirus 3C protease.' 
_struct.pdbx_model_details        ? 
_struct.pdbx_CASP_flag            ? 
_struct.pdbx_model_type_details   ? 
# 
_struct_keywords.entry_id        2XYA 
_struct_keywords.pdbx_keywords   HYDROLASE 
_struct_keywords.text            'HYDROLASE, CYSTEINE PROTEASE' 
# 
loop_
_struct_asym.id 
_struct_asym.pdbx_blank_PDB_chainid_flag 
_struct_asym.pdbx_modified 
_struct_asym.entity_id 
_struct_asym.details 
A N N 1 ? 
B N N 2 ? 
C N N 3 ? 
# 
_struct_ref.id                         1 
_struct_ref.db_name                    UNP 
_struct_ref.db_code                    POLG_HRV2 
_struct_ref.entity_id                  1 
_struct_ref.pdbx_seq_one_letter_code   ? 
_struct_ref.pdbx_align_begin           ? 
_struct_ref.pdbx_db_accession          P04936 
_struct_ref.pdbx_db_isoform            ? 
# 
_struct_ref_seq.align_id                      1 
_struct_ref_seq.ref_id                        1 
_struct_ref_seq.pdbx_PDB_id_code              2XYA 
_struct_ref_seq.pdbx_strand_id                A 
_struct_ref_seq.seq_align_beg                 3 
_struct_ref_seq.pdbx_seq_align_beg_ins_code   ? 
_struct_ref_seq.seq_align_end                 182 
_struct_ref_seq.pdbx_seq_align_end_ins_code   ? 
_struct_ref_seq.pdbx_db_accession             P04936 
_struct_ref_seq.db_align_beg                  1508 
_struct_ref_seq.pdbx_db_align_beg_ins_code    ? 
_struct_ref_seq.db_align_end                  1687 
_struct_ref_seq.pdbx_db_align_end_ins_code    ? 
_struct_ref_seq.pdbx_auth_seq_align_beg       1 
_struct_ref_seq.pdbx_auth_seq_align_end       180 
# 
loop_
_struct_ref_seq_dif.align_id 
_struct_ref_seq_dif.pdbx_pdb_id_code 
_struct_ref_seq_dif.mon_id 
_struct_ref_seq_dif.pdbx_pdb_strand_id 
_struct_ref_seq_dif.seq_num 
_struct_ref_seq_dif.pdbx_pdb_ins_code 
_struct_ref_seq_dif.pdbx_seq_db_name 
_struct_ref_seq_dif.pdbx_seq_db_accession_code 
_struct_ref_seq_dif.db_mon_id 
_struct_ref_seq_dif.pdbx_seq_db_seq_num 
_struct_ref_seq_dif.details 
_struct_ref_seq_dif.pdbx_auth_seq_num 
_struct_ref_seq_dif.pdbx_ordinal 
1 2XYA GLY A 1 ? UNP P04936 ? ? 'expression tag' -1 1 
1 2XYA SER A 2 ? UNP P04936 ? ? 'expression tag' 0  2 
# 
_pdbx_struct_assembly.id                   1 
_pdbx_struct_assembly.details              author_and_software_defined_assembly 
_pdbx_struct_assembly.method_details       PISA 
_pdbx_struct_assembly.oligomeric_details   monomeric 
_pdbx_struct_assembly.oligomeric_count     1 
# 
_pdbx_struct_assembly_gen.assembly_id       1 
_pdbx_struct_assembly_gen.oper_expression   1 
_pdbx_struct_assembly_gen.asym_id_list      A,B,C 
# 
_pdbx_struct_oper_list.id                   1 
_pdbx_struct_oper_list.type                 'identity operation' 
_pdbx_struct_oper_list.name                 1_555 
_pdbx_struct_oper_list.symmetry_operation   x,y,z 
_pdbx_struct_oper_list.matrix[1][1]         1.0000000000 
_pdbx_struct_oper_list.matrix[1][2]         0.0000000000 
_pdbx_struct_oper_list.matrix[1][3]         0.0000000000 
_pdbx_struct_oper_list.vector[1]            0.0000000000 
_pdbx_struct_oper_list.matrix[2][1]         0.0000000000 
_pdbx_struct_oper_list.matrix[2][2]         1.0000000000 
_pdbx_struct_oper_list.matrix[2][3]         0.0000000000 
_pdbx_struct_oper_list.vector[2]            0.0000000000 
_pdbx_struct_oper_list.matrix[3][1]         0.0000000000 
_pdbx_struct_oper_list.matrix[3][2]         0.0000000000 
_pdbx_struct_oper_list.matrix[3][3]         1.0000000000 
_pdbx_struct_oper_list.vector[3]            0.0000000000 
# 
_struct_biol.id   1 
# 
loop_
_struct_conf.conf_type_id 
_struct_conf.id 
_struct_conf.pdbx_PDB_helix_id 
_struct_conf.beg_label_comp_id 
_struct_conf.beg_label_asym_id 
_struct_conf.beg_label_seq_id 
_struct_conf.pdbx_beg_PDB_ins_code 
_struct_conf.end_label_comp_id 
_struct_conf.end_label_asym_id 
_struct_conf.end_label_seq_id 
_struct_conf.pdbx_end_PDB_ins_code 
_struct_conf.beg_auth_comp_id 
_struct_conf.beg_auth_asym_id 
_struct_conf.beg_auth_seq_id 
_struct_conf.end_auth_comp_id 
_struct_conf.end_auth_asym_id 
_struct_conf.end_auth_seq_id 
_struct_conf.pdbx_PDB_helix_class 
_struct_conf.details 
_struct_conf.pdbx_PDB_helix_length 
HELX_P HELX_P1 1 GLY A 3   ? ASN A 16  ? GLY A 1   ASN A 14  1 ? 14 
HELX_P HELX_P2 2 HIS A 42  ? ASP A 44  ? HIS A 40  ASP A 42  5 ? 3  
HELX_P HELX_P3 3 ILE A 88  ? ILE A 92  ? ILE A 86  ILE A 90  5 ? 5  
HELX_P HELX_P4 4 LYS A 145 ? CYS A 149 ? LYS A 143 CYS A 147 5 ? 5  
HELX_P HELX_P5 5 LEU A 177 ? PHE A 181 ? LEU A 175 PHE A 179 5 ? 5  
# 
_struct_conf_type.id          HELX_P 
_struct_conf_type.criteria    ? 
_struct_conf_type.reference   ? 
# 
loop_
_struct_mon_prot_cis.pdbx_id 
_struct_mon_prot_cis.label_comp_id 
_struct_mon_prot_cis.label_seq_id 
_struct_mon_prot_cis.label_asym_id 
_struct_mon_prot_cis.label_alt_id 
_struct_mon_prot_cis.pdbx_PDB_ins_code 
_struct_mon_prot_cis.auth_comp_id 
_struct_mon_prot_cis.auth_seq_id 
_struct_mon_prot_cis.auth_asym_id 
_struct_mon_prot_cis.pdbx_label_comp_id_2 
_struct_mon_prot_cis.pdbx_label_seq_id_2 
_struct_mon_prot_cis.pdbx_label_asym_id_2 
_struct_mon_prot_cis.pdbx_PDB_ins_code_2 
_struct_mon_prot_cis.pdbx_auth_comp_id_2 
_struct_mon_prot_cis.pdbx_auth_seq_id_2 
_struct_mon_prot_cis.pdbx_auth_asym_id_2 
_struct_mon_prot_cis.pdbx_PDB_model_num 
_struct_mon_prot_cis.pdbx_omega_angle 
1 GLY 1  A . ? GLY -1 A SER 2  A ? SER 0  A 1 -2.55 
2 SER 2  A . ? SER 0  A GLY 3  A ? GLY 1  A 1 3.99  
3 ASN 82 A . ? ASN 80 A GLU 83 A ? GLU 81 A 1 -3.41 
# 
loop_
_struct_sheet.id 
_struct_sheet.type 
_struct_sheet.number_strands 
_struct_sheet.details 
AA ? 7 ? 
AB ? 7 ? 
# 
loop_
_struct_sheet_order.sheet_id 
_struct_sheet_order.range_id_1 
_struct_sheet_order.range_id_2 
_struct_sheet_order.offset 
_struct_sheet_order.sense 
AA 1 2 ? anti-parallel 
AA 2 3 ? anti-parallel 
AA 3 4 ? anti-parallel 
AA 4 5 ? anti-parallel 
AA 5 6 ? anti-parallel 
AA 6 7 ? anti-parallel 
AB 1 2 ? anti-parallel 
AB 2 3 ? anti-parallel 
AB 3 4 ? anti-parallel 
AB 4 5 ? anti-parallel 
AB 5 6 ? anti-parallel 
AB 6 7 ? anti-parallel 
# 
loop_
_struct_sheet_range.sheet_id 
_struct_sheet_range.id 
_struct_sheet_range.beg_label_comp_id 
_struct_sheet_range.beg_label_asym_id 
_struct_sheet_range.beg_label_seq_id 
_struct_sheet_range.pdbx_beg_PDB_ins_code 
_struct_sheet_range.end_label_comp_id 
_struct_sheet_range.end_label_asym_id 
_struct_sheet_range.end_label_seq_id 
_struct_sheet_range.pdbx_end_PDB_ins_code 
_struct_sheet_range.beg_auth_comp_id 
_struct_sheet_range.beg_auth_asym_id 
_struct_sheet_range.beg_auth_seq_id 
_struct_sheet_range.end_auth_comp_id 
_struct_sheet_range.end_auth_asym_id 
_struct_sheet_range.end_auth_seq_id 
AA 1 ILE A 54  ? LYS A 57  ? ILE A 52  LYS A 55  
AA 2 GLU A 48  ? VAL A 51  ? GLU A 46  VAL A 49  
AA 3 SER A 17  ? THR A 22  ? SER A 15  THR A 20  
AA 4 GLY A 25  ? TYR A 33  ? GLY A 23  TYR A 31  
AA 5 PHE A 36  ? PRO A 40  ? PHE A 34  PRO A 38  
AA 6 LYS A 71  ? LYS A 78  ? LYS A 69  LYS A 76  
AA 7 SER A 61  ? TYR A 65  ? SER A 59  TYR A 63  
AB 1 TYR A 99  ? LEU A 106 ? TYR A 97  LEU A 104 
AB 2 THR A 114 ? GLY A 125 ? THR A 112 GLY A 123 
AB 3 ARG A 136 ? SER A 141 ? ARG A 134 SER A 139 
AB 4 ASP A 170 ? MET A 175 ? ASP A 168 MET A 173 
AB 5 GLN A 158 ? GLY A 166 ? GLN A 156 GLY A 164 
AB 6 VAL A 152 ? LYS A 155 ? VAL A 150 LYS A 153 
AB 7 TYR A 99  ? LEU A 106 ? TYR A 97  LEU A 104 
# 
loop_
_pdbx_struct_sheet_hbond.sheet_id 
_pdbx_struct_sheet_hbond.range_id_1 
_pdbx_struct_sheet_hbond.range_id_2 
_pdbx_struct_sheet_hbond.range_1_label_atom_id 
_pdbx_struct_sheet_hbond.range_1_label_comp_id 
_pdbx_struct_sheet_hbond.range_1_label_asym_id 
_pdbx_struct_sheet_hbond.range_1_label_seq_id 
_pdbx_struct_sheet_hbond.range_1_PDB_ins_code 
_pdbx_struct_sheet_hbond.range_1_auth_atom_id 
_pdbx_struct_sheet_hbond.range_1_auth_comp_id 
_pdbx_struct_sheet_hbond.range_1_auth_asym_id 
_pdbx_struct_sheet_hbond.range_1_auth_seq_id 
_pdbx_struct_sheet_hbond.range_2_label_atom_id 
_pdbx_struct_sheet_hbond.range_2_label_comp_id 
_pdbx_struct_sheet_hbond.range_2_label_asym_id 
_pdbx_struct_sheet_hbond.range_2_label_seq_id 
_pdbx_struct_sheet_hbond.range_2_PDB_ins_code 
_pdbx_struct_sheet_hbond.range_2_auth_atom_id 
_pdbx_struct_sheet_hbond.range_2_auth_comp_id 
_pdbx_struct_sheet_hbond.range_2_auth_asym_id 
_pdbx_struct_sheet_hbond.range_2_auth_seq_id 
AA 1 2 N THR A 56  ? N THR A 54  O ILE A 49  ? O ILE A 47  
AA 2 3 N GLN A 50  ? N GLN A 48  O THR A 21  ? O THR A 19  
AA 3 4 N THR A 22  ? N THR A 20  O GLY A 25  ? O GLY A 23  
AA 4 5 N VAL A 32  ? N VAL A 30  O PHE A 36  ? O PHE A 34  
AA 5 6 N VAL A 39  ? N VAL A 37  O THR A 75  ? O THR A 73  
AA 6 7 N VAL A 76  ? N VAL A 74  O TYR A 62  ? O TYR A 60  
AB 1 2 N LEU A 106 ? N LEU A 104 O THR A 114 ? O THR A 112 
AB 2 3 N TYR A 124 ? N TYR A 122 O MET A 137 ? O MET A 135 
AB 3 4 N TYR A 140 ? N TYR A 138 O GLY A 171 ? O GLY A 169 
AB 4 5 N ALA A 174 ? N ALA A 172 O ILE A 162 ? O ILE A 160 
AB 5 6 N LEU A 160 ? N LEU A 158 O LEU A 153 ? O LEU A 151 
AB 6 7 N TYR A 154 ? N TYR A 152 O ASN A 103 ? O ASN A 101 
# 
_struct_site.id                   AC1 
_struct_site.pdbx_evidence_code   Software 
_struct_site.pdbx_auth_asym_id    A 
_struct_site.pdbx_auth_comp_id    7L4 
_struct_site.pdbx_auth_seq_id     1181 
_struct_site.pdbx_auth_ins_code   ? 
_struct_site.pdbx_num_residues    13 
_struct_site.details              'BINDING SITE FOR RESIDUE 7L4 A 1181' 
# 
loop_
_struct_site_gen.id 
_struct_site_gen.site_id 
_struct_site_gen.pdbx_num_res 
_struct_site_gen.label_comp_id 
_struct_site_gen.label_asym_id 
_struct_site_gen.label_seq_id 
_struct_site_gen.pdbx_auth_ins_code 
_struct_site_gen.auth_comp_id 
_struct_site_gen.auth_asym_id 
_struct_site_gen.auth_seq_id 
_struct_site_gen.label_atom_id 
_struct_site_gen.label_alt_id 
_struct_site_gen.symmetry 
_struct_site_gen.details 
1  AC1 13 LEU A 128 ? LEU A 126 . ? 6_555 ? 
2  AC1 13 LEU A 129 ? LEU A 127 . ? 6_555 ? 
3  AC1 13 SER A 130 ? SER A 128 . ? 6_555 ? 
4  AC1 13 GLY A 131 ? GLY A 129 . ? 6_555 ? 
5  AC1 13 THR A 134 ? THR A 132 . ? 6_555 ? 
6  AC1 13 THR A 144 ? THR A 142 . ? 1_555 ? 
7  AC1 13 LYS A 145 ? LYS A 143 . ? 1_555 ? 
8  AC1 13 SER A 146 ? SER A 144 . ? 1_555 ? 
9  AC1 13 HIS A 163 ? HIS A 161 . ? 1_555 ? 
10 AC1 13 VAL A 164 ? VAL A 162 . ? 1_555 ? 
11 AC1 13 GLY A 165 ? GLY A 163 . ? 1_555 ? 
12 AC1 13 GLY A 166 ? GLY A 164 . ? 1_555 ? 
13 AC1 13 GLY A 168 ? GLY A 166 . ? 1_555 ? 
# 
loop_
_pdbx_validate_torsion.id 
_pdbx_validate_torsion.PDB_model_num 
_pdbx_validate_torsion.auth_comp_id 
_pdbx_validate_torsion.auth_asym_id 
_pdbx_validate_torsion.auth_seq_id 
_pdbx_validate_torsion.PDB_ins_code 
_pdbx_validate_torsion.label_alt_id 
_pdbx_validate_torsion.phi 
_pdbx_validate_torsion.psi 
1 1 ASP A 32  ? ? 50.83   -124.75 
2 1 ASP A 42  ? ? 48.68   70.24   
3 1 GLU A 71  ? ? 89.89   15.22   
4 1 GLU A 81  ? ? 123.89  150.09  
5 1 ASN A 99  ? ? 46.42   72.73   
6 1 LEU A 105 ? ? -125.72 -54.89  
# 
_pdbx_struct_special_symmetry.id              1 
_pdbx_struct_special_symmetry.PDB_model_num   1 
_pdbx_struct_special_symmetry.auth_asym_id    A 
_pdbx_struct_special_symmetry.auth_comp_id    HOH 
_pdbx_struct_special_symmetry.auth_seq_id     2006 
_pdbx_struct_special_symmetry.PDB_ins_code    ? 
_pdbx_struct_special_symmetry.label_asym_id   C 
_pdbx_struct_special_symmetry.label_comp_id   HOH 
_pdbx_struct_special_symmetry.label_seq_id    . 
# 
_pdbx_database_remark.id     700 
_pdbx_database_remark.text   
;
SHEET
DETERMINATION METHOD: DSSP
THE SHEETS PRESENTED AS "AB" IN EACH CHAIN ON SHEET RECORDS
BELOW IS ACTUALLY AN  6-STRANDED BARREL THIS IS REPRESENTED BY
A  7-STRANDED SHEET IN WHICH THE FIRST AND LAST STRANDS
ARE IDENTICAL.
;
# 
loop_
_chem_comp_atom.comp_id 
_chem_comp_atom.atom_id 
_chem_comp_atom.type_symbol 
_chem_comp_atom.pdbx_aromatic_flag 
_chem_comp_atom.pdbx_stereo_config 
_chem_comp_atom.pdbx_ordinal 
7L4 C1   C Y N 1   
7L4 C2   C Y N 2   
7L4 C3   C Y N 3   
7L4 C4   C Y N 4   
7L4 C5   C Y N 5   
7L4 C6   C Y N 6   
7L4 C7   C Y N 7   
7L4 C8   C Y N 8   
7L4 C9   C Y N 9   
7L4 C10  C Y N 10  
7L4 C11  C Y N 11  
7L4 C12  C Y N 12  
7L4 C13  C Y N 13  
7L4 C14  C Y N 14  
7L4 C15  C Y N 15  
7L4 N16  N Y N 16  
7L4 O17  O N N 17  
7L4 H1   H N N 18  
7L4 H2   H N N 19  
7L4 H6   H N N 20  
7L4 H3   H N N 21  
7L4 H5   H N N 22  
7L4 H8   H N N 23  
7L4 H17  H N N 24  
7L4 H11  H N N 25  
7L4 H12  H N N 26  
7L4 H13  H N N 27  
7L4 H14  H N N 28  
ALA N    N N N 29  
ALA CA   C N S 30  
ALA C    C N N 31  
ALA O    O N N 32  
ALA CB   C N N 33  
ALA OXT  O N N 34  
ALA H    H N N 35  
ALA H2   H N N 36  
ALA HA   H N N 37  
ALA HB1  H N N 38  
ALA HB2  H N N 39  
ALA HB3  H N N 40  
ALA HXT  H N N 41  
ARG N    N N N 42  
ARG CA   C N S 43  
ARG C    C N N 44  
ARG O    O N N 45  
ARG CB   C N N 46  
ARG CG   C N N 47  
ARG CD   C N N 48  
ARG NE   N N N 49  
ARG CZ   C N N 50  
ARG NH1  N N N 51  
ARG NH2  N N N 52  
ARG OXT  O N N 53  
ARG H    H N N 54  
ARG H2   H N N 55  
ARG HA   H N N 56  
ARG HB2  H N N 57  
ARG HB3  H N N 58  
ARG HG2  H N N 59  
ARG HG3  H N N 60  
ARG HD2  H N N 61  
ARG HD3  H N N 62  
ARG HE   H N N 63  
ARG HH11 H N N 64  
ARG HH12 H N N 65  
ARG HH21 H N N 66  
ARG HH22 H N N 67  
ARG HXT  H N N 68  
ASN N    N N N 69  
ASN CA   C N S 70  
ASN C    C N N 71  
ASN O    O N N 72  
ASN CB   C N N 73  
ASN CG   C N N 74  
ASN OD1  O N N 75  
ASN ND2  N N N 76  
ASN OXT  O N N 77  
ASN H    H N N 78  
ASN H2   H N N 79  
ASN HA   H N N 80  
ASN HB2  H N N 81  
ASN HB3  H N N 82  
ASN HD21 H N N 83  
ASN HD22 H N N 84  
ASN HXT  H N N 85  
ASP N    N N N 86  
ASP CA   C N S 87  
ASP C    C N N 88  
ASP O    O N N 89  
ASP CB   C N N 90  
ASP CG   C N N 91  
ASP OD1  O N N 92  
ASP OD2  O N N 93  
ASP OXT  O N N 94  
ASP H    H N N 95  
ASP H2   H N N 96  
ASP HA   H N N 97  
ASP HB2  H N N 98  
ASP HB3  H N N 99  
ASP HD2  H N N 100 
ASP HXT  H N N 101 
CYS N    N N N 102 
CYS CA   C N R 103 
CYS C    C N N 104 
CYS O    O N N 105 
CYS CB   C N N 106 
CYS SG   S N N 107 
CYS OXT  O N N 108 
CYS H    H N N 109 
CYS H2   H N N 110 
CYS HA   H N N 111 
CYS HB2  H N N 112 
CYS HB3  H N N 113 
CYS HG   H N N 114 
CYS HXT  H N N 115 
GLN N    N N N 116 
GLN CA   C N S 117 
GLN C    C N N 118 
GLN O    O N N 119 
GLN CB   C N N 120 
GLN CG   C N N 121 
GLN CD   C N N 122 
GLN OE1  O N N 123 
GLN NE2  N N N 124 
GLN OXT  O N N 125 
GLN H    H N N 126 
GLN H2   H N N 127 
GLN HA   H N N 128 
GLN HB2  H N N 129 
GLN HB3  H N N 130 
GLN HG2  H N N 131 
GLN HG3  H N N 132 
GLN HE21 H N N 133 
GLN HE22 H N N 134 
GLN HXT  H N N 135 
GLU N    N N N 136 
GLU CA   C N S 137 
GLU C    C N N 138 
GLU O    O N N 139 
GLU CB   C N N 140 
GLU CG   C N N 141 
GLU CD   C N N 142 
GLU OE1  O N N 143 
GLU OE2  O N N 144 
GLU OXT  O N N 145 
GLU H    H N N 146 
GLU H2   H N N 147 
GLU HA   H N N 148 
GLU HB2  H N N 149 
GLU HB3  H N N 150 
GLU HG2  H N N 151 
GLU HG3  H N N 152 
GLU HE2  H N N 153 
GLU HXT  H N N 154 
GLY N    N N N 155 
GLY CA   C N N 156 
GLY C    C N N 157 
GLY O    O N N 158 
GLY OXT  O N N 159 
GLY H    H N N 160 
GLY H2   H N N 161 
GLY HA2  H N N 162 
GLY HA3  H N N 163 
GLY HXT  H N N 164 
HIS N    N N N 165 
HIS CA   C N S 166 
HIS C    C N N 167 
HIS O    O N N 168 
HIS CB   C N N 169 
HIS CG   C Y N 170 
HIS ND1  N Y N 171 
HIS CD2  C Y N 172 
HIS CE1  C Y N 173 
HIS NE2  N Y N 174 
HIS OXT  O N N 175 
HIS H    H N N 176 
HIS H2   H N N 177 
HIS HA   H N N 178 
HIS HB2  H N N 179 
HIS HB3  H N N 180 
HIS HD1  H N N 181 
HIS HD2  H N N 182 
HIS HE1  H N N 183 
HIS HE2  H N N 184 
HIS HXT  H N N 185 
HOH O    O N N 186 
HOH H1   H N N 187 
HOH H2   H N N 188 
ILE N    N N N 189 
ILE CA   C N S 190 
ILE C    C N N 191 
ILE O    O N N 192 
ILE CB   C N S 193 
ILE CG1  C N N 194 
ILE CG2  C N N 195 
ILE CD1  C N N 196 
ILE OXT  O N N 197 
ILE H    H N N 198 
ILE H2   H N N 199 
ILE HA   H N N 200 
ILE HB   H N N 201 
ILE HG12 H N N 202 
ILE HG13 H N N 203 
ILE HG21 H N N 204 
ILE HG22 H N N 205 
ILE HG23 H N N 206 
ILE HD11 H N N 207 
ILE HD12 H N N 208 
ILE HD13 H N N 209 
ILE HXT  H N N 210 
LEU N    N N N 211 
LEU CA   C N S 212 
LEU C    C N N 213 
LEU O    O N N 214 
LEU CB   C N N 215 
LEU CG   C N N 216 
LEU CD1  C N N 217 
LEU CD2  C N N 218 
LEU OXT  O N N 219 
LEU H    H N N 220 
LEU H2   H N N 221 
LEU HA   H N N 222 
LEU HB2  H N N 223 
LEU HB3  H N N 224 
LEU HG   H N N 225 
LEU HD11 H N N 226 
LEU HD12 H N N 227 
LEU HD13 H N N 228 
LEU HD21 H N N 229 
LEU HD22 H N N 230 
LEU HD23 H N N 231 
LEU HXT  H N N 232 
LYS N    N N N 233 
LYS CA   C N S 234 
LYS C    C N N 235 
LYS O    O N N 236 
LYS CB   C N N 237 
LYS CG   C N N 238 
LYS CD   C N N 239 
LYS CE   C N N 240 
LYS NZ   N N N 241 
LYS OXT  O N N 242 
LYS H    H N N 243 
LYS H2   H N N 244 
LYS HA   H N N 245 
LYS HB2  H N N 246 
LYS HB3  H N N 247 
LYS HG2  H N N 248 
LYS HG3  H N N 249 
LYS HD2  H N N 250 
LYS HD3  H N N 251 
LYS HE2  H N N 252 
LYS HE3  H N N 253 
LYS HZ1  H N N 254 
LYS HZ2  H N N 255 
LYS HZ3  H N N 256 
LYS HXT  H N N 257 
MET N    N N N 258 
MET CA   C N S 259 
MET C    C N N 260 
MET O    O N N 261 
MET CB   C N N 262 
MET CG   C N N 263 
MET SD   S N N 264 
MET CE   C N N 265 
MET OXT  O N N 266 
MET H    H N N 267 
MET H2   H N N 268 
MET HA   H N N 269 
MET HB2  H N N 270 
MET HB3  H N N 271 
MET HG2  H N N 272 
MET HG3  H N N 273 
MET HE1  H N N 274 
MET HE2  H N N 275 
MET HE3  H N N 276 
MET HXT  H N N 277 
PHE N    N N N 278 
PHE CA   C N S 279 
PHE C    C N N 280 
PHE O    O N N 281 
PHE CB   C N N 282 
PHE CG   C Y N 283 
PHE CD1  C Y N 284 
PHE CD2  C Y N 285 
PHE CE1  C Y N 286 
PHE CE2  C Y N 287 
PHE CZ   C Y N 288 
PHE OXT  O N N 289 
PHE H    H N N 290 
PHE H2   H N N 291 
PHE HA   H N N 292 
PHE HB2  H N N 293 
PHE HB3  H N N 294 
PHE HD1  H N N 295 
PHE HD2  H N N 296 
PHE HE1  H N N 297 
PHE HE2  H N N 298 
PHE HZ   H N N 299 
PHE HXT  H N N 300 
PRO N    N N N 301 
PRO CA   C N S 302 
PRO C    C N N 303 
PRO O    O N N 304 
PRO CB   C N N 305 
PRO CG   C N N 306 
PRO CD   C N N 307 
PRO OXT  O N N 308 
PRO H    H N N 309 
PRO HA   H N N 310 
PRO HB2  H N N 311 
PRO HB3  H N N 312 
PRO HG2  H N N 313 
PRO HG3  H N N 314 
PRO HD2  H N N 315 
PRO HD3  H N N 316 
PRO HXT  H N N 317 
SER N    N N N 318 
SER CA   C N S 319 
SER C    C N N 320 
SER O    O N N 321 
SER CB   C N N 322 
SER OG   O N N 323 
SER OXT  O N N 324 
SER H    H N N 325 
SER H2   H N N 326 
SER HA   H N N 327 
SER HB2  H N N 328 
SER HB3  H N N 329 
SER HG   H N N 330 
SER HXT  H N N 331 
THR N    N N N 332 
THR CA   C N S 333 
THR C    C N N 334 
THR O    O N N 335 
THR CB   C N R 336 
THR OG1  O N N 337 
THR CG2  C N N 338 
THR OXT  O N N 339 
THR H    H N N 340 
THR H2   H N N 341 
THR HA   H N N 342 
THR HB   H N N 343 
THR HG1  H N N 344 
THR HG21 H N N 345 
THR HG22 H N N 346 
THR HG23 H N N 347 
THR HXT  H N N 348 
TYR N    N N N 349 
TYR CA   C N S 350 
TYR C    C N N 351 
TYR O    O N N 352 
TYR CB   C N N 353 
TYR CG   C Y N 354 
TYR CD1  C Y N 355 
TYR CD2  C Y N 356 
TYR CE1  C Y N 357 
TYR CE2  C Y N 358 
TYR CZ   C Y N 359 
TYR OH   O N N 360 
TYR OXT  O N N 361 
TYR H    H N N 362 
TYR H2   H N N 363 
TYR HA   H N N 364 
TYR HB2  H N N 365 
TYR HB3  H N N 366 
TYR HD1  H N N 367 
TYR HD2  H N N 368 
TYR HE1  H N N 369 
TYR HE2  H N N 370 
TYR HH   H N N 371 
TYR HXT  H N N 372 
VAL N    N N N 373 
VAL CA   C N S 374 
VAL C    C N N 375 
VAL O    O N N 376 
VAL CB   C N N 377 
VAL CG1  C N N 378 
VAL CG2  C N N 379 
VAL OXT  O N N 380 
VAL H    H N N 381 
VAL H2   H N N 382 
VAL HA   H N N 383 
VAL HB   H N N 384 
VAL HG11 H N N 385 
VAL HG12 H N N 386 
VAL HG13 H N N 387 
VAL HG21 H N N 388 
VAL HG22 H N N 389 
VAL HG23 H N N 390 
VAL HXT  H N N 391 
# 
loop_
_chem_comp_bond.comp_id 
_chem_comp_bond.atom_id_1 
_chem_comp_bond.atom_id_2 
_chem_comp_bond.value_order 
_chem_comp_bond.pdbx_aromatic_flag 
_chem_comp_bond.pdbx_stereo_config 
_chem_comp_bond.pdbx_ordinal 
7L4 C1  C2   sing Y N 1   
7L4 C1  C6   doub Y N 2   
7L4 C2  C3   doub Y N 3   
7L4 C3  C4   sing Y N 4   
7L4 C4  C5   doub Y N 5   
7L4 C4  C7   sing Y N 6   
7L4 C5  C6   sing Y N 7   
7L4 C7  C8   sing Y N 8   
7L4 C7  N16  doub Y N 9   
7L4 C8  C9   doub Y N 10  
7L4 C9  C10  sing Y N 11  
7L4 C9  O17  sing N N 12  
7L4 C10 C11  sing Y N 13  
7L4 C10 C15  doub Y N 14  
7L4 C11 C12  doub Y N 15  
7L4 C12 C13  sing Y N 16  
7L4 C13 C14  doub Y N 17  
7L4 C14 C15  sing Y N 18  
7L4 C15 N16  sing Y N 19  
7L4 C1  H1   sing N N 20  
7L4 C2  H2   sing N N 21  
7L4 C6  H6   sing N N 22  
7L4 C3  H3   sing N N 23  
7L4 C5  H5   sing N N 24  
7L4 C8  H8   sing N N 25  
7L4 O17 H17  sing N N 26  
7L4 C11 H11  sing N N 27  
7L4 C12 H12  sing N N 28  
7L4 C13 H13  sing N N 29  
7L4 C14 H14  sing N N 30  
ALA N   CA   sing N N 31  
ALA N   H    sing N N 32  
ALA N   H2   sing N N 33  
ALA CA  C    sing N N 34  
ALA CA  CB   sing N N 35  
ALA CA  HA   sing N N 36  
ALA C   O    doub N N 37  
ALA C   OXT  sing N N 38  
ALA CB  HB1  sing N N 39  
ALA CB  HB2  sing N N 40  
ALA CB  HB3  sing N N 41  
ALA OXT HXT  sing N N 42  
ARG N   CA   sing N N 43  
ARG N   H    sing N N 44  
ARG N   H2   sing N N 45  
ARG CA  C    sing N N 46  
ARG CA  CB   sing N N 47  
ARG CA  HA   sing N N 48  
ARG C   O    doub N N 49  
ARG C   OXT  sing N N 50  
ARG CB  CG   sing N N 51  
ARG CB  HB2  sing N N 52  
ARG CB  HB3  sing N N 53  
ARG CG  CD   sing N N 54  
ARG CG  HG2  sing N N 55  
ARG CG  HG3  sing N N 56  
ARG CD  NE   sing N N 57  
ARG CD  HD2  sing N N 58  
ARG CD  HD3  sing N N 59  
ARG NE  CZ   sing N N 60  
ARG NE  HE   sing N N 61  
ARG CZ  NH1  sing N N 62  
ARG CZ  NH2  doub N N 63  
ARG NH1 HH11 sing N N 64  
ARG NH1 HH12 sing N N 65  
ARG NH2 HH21 sing N N 66  
ARG NH2 HH22 sing N N 67  
ARG OXT HXT  sing N N 68  
ASN N   CA   sing N N 69  
ASN N   H    sing N N 70  
ASN N   H2   sing N N 71  
ASN CA  C    sing N N 72  
ASN CA  CB   sing N N 73  
ASN CA  HA   sing N N 74  
ASN C   O    doub N N 75  
ASN C   OXT  sing N N 76  
ASN CB  CG   sing N N 77  
ASN CB  HB2  sing N N 78  
ASN CB  HB3  sing N N 79  
ASN CG  OD1  doub N N 80  
ASN CG  ND2  sing N N 81  
ASN ND2 HD21 sing N N 82  
ASN ND2 HD22 sing N N 83  
ASN OXT HXT  sing N N 84  
ASP N   CA   sing N N 85  
ASP N   H    sing N N 86  
ASP N   H2   sing N N 87  
ASP CA  C    sing N N 88  
ASP CA  CB   sing N N 89  
ASP CA  HA   sing N N 90  
ASP C   O    doub N N 91  
ASP C   OXT  sing N N 92  
ASP CB  CG   sing N N 93  
ASP CB  HB2  sing N N 94  
ASP CB  HB3  sing N N 95  
ASP CG  OD1  doub N N 96  
ASP CG  OD2  sing N N 97  
ASP OD2 HD2  sing N N 98  
ASP OXT HXT  sing N N 99  
CYS N   CA   sing N N 100 
CYS N   H    sing N N 101 
CYS N   H2   sing N N 102 
CYS CA  C    sing N N 103 
CYS CA  CB   sing N N 104 
CYS CA  HA   sing N N 105 
CYS C   O    doub N N 106 
CYS C   OXT  sing N N 107 
CYS CB  SG   sing N N 108 
CYS CB  HB2  sing N N 109 
CYS CB  HB3  sing N N 110 
CYS SG  HG   sing N N 111 
CYS OXT HXT  sing N N 112 
GLN N   CA   sing N N 113 
GLN N   H    sing N N 114 
GLN N   H2   sing N N 115 
GLN CA  C    sing N N 116 
GLN CA  CB   sing N N 117 
GLN CA  HA   sing N N 118 
GLN C   O    doub N N 119 
GLN C   OXT  sing N N 120 
GLN CB  CG   sing N N 121 
GLN CB  HB2  sing N N 122 
GLN CB  HB3  sing N N 123 
GLN CG  CD   sing N N 124 
GLN CG  HG2  sing N N 125 
GLN CG  HG3  sing N N 126 
GLN CD  OE1  doub N N 127 
GLN CD  NE2  sing N N 128 
GLN NE2 HE21 sing N N 129 
GLN NE2 HE22 sing N N 130 
GLN OXT HXT  sing N N 131 
GLU N   CA   sing N N 132 
GLU N   H    sing N N 133 
GLU N   H2   sing N N 134 
GLU CA  C    sing N N 135 
GLU CA  CB   sing N N 136 
GLU CA  HA   sing N N 137 
GLU C   O    doub N N 138 
GLU C   OXT  sing N N 139 
GLU CB  CG   sing N N 140 
GLU CB  HB2  sing N N 141 
GLU CB  HB3  sing N N 142 
GLU CG  CD   sing N N 143 
GLU CG  HG2  sing N N 144 
GLU CG  HG3  sing N N 145 
GLU CD  OE1  doub N N 146 
GLU CD  OE2  sing N N 147 
GLU OE2 HE2  sing N N 148 
GLU OXT HXT  sing N N 149 
GLY N   CA   sing N N 150 
GLY N   H    sing N N 151 
GLY N   H2   sing N N 152 
GLY CA  C    sing N N 153 
GLY CA  HA2  sing N N 154 
GLY CA  HA3  sing N N 155 
GLY C   O    doub N N 156 
GLY C   OXT  sing N N 157 
GLY OXT HXT  sing N N 158 
HIS N   CA   sing N N 159 
HIS N   H    sing N N 160 
HIS N   H2   sing N N 161 
HIS CA  C    sing N N 162 
HIS CA  CB   sing N N 163 
HIS CA  HA   sing N N 164 
HIS C   O    doub N N 165 
HIS C   OXT  sing N N 166 
HIS CB  CG   sing N N 167 
HIS CB  HB2  sing N N 168 
HIS CB  HB3  sing N N 169 
HIS CG  ND1  sing Y N 170 
HIS CG  CD2  doub Y N 171 
HIS ND1 CE1  doub Y N 172 
HIS ND1 HD1  sing N N 173 
HIS CD2 NE2  sing Y N 174 
HIS CD2 HD2  sing N N 175 
HIS CE1 NE2  sing Y N 176 
HIS CE1 HE1  sing N N 177 
HIS NE2 HE2  sing N N 178 
HIS OXT HXT  sing N N 179 
HOH O   H1   sing N N 180 
HOH O   H2   sing N N 181 
ILE N   CA   sing N N 182 
ILE N   H    sing N N 183 
ILE N   H2   sing N N 184 
ILE CA  C    sing N N 185 
ILE CA  CB   sing N N 186 
ILE CA  HA   sing N N 187 
ILE C   O    doub N N 188 
ILE C   OXT  sing N N 189 
ILE CB  CG1  sing N N 190 
ILE CB  CG2  sing N N 191 
ILE CB  HB   sing N N 192 
ILE CG1 CD1  sing N N 193 
ILE CG1 HG12 sing N N 194 
ILE CG1 HG13 sing N N 195 
ILE CG2 HG21 sing N N 196 
ILE CG2 HG22 sing N N 197 
ILE CG2 HG23 sing N N 198 
ILE CD1 HD11 sing N N 199 
ILE CD1 HD12 sing N N 200 
ILE CD1 HD13 sing N N 201 
ILE OXT HXT  sing N N 202 
LEU N   CA   sing N N 203 
LEU N   H    sing N N 204 
LEU N   H2   sing N N 205 
LEU CA  C    sing N N 206 
LEU CA  CB   sing N N 207 
LEU CA  HA   sing N N 208 
LEU C   O    doub N N 209 
LEU C   OXT  sing N N 210 
LEU CB  CG   sing N N 211 
LEU CB  HB2  sing N N 212 
LEU CB  HB3  sing N N 213 
LEU CG  CD1  sing N N 214 
LEU CG  CD2  sing N N 215 
LEU CG  HG   sing N N 216 
LEU CD1 HD11 sing N N 217 
LEU CD1 HD12 sing N N 218 
LEU CD1 HD13 sing N N 219 
LEU CD2 HD21 sing N N 220 
LEU CD2 HD22 sing N N 221 
LEU CD2 HD23 sing N N 222 
LEU OXT HXT  sing N N 223 
LYS N   CA   sing N N 224 
LYS N   H    sing N N 225 
LYS N   H2   sing N N 226 
LYS CA  C    sing N N 227 
LYS CA  CB   sing N N 228 
LYS CA  HA   sing N N 229 
LYS C   O    doub N N 230 
LYS C   OXT  sing N N 231 
LYS CB  CG   sing N N 232 
LYS CB  HB2  sing N N 233 
LYS CB  HB3  sing N N 234 
LYS CG  CD   sing N N 235 
LYS CG  HG2  sing N N 236 
LYS CG  HG3  sing N N 237 
LYS CD  CE   sing N N 238 
LYS CD  HD2  sing N N 239 
LYS CD  HD3  sing N N 240 
LYS CE  NZ   sing N N 241 
LYS CE  HE2  sing N N 242 
LYS CE  HE3  sing N N 243 
LYS NZ  HZ1  sing N N 244 
LYS NZ  HZ2  sing N N 245 
LYS NZ  HZ3  sing N N 246 
LYS OXT HXT  sing N N 247 
MET N   CA   sing N N 248 
MET N   H    sing N N 249 
MET N   H2   sing N N 250 
MET CA  C    sing N N 251 
MET CA  CB   sing N N 252 
MET CA  HA   sing N N 253 
MET C   O    doub N N 254 
MET C   OXT  sing N N 255 
MET CB  CG   sing N N 256 
MET CB  HB2  sing N N 257 
MET CB  HB3  sing N N 258 
MET CG  SD   sing N N 259 
MET CG  HG2  sing N N 260 
MET CG  HG3  sing N N 261 
MET SD  CE   sing N N 262 
MET CE  HE1  sing N N 263 
MET CE  HE2  sing N N 264 
MET CE  HE3  sing N N 265 
MET OXT HXT  sing N N 266 
PHE N   CA   sing N N 267 
PHE N   H    sing N N 268 
PHE N   H2   sing N N 269 
PHE CA  C    sing N N 270 
PHE CA  CB   sing N N 271 
PHE CA  HA   sing N N 272 
PHE C   O    doub N N 273 
PHE C   OXT  sing N N 274 
PHE CB  CG   sing N N 275 
PHE CB  HB2  sing N N 276 
PHE CB  HB3  sing N N 277 
PHE CG  CD1  doub Y N 278 
PHE CG  CD2  sing Y N 279 
PHE CD1 CE1  sing Y N 280 
PHE CD1 HD1  sing N N 281 
PHE CD2 CE2  doub Y N 282 
PHE CD2 HD2  sing N N 283 
PHE CE1 CZ   doub Y N 284 
PHE CE1 HE1  sing N N 285 
PHE CE2 CZ   sing Y N 286 
PHE CE2 HE2  sing N N 287 
PHE CZ  HZ   sing N N 288 
PHE OXT HXT  sing N N 289 
PRO N   CA   sing N N 290 
PRO N   CD   sing N N 291 
PRO N   H    sing N N 292 
PRO CA  C    sing N N 293 
PRO CA  CB   sing N N 294 
PRO CA  HA   sing N N 295 
PRO C   O    doub N N 296 
PRO C   OXT  sing N N 297 
PRO CB  CG   sing N N 298 
PRO CB  HB2  sing N N 299 
PRO CB  HB3  sing N N 300 
PRO CG  CD   sing N N 301 
PRO CG  HG2  sing N N 302 
PRO CG  HG3  sing N N 303 
PRO CD  HD2  sing N N 304 
PRO CD  HD3  sing N N 305 
PRO OXT HXT  sing N N 306 
SER N   CA   sing N N 307 
SER N   H    sing N N 308 
SER N   H2   sing N N 309 
SER CA  C    sing N N 310 
SER CA  CB   sing N N 311 
SER CA  HA   sing N N 312 
SER C   O    doub N N 313 
SER C   OXT  sing N N 314 
SER CB  OG   sing N N 315 
SER CB  HB2  sing N N 316 
SER CB  HB3  sing N N 317 
SER OG  HG   sing N N 318 
SER OXT HXT  sing N N 319 
THR N   CA   sing N N 320 
THR N   H    sing N N 321 
THR N   H2   sing N N 322 
THR CA  C    sing N N 323 
THR CA  CB   sing N N 324 
THR CA  HA   sing N N 325 
THR C   O    doub N N 326 
THR C   OXT  sing N N 327 
THR CB  OG1  sing N N 328 
THR CB  CG2  sing N N 329 
THR CB  HB   sing N N 330 
THR OG1 HG1  sing N N 331 
THR CG2 HG21 sing N N 332 
THR CG2 HG22 sing N N 333 
THR CG2 HG23 sing N N 334 
THR OXT HXT  sing N N 335 
TYR N   CA   sing N N 336 
TYR N   H    sing N N 337 
TYR N   H2   sing N N 338 
TYR CA  C    sing N N 339 
TYR CA  CB   sing N N 340 
TYR CA  HA   sing N N 341 
TYR C   O    doub N N 342 
TYR C   OXT  sing N N 343 
TYR CB  CG   sing N N 344 
TYR CB  HB2  sing N N 345 
TYR CB  HB3  sing N N 346 
TYR CG  CD1  doub Y N 347 
TYR CG  CD2  sing Y N 348 
TYR CD1 CE1  sing Y N 349 
TYR CD1 HD1  sing N N 350 
TYR CD2 CE2  doub Y N 351 
TYR CD2 HD2  sing N N 352 
TYR CE1 CZ   doub Y N 353 
TYR CE1 HE1  sing N N 354 
TYR CE2 CZ   sing Y N 355 
TYR CE2 HE2  sing N N 356 
TYR CZ  OH   sing N N 357 
TYR OH  HH   sing N N 358 
TYR OXT HXT  sing N N 359 
VAL N   CA   sing N N 360 
VAL N   H    sing N N 361 
VAL N   H2   sing N N 362 
VAL CA  C    sing N N 363 
VAL CA  CB   sing N N 364 
VAL CA  HA   sing N N 365 
VAL C   O    doub N N 366 
VAL C   OXT  sing N N 367 
VAL CB  CG1  sing N N 368 
VAL CB  CG2  sing N N 369 
VAL CB  HB   sing N N 370 
VAL CG1 HG11 sing N N 371 
VAL CG1 HG12 sing N N 372 
VAL CG1 HG13 sing N N 373 
VAL CG2 HG21 sing N N 374 
VAL CG2 HG22 sing N N 375 
VAL CG2 HG23 sing N N 376 
VAL OXT HXT  sing N N 377 
# 
_atom_sites.entry_id                    2XYA 
_atom_sites.fract_transf_matrix[1][1]   0.00646100 
_atom_sites.fract_transf_matrix[1][2]   0.00268559 
_atom_sites.fract_transf_matrix[1][3]   -0.00372778 
_atom_sites.fract_transf_matrix[2][1]   0.00381993 
_atom_sites.fract_transf_matrix[2][2]   0.00043411 
_atom_sites.fract_transf_matrix[2][3]   0.00693346 
_atom_sites.fract_transf_matrix[3][1]   0.00426747 
_atom_sites.fract_transf_matrix[3][2]   -0.01244831 
_atom_sites.fract_transf_matrix[3][3]   -0.00157171 
_atom_sites.fract_transf_vector[1]      0.085018 
_atom_sites.fract_transf_vector[2]      0.118272 
_atom_sites.fract_transf_vector[3]      0.214650 
# 
loop_
_atom_type.symbol 
C 
N 
O 
S 
# 
loop_
_atom_site.group_PDB 
_atom_site.id 
_atom_site.type_symbol 
_atom_site.label_atom_id 
_atom_site.label_alt_id 
_atom_site.label_comp_id 
_atom_site.label_asym_id 
_atom_site.label_entity_id 
_atom_site.label_seq_id 
_atom_site.pdbx_PDB_ins_code 
_atom_site.Cartn_x 
_atom_site.Cartn_y 
_atom_site.Cartn_z 
_atom_site.occupancy 
_atom_site.B_iso_or_equiv 
_atom_site.pdbx_formal_charge 
_atom_site.auth_seq_id 
_atom_site.auth_comp_id 
_atom_site.auth_asym_id 
_atom_site.auth_atom_id 
_atom_site.pdbx_PDB_model_num 
ATOM   1    N N   . GLY A 1 1   ? -13.699 -16.638 2.195   1.00 74.08 ? -1   GLY A N   1 
ATOM   2    C CA  . GLY A 1 1   ? -14.997 -16.424 1.490   1.00 74.17 ? -1   GLY A CA  1 
ATOM   3    C C   . GLY A 1 1   ? -15.697 -17.729 1.123   1.00 74.18 ? -1   GLY A C   1 
ATOM   4    O O   . GLY A 1 1   ? -16.424 -18.299 1.953   1.00 74.39 ? -1   GLY A O   1 
ATOM   5    N N   . SER A 1 2   ? -15.540 -18.190 -0.128  1.00 73.50 ? 0    SER A N   1 
ATOM   6    C CA  . SER A 1 2   ? -14.778 -17.489 -1.185  1.00 72.30 ? 0    SER A CA  1 
ATOM   7    C C   . SER A 1 2   ? -15.705 -17.178 -2.386  1.00 71.15 ? 0    SER A C   1 
ATOM   8    O O   . SER A 1 2   ? -15.723 -17.902 -3.392  1.00 71.38 ? 0    SER A O   1 
ATOM   9    C CB  . SER A 1 2   ? -13.563 -18.319 -1.621  1.00 72.58 ? 0    SER A CB  1 
ATOM   10   O OG  . SER A 1 2   ? -12.882 -17.700 -2.701  1.00 72.98 ? 0    SER A OG  1 
ATOM   11   N N   . GLY A 1 3   ? -16.447 -16.081 -2.305  1.00 69.13 ? 1    GLY A N   1 
ATOM   12   C CA  . GLY A 1 3   ? -16.366 -15.141 -1.207  1.00 66.97 ? 1    GLY A CA  1 
ATOM   13   C C   . GLY A 1 3   ? -15.930 -13.912 -1.959  1.00 65.43 ? 1    GLY A C   1 
ATOM   14   O O   . GLY A 1 3   ? -14.779 -13.841 -2.403  1.00 65.42 ? 1    GLY A O   1 
ATOM   15   N N   . PRO A 1 4   ? -16.846 -12.947 -2.123  1.00 64.13 ? 2    PRO A N   1 
ATOM   16   C CA  . PRO A 1 4   ? -16.605 -11.746 -2.926  1.00 62.97 ? 2    PRO A CA  1 
ATOM   17   C C   . PRO A 1 4   ? -15.468 -10.862 -2.406  1.00 61.45 ? 2    PRO A C   1 
ATOM   18   O O   . PRO A 1 4   ? -14.739 -10.290 -3.213  1.00 60.86 ? 2    PRO A O   1 
ATOM   19   C CB  . PRO A 1 4   ? -17.957 -11.006 -2.881  1.00 63.17 ? 2    PRO A CB  1 
ATOM   20   C CG  . PRO A 1 4   ? -18.944 -12.018 -2.412  1.00 64.06 ? 2    PRO A CG  1 
ATOM   21   C CD  . PRO A 1 4   ? -18.176 -12.914 -1.492  1.00 64.19 ? 2    PRO A CD  1 
ATOM   22   N N   . GLU A 1 5   ? -15.311 -10.772 -1.087  1.00 60.26 ? 3    GLU A N   1 
ATOM   23   C CA  . GLU A 1 5   ? -14.242 -9.955  -0.508  1.00 60.27 ? 3    GLU A CA  1 
ATOM   24   C C   . GLU A 1 5   ? -12.849 -10.600 -0.620  1.00 59.76 ? 3    GLU A C   1 
ATOM   25   O O   . GLU A 1 5   ? -11.843 -9.917  -0.485  1.00 59.62 ? 3    GLU A O   1 
ATOM   26   C CB  . GLU A 1 5   ? -14.571 -9.483  0.916   1.00 60.09 ? 3    GLU A CB  1 
ATOM   27   C CG  . GLU A 1 5   ? -13.692 -8.322  1.365   1.00 61.59 ? 3    GLU A CG  1 
ATOM   28   C CD  . GLU A 1 5   ? -14.333 -7.428  2.439   1.00 64.30 ? 3    GLU A CD  1 
ATOM   29   O OE1 . GLU A 1 5   ? -15.350 -6.716  2.134   1.00 61.63 ? 3    GLU A OE1 1 
ATOM   30   O OE2 . GLU A 1 5   ? -13.801 -7.447  3.584   1.00 65.72 ? 3    GLU A OE2 1 
ATOM   31   N N   . GLU A 1 6   ? -12.806 -11.910 -0.874  1.00 59.09 ? 4    GLU A N   1 
ATOM   32   C CA  . GLU A 1 6   ? -11.557 -12.617 -1.111  1.00 58.57 ? 4    GLU A CA  1 
ATOM   33   C C   . GLU A 1 6   ? -11.290 -12.596 -2.607  1.00 56.88 ? 4    GLU A C   1 
ATOM   34   O O   . GLU A 1 6   ? -10.154 -12.393 -3.038  1.00 56.57 ? 4    GLU A O   1 
ATOM   35   C CB  . GLU A 1 6   ? -11.606 -14.057 -0.576  1.00 58.69 ? 4    GLU A CB  1 
ATOM   36   C CG  . GLU A 1 6   ? -10.431 -14.954 -1.042  1.00 60.85 ? 4    GLU A CG  1 
ATOM   37   C CD  . GLU A 1 6   ? -10.220 -16.228 -0.194  1.00 62.28 ? 4    GLU A CD  1 
ATOM   38   O OE1 . GLU A 1 6   ? -11.222 -16.864 0.260   1.00 66.30 ? 4    GLU A OE1 1 
ATOM   39   O OE2 . GLU A 1 6   ? -9.024  -16.580 0.030   1.00 65.98 ? 4    GLU A OE2 1 
ATOM   40   N N   . GLU A 1 7   ? -12.342 -12.791 -3.400  1.00 55.48 ? 5    GLU A N   1 
ATOM   41   C CA  . GLU A 1 7   ? -12.210 -12.788 -4.856  1.00 54.63 ? 5    GLU A CA  1 
ATOM   42   C C   . GLU A 1 7   ? -11.688 -11.440 -5.318  1.00 52.31 ? 5    GLU A C   1 
ATOM   43   O O   . GLU A 1 7   ? -10.883 -11.377 -6.240  1.00 52.12 ? 5    GLU A O   1 
ATOM   44   C CB  . GLU A 1 7   ? -13.553 -13.068 -5.549  1.00 54.67 ? 5    GLU A CB  1 
ATOM   45   C CG  . GLU A 1 7   ? -14.082 -14.501 -5.454  1.00 57.00 ? 5    GLU A CG  1 
ATOM   46   C CD  . GLU A 1 7   ? -15.521 -14.635 -5.977  1.00 56.87 ? 5    GLU A CD  1 
ATOM   47   O OE1 . GLU A 1 7   ? -16.384 -13.805 -5.613  1.00 59.61 ? 5    GLU A OE1 1 
ATOM   48   O OE2 . GLU A 1 7   ? -15.790 -15.559 -6.775  1.00 60.90 ? 5    GLU A OE2 1 
ATOM   49   N N   . PHE A 1 8   ? -12.173 -10.377 -4.672  1.00 50.22 ? 6    PHE A N   1 
ATOM   50   C CA  . PHE A 1 8   ? -11.793 -9.001  -4.980  1.00 48.42 ? 6    PHE A CA  1 
ATOM   51   C C   . PHE A 1 8   ? -10.297 -8.807  -4.711  1.00 46.96 ? 6    PHE A C   1 
ATOM   52   O O   . PHE A 1 8   ? -9.528  -8.388  -5.598  1.00 45.95 ? 6    PHE A O   1 
ATOM   53   C CB  . PHE A 1 8   ? -12.637 -7.997  -4.162  1.00 48.12 ? 6    PHE A CB  1 
ATOM   54   C CG  . PHE A 1 8   ? -12.321 -6.578  -4.479  1.00 47.56 ? 6    PHE A CG  1 
ATOM   55   C CD1 . PHE A 1 8   ? -12.799 -5.997  -5.651  1.00 48.83 ? 6    PHE A CD1 1 
ATOM   56   C CD2 . PHE A 1 8   ? -11.484 -5.837  -3.656  1.00 47.46 ? 6    PHE A CD2 1 
ATOM   57   C CE1 . PHE A 1 8   ? -12.467 -4.686  -5.982  1.00 49.36 ? 6    PHE A CE1 1 
ATOM   58   C CE2 . PHE A 1 8   ? -11.151 -4.532  -3.977  1.00 47.20 ? 6    PHE A CE2 1 
ATOM   59   C CZ  . PHE A 1 8   ? -11.633 -3.953  -5.135  1.00 47.72 ? 6    PHE A CZ  1 
ATOM   60   N N   . GLY A 1 9   ? -9.905  -9.157  -3.489  1.00 45.82 ? 7    GLY A N   1 
ATOM   61   C CA  . GLY A 1 9   ? -8.519  -9.114  -3.053  1.00 45.76 ? 7    GLY A CA  1 
ATOM   62   C C   . GLY A 1 9   ? -7.610  -9.955  -3.928  1.00 45.57 ? 7    GLY A C   1 
ATOM   63   O O   . GLY A 1 9   ? -6.540  -9.497  -4.320  1.00 44.96 ? 7    GLY A O   1 
ATOM   64   N N   . MET A 1 10  ? -8.050  -11.169 -4.265  1.00 45.69 ? 8    MET A N   1 
ATOM   65   C CA  . MET A 1 10  ? -7.260  -12.073 -5.101  1.00 45.77 ? 8    MET A CA  1 
ATOM   66   C C   . MET A 1 10  ? -7.058  -11.533 -6.504  1.00 45.52 ? 8    MET A C   1 
ATOM   67   O O   . MET A 1 10  ? -5.989  -11.697 -7.095  1.00 45.58 ? 8    MET A O   1 
ATOM   68   C CB  . MET A 1 10  ? -7.873  -13.483 -5.119  1.00 46.59 ? 8    MET A CB  1 
ATOM   69   C CG  . MET A 1 10  ? -7.642  -14.252 -3.830  1.00 48.33 ? 8    MET A CG  1 
ATOM   70   S SD  . MET A 1 10  ? -5.851  -14.526 -3.580  1.00 55.39 ? 8    MET A SD  1 
ATOM   71   C CE  . MET A 1 10  ? -5.835  -15.071 -1.864  1.00 50.72 ? 8    MET A CE  1 
ATOM   72   N N   . SER A 1 11  ? -8.088  -10.891 -7.040  1.00 45.11 ? 9    SER A N   1 
ATOM   73   C CA  . SER A 1 11  ? -8.009  -10.305 -8.375  1.00 44.93 ? 9    SER A CA  1 
ATOM   74   C C   . SER A 1 11  ? -7.115  -9.071  -8.399  1.00 44.52 ? 9    SER A C   1 
ATOM   75   O O   . SER A 1 11  ? -6.454  -8.789  -9.397  1.00 43.99 ? 9    SER A O   1 
ATOM   76   C CB  . SER A 1 11  ? -9.400  -9.916  -8.855  1.00 44.91 ? 9    SER A CB  1 
ATOM   77   O OG  . SER A 1 11  ? -9.312  -9.358  -10.147 1.00 45.57 ? 9    SER A OG  1 
ATOM   78   N N   . LEU A 1 12  ? -7.136  -8.328  -7.295  1.00 44.73 ? 10   LEU A N   1 
ATOM   79   C CA  . LEU A 1 12  ? -6.294  -7.148  -7.117  1.00 45.33 ? 10   LEU A CA  1 
ATOM   80   C C   . LEU A 1 12  ? -4.830  -7.597  -7.086  1.00 45.07 ? 10   LEU A C   1 
ATOM   81   O O   . LEU A 1 12  ? -3.987  -7.039  -7.782  1.00 44.38 ? 10   LEU A O   1 
ATOM   82   C CB  . LEU A 1 12  ? -6.680  -6.473  -5.807  1.00 45.43 ? 10   LEU A CB  1 
ATOM   83   C CG  . LEU A 1 12  ? -6.305  -5.051  -5.447  1.00 46.98 ? 10   LEU A CG  1 
ATOM   84   C CD1 . LEU A 1 12  ? -6.606  -4.089  -6.601  1.00 49.12 ? 10   LEU A CD1 1 
ATOM   85   C CD2 . LEU A 1 12  ? -7.133  -4.679  -4.217  1.00 47.99 ? 10   LEU A CD2 1 
ATOM   86   N N   . ILE A 1 13  ? -4.545  -8.633  -6.303  1.00 45.50 ? 11   ILE A N   1 
ATOM   87   C CA  . ILE A 1 13  ? -3.208  -9.186  -6.232  1.00 46.60 ? 11   ILE A CA  1 
ATOM   88   C C   . ILE A 1 13  ? -2.778  -9.625  -7.604  1.00 47.07 ? 11   ILE A C   1 
ATOM   89   O O   . ILE A 1 13  ? -1.737  -9.212  -8.100  1.00 47.59 ? 11   ILE A O   1 
ATOM   90   C CB  . ILE A 1 13  ? -3.121  -10.386 -5.265  1.00 46.94 ? 11   ILE A CB  1 
ATOM   91   C CG1 . ILE A 1 13  ? -3.155  -9.911  -3.817  1.00 46.67 ? 11   ILE A CG1 1 
ATOM   92   C CG2 . ILE A 1 13  ? -1.807  -11.147 -5.460  1.00 47.88 ? 11   ILE A CG2 1 
ATOM   93   C CD1 . ILE A 1 13  ? -3.344  -11.027 -2.836  1.00 48.34 ? 11   ILE A CD1 1 
ATOM   94   N N   . LYS A 1 14  ? -3.617  -10.428 -8.231  1.00 47.81 ? 12   LYS A N   1 
ATOM   95   C CA  . LYS A 1 14  ? -3.316  -10.997 -9.519  1.00 48.34 ? 12   LYS A CA  1 
ATOM   96   C C   . LYS A 1 14  ? -3.073  -9.949  -10.565 1.00 47.88 ? 12   LYS A C   1 
ATOM   97   O O   . LYS A 1 14  ? -2.065  -10.008 -11.260 1.00 48.40 ? 12   LYS A O   1 
ATOM   98   C CB  . LYS A 1 14  ? -4.417  -11.996 -9.942  1.00 49.49 ? 12   LYS A CB  1 
ATOM   99   C CG  . LYS A 1 14  ? -4.422  -12.422 -11.446 1.00 52.67 ? 12   LYS A CG  1 
ATOM   100  C CD  . LYS A 1 14  ? -3.106  -13.088 -11.920 1.00 55.14 ? 12   LYS A CD  1 
ATOM   101  C CE  . LYS A 1 14  ? -3.102  -13.229 -13.469 1.00 56.00 ? 12   LYS A CE  1 
ATOM   102  N NZ  . LYS A 1 14  ? -1.719  -13.489 -14.046 1.00 57.05 ? 12   LYS A NZ  1 
ATOM   103  N N   . HIS A 1 15  ? -3.957  -8.967  -10.682 1.00 47.60 ? 13   HIS A N   1 
ATOM   104  C CA  . HIS A 1 15  ? -3.783  -7.998  -11.763 1.00 47.05 ? 13   HIS A CA  1 
ATOM   105  C C   . HIS A 1 15  ? -3.010  -6.745  -11.441 1.00 46.68 ? 13   HIS A C   1 
ATOM   106  O O   . HIS A 1 15  ? -2.453  -6.135  -12.340 1.00 46.80 ? 13   HIS A O   1 
ATOM   107  C CB  . HIS A 1 15  ? -5.121  -7.629  -12.365 1.00 47.50 ? 13   HIS A CB  1 
ATOM   108  C CG  . HIS A 1 15  ? -5.824  -8.788  -12.983 1.00 49.14 ? 13   HIS A CG  1 
ATOM   109  N ND1 . HIS A 1 15  ? -5.531  -9.236  -14.257 1.00 49.40 ? 13   HIS A ND1 1 
ATOM   110  C CD2 . HIS A 1 15  ? -6.784  -9.609  -12.498 1.00 48.46 ? 13   HIS A CD2 1 
ATOM   111  C CE1 . HIS A 1 15  ? -6.291  -10.280 -14.529 1.00 50.25 ? 13   HIS A CE1 1 
ATOM   112  N NE2 . HIS A 1 15  ? -7.059  -10.527 -13.479 1.00 50.04 ? 13   HIS A NE2 1 
ATOM   113  N N   . ASN A 1 16  ? -2.964  -6.348  -10.179 1.00 46.11 ? 14   ASN A N   1 
ATOM   114  C CA  . ASN A 1 16  ? -2.281  -5.102  -9.872  1.00 46.01 ? 14   ASN A CA  1 
ATOM   115  C C   . ASN A 1 16  ? -1.052  -5.094  -8.959  1.00 46.15 ? 14   ASN A C   1 
ATOM   116  O O   . ASN A 1 16  ? -0.310  -4.114  -8.966  1.00 46.46 ? 14   ASN A O   1 
ATOM   117  C CB  . ASN A 1 16  ? -3.301  -4.036  -9.474  1.00 46.02 ? 14   ASN A CB  1 
ATOM   118  C CG  . ASN A 1 16  ? -4.194  -3.631  -10.643 1.00 44.62 ? 14   ASN A CG  1 
ATOM   119  O OD1 . ASN A 1 16  ? -5.000  -4.418  -11.132 1.00 44.02 ? 14   ASN A OD1 1 
ATOM   120  N ND2 . ASN A 1 16  ? -4.044  -2.403  -11.091 1.00 42.10 ? 14   ASN A ND2 1 
ATOM   121  N N   . SER A 1 17  ? -0.820  -6.177  -8.219  1.00 45.85 ? 15   SER A N   1 
ATOM   122  C CA  . SER A 1 17  ? 0.301   -6.270  -7.284  1.00 46.00 ? 15   SER A CA  1 
ATOM   123  C C   . SER A 1 17  ? 1.523   -6.957  -7.873  1.00 45.66 ? 15   SER A C   1 
ATOM   124  O O   . SER A 1 17  ? 1.431   -7.673  -8.853  1.00 45.84 ? 15   SER A O   1 
ATOM   125  C CB  . SER A 1 17  ? -0.103  -7.035  -6.043  1.00 45.66 ? 15   SER A CB  1 
ATOM   126  O OG  . SER A 1 17  ? -1.306  -6.523  -5.513  1.00 48.88 ? 15   SER A OG  1 
ATOM   127  N N   . CYS A 1 18  ? 2.671   -6.720  -7.252  1.00 45.64 ? 16   CYS A N   1 
ATOM   128  C CA  . CYS A 1 18  ? 3.931   -7.304  -7.664  1.00 45.76 ? 16   CYS A CA  1 
ATOM   129  C C   . CYS A 1 18  ? 4.818   -7.357  -6.451  1.00 45.44 ? 16   CYS A C   1 
ATOM   130  O O   . CYS A 1 18  ? 4.478   -6.812  -5.394  1.00 45.67 ? 16   CYS A O   1 
ATOM   131  C CB  . CYS A 1 18  ? 4.589   -6.516  -8.806  1.00 45.99 ? 16   CYS A CB  1 
ATOM   132  S SG  . CYS A 1 18  ? 4.676   -4.653  -8.607  1.00 50.58 ? 16   CYS A SG  1 
ATOM   133  N N   . VAL A 1 19  ? 5.916   -8.088  -6.573  1.00 44.73 ? 17   VAL A N   1 
ATOM   134  C CA  . VAL A 1 19  ? 6.877   -8.137  -5.515  1.00 44.01 ? 17   VAL A CA  1 
ATOM   135  C C   . VAL A 1 19  ? 7.985   -7.221  -6.002  1.00 43.99 ? 17   VAL A C   1 
ATOM   136  O O   . VAL A 1 19  ? 8.531   -7.410  -7.089  1.00 43.20 ? 17   VAL A O   1 
ATOM   137  C CB  . VAL A 1 19  ? 7.404   -9.572  -5.224  1.00 44.59 ? 17   VAL A CB  1 
ATOM   138  C CG1 . VAL A 1 19  ? 8.296   -9.565  -3.981  1.00 44.20 ? 17   VAL A CG1 1 
ATOM   139  C CG2 . VAL A 1 19  ? 6.255   -10.535 -5.003  1.00 42.62 ? 17   VAL A CG2 1 
ATOM   140  N N   . ILE A 1 20  ? 8.244   -6.185  -5.214  1.00 44.13 ? 18   ILE A N   1 
ATOM   141  C CA  . ILE A 1 20  ? 9.296   -5.240  -5.472  1.00 44.50 ? 18   ILE A CA  1 
ATOM   142  C C   . ILE A 1 20  ? 10.449  -5.643  -4.561  1.00 45.33 ? 18   ILE A C   1 
ATOM   143  O O   . ILE A 1 20  ? 10.252  -5.789  -3.350  1.00 44.87 ? 18   ILE A O   1 
ATOM   144  C CB  . ILE A 1 20  ? 8.859   -3.802  -5.088  1.00 45.37 ? 18   ILE A CB  1 
ATOM   145  C CG1 . ILE A 1 20  ? 7.611   -3.362  -5.871  1.00 44.47 ? 18   ILE A CG1 1 
ATOM   146  C CG2 . ILE A 1 20  ? 10.014  -2.823  -5.240  1.00 43.62 ? 18   ILE A CG2 1 
ATOM   147  C CD1 . ILE A 1 20  ? 7.807   -3.328  -7.371  1.00 45.89 ? 18   ILE A CD1 1 
ATOM   148  N N   . THR A 1 21  ? 11.628  -5.868  -5.143  1.00 46.24 ? 19   THR A N   1 
ATOM   149  C CA  . THR A 1 21  ? 12.812  -6.173  -4.358  1.00 47.70 ? 19   THR A CA  1 
ATOM   150  C C   . THR A 1 21  ? 13.789  -5.003  -4.496  1.00 48.20 ? 19   THR A C   1 
ATOM   151  O O   . THR A 1 21  ? 14.006  -4.495  -5.602  1.00 47.90 ? 19   THR A O   1 
ATOM   152  C CB  . THR A 1 21  ? 13.553  -7.478  -4.809  1.00 48.32 ? 19   THR A CB  1 
ATOM   153  O OG1 . THR A 1 21  ? 12.621  -8.553  -5.028  1.00 49.83 ? 19   THR A OG1 1 
ATOM   154  C CG2 . THR A 1 21  ? 14.578  -7.904  -3.760  1.00 47.92 ? 19   THR A CG2 1 
ATOM   155  N N   . THR A 1 22  ? 14.346  -4.575  -3.363  1.00 48.92 ? 20   THR A N   1 
ATOM   156  C CA  . THR A 1 22  ? 15.376  -3.526  -3.302  1.00 49.91 ? 20   THR A CA  1 
ATOM   157  C C   . THR A 1 22  ? 16.520  -4.036  -2.398  1.00 51.51 ? 20   THR A C   1 
ATOM   158  O O   . THR A 1 22  ? 16.491  -5.189  -1.923  1.00 50.71 ? 20   THR A O   1 
ATOM   159  C CB  . THR A 1 22  ? 14.826  -2.182  -2.702  1.00 49.57 ? 20   THR A CB  1 
ATOM   160  O OG1 . THR A 1 22  ? 14.463  -2.371  -1.323  1.00 47.40 ? 20   THR A OG1 1 
ATOM   161  C CG2 . THR A 1 22  ? 13.632  -1.666  -3.488  1.00 48.82 ? 20   THR A CG2 1 
ATOM   162  N N   . GLU A 1 23  ? 17.510  -3.178  -2.136  1.00 53.54 ? 21   GLU A N   1 
ATOM   163  C CA  . GLU A 1 23  ? 18.596  -3.541  -1.215  1.00 55.79 ? 21   GLU A CA  1 
ATOM   164  C C   . GLU A 1 23  ? 18.011  -3.733  0.188   1.00 55.11 ? 21   GLU A C   1 
ATOM   165  O O   . GLU A 1 23  ? 18.580  -4.454  1.004   1.00 55.72 ? 21   GLU A O   1 
ATOM   166  C CB  . GLU A 1 23  ? 19.697  -2.463  -1.151  1.00 56.35 ? 21   GLU A CB  1 
ATOM   167  C CG  . GLU A 1 23  ? 20.368  -2.005  -2.495  1.00 58.60 ? 21   GLU A CG  1 
ATOM   168  C CD  . GLU A 1 23  ? 21.429  -0.869  -2.278  1.00 59.39 ? 21   GLU A CD  1 
ATOM   169  O OE1 . GLU A 1 23  ? 22.418  -1.078  -1.516  1.00 64.16 ? 21   GLU A OE1 1 
ATOM   170  O OE2 . GLU A 1 23  ? 21.257  0.245   -2.841  1.00 62.65 ? 21   GLU A OE2 1 
ATOM   171  N N   . ASN A 1 24  ? 16.851  -3.112  0.453   1.00 54.75 ? 22   ASN A N   1 
ATOM   172  C CA  . ASN A 1 24  ? 16.189  -3.191  1.768   1.00 53.41 ? 22   ASN A CA  1 
ATOM   173  C C   . ASN A 1 24  ? 15.285  -4.424  1.968   1.00 52.36 ? 22   ASN A C   1 
ATOM   174  O O   . ASN A 1 24  ? 14.762  -4.657  3.061   1.00 52.10 ? 22   ASN A O   1 
ATOM   175  C CB  . ASN A 1 24  ? 15.369  -1.913  2.040   1.00 53.98 ? 22   ASN A CB  1 
ATOM   176  C CG  . ASN A 1 24  ? 16.202  -0.631  2.004   1.00 55.42 ? 22   ASN A CG  1 
ATOM   177  O OD1 . ASN A 1 24  ? 17.042  -0.421  1.116   1.00 60.40 ? 22   ASN A OD1 1 
ATOM   178  N ND2 . ASN A 1 24  ? 15.918  0.264   2.931   1.00 55.29 ? 22   ASN A ND2 1 
ATOM   179  N N   . GLY A 1 25  ? 15.055  -5.196  0.919   1.00 50.91 ? 23   GLY A N   1 
ATOM   180  C CA  . GLY A 1 25  ? 14.217  -6.377  1.062   1.00 49.83 ? 23   GLY A CA  1 
ATOM   181  C C   . GLY A 1 25  ? 13.109  -6.495  0.031   1.00 48.86 ? 23   GLY A C   1 
ATOM   182  O O   . GLY A 1 25  ? 13.142  -5.838  -1.012  1.00 48.60 ? 23   GLY A O   1 
ATOM   183  N N   . LYS A 1 26  ? 12.138  -7.353  0.328   1.00 47.90 ? 24   LYS A N   1 
ATOM   184  C CA  . LYS A 1 26  ? 10.998  -7.579  -0.556  1.00 47.91 ? 24   LYS A CA  1 
ATOM   185  C C   . LYS A 1 26  ? 9.729   -6.913  -0.027  1.00 46.01 ? 24   LYS A C   1 
ATOM   186  O O   . LYS A 1 26  ? 9.324   -7.104  1.130   1.00 45.75 ? 24   LYS A O   1 
ATOM   187  C CB  . LYS A 1 26  ? 10.782  -9.078  -0.819  1.00 48.53 ? 24   LYS A CB  1 
ATOM   188  C CG  . LYS A 1 26  ? 11.927  -9.756  -1.622  1.00 50.29 ? 24   LYS A CG  1 
ATOM   189  C CD  . LYS A 1 26  ? 11.801  -11.304 -1.650  1.00 50.53 ? 24   LYS A CD  1 
ATOM   190  C CE  . LYS A 1 26  ? 12.988  -11.954 -2.454  1.00 54.11 ? 24   LYS A CE  1 
ATOM   191  N NZ  . LYS A 1 26  ? 13.173  -13.444 -2.195  1.00 53.61 ? 24   LYS A NZ  1 
ATOM   192  N N   . PHE A 1 27  ? 9.095   -6.142  -0.905  1.00 44.16 ? 25   PHE A N   1 
ATOM   193  C CA  . PHE A 1 27  ? 7.876   -5.402  -0.582  1.00 41.71 ? 25   PHE A CA  1 
ATOM   194  C C   . PHE A 1 27  ? 6.791   -5.680  -1.614  1.00 40.57 ? 25   PHE A C   1 
ATOM   195  O O   . PHE A 1 27  ? 7.085   -5.941  -2.792  1.00 40.59 ? 25   PHE A O   1 
ATOM   196  C CB  . PHE A 1 27  ? 8.195   -3.895  -0.606  1.00 40.98 ? 25   PHE A CB  1 
ATOM   197  C CG  . PHE A 1 27  ? 9.260   -3.491  0.358   1.00 39.75 ? 25   PHE A CG  1 
ATOM   198  C CD1 . PHE A 1 27  ? 10.613  -3.604  0.014   1.00 41.69 ? 25   PHE A CD1 1 
ATOM   199  C CD2 . PHE A 1 27  ? 8.929   -3.010  1.614   1.00 38.72 ? 25   PHE A CD2 1 
ATOM   200  C CE1 . PHE A 1 27  ? 11.622  -3.256  0.929   1.00 40.21 ? 25   PHE A CE1 1 
ATOM   201  C CE2 . PHE A 1 27  ? 9.923   -2.631  2.522   1.00 39.02 ? 25   PHE A CE2 1 
ATOM   202  C CZ  . PHE A 1 27  ? 11.270  -2.770  2.182   1.00 40.04 ? 25   PHE A CZ  1 
ATOM   203  N N   . THR A 1 28  ? 5.539   -5.630  -1.180  1.00 39.26 ? 26   THR A N   1 
ATOM   204  C CA  . THR A 1 28  ? 4.423   -5.718  -2.117  1.00 38.64 ? 26   THR A CA  1 
ATOM   205  C C   . THR A 1 28  ? 4.292   -4.308  -2.750  1.00 38.25 ? 26   THR A C   1 
ATOM   206  O O   . THR A 1 28  ? 4.436   -3.292  -2.070  1.00 36.93 ? 26   THR A O   1 
ATOM   207  C CB  . THR A 1 28  ? 3.113   -6.103  -1.416  1.00 38.95 ? 26   THR A CB  1 
ATOM   208  O OG1 . THR A 1 28  ? 3.277   -7.340  -0.722  1.00 38.49 ? 26   THR A OG1 1 
ATOM   209  C CG2 . THR A 1 28  ? 1.952   -6.262  -2.406  1.00 39.44 ? 26   THR A CG2 1 
ATOM   210  N N   . GLY A 1 29  ? 4.101   -4.265  -4.061  1.00 37.54 ? 27   GLY A N   1 
ATOM   211  C CA  . GLY A 1 29  ? 3.876   -3.030  -4.762  1.00 37.43 ? 27   GLY A CA  1 
ATOM   212  C C   . GLY A 1 29  ? 2.448   -3.062  -5.305  1.00 38.13 ? 27   GLY A C   1 
ATOM   213  O O   . GLY A 1 29  ? 1.885   -4.142  -5.542  1.00 38.47 ? 27   GLY A O   1 
ATOM   214  N N   . LEU A 1 30  ? 1.845   -1.890  -5.482  1.00 37.79 ? 28   LEU A N   1 
ATOM   215  C CA  . LEU A 1 30  ? 0.508   -1.823  -6.040  1.00 37.94 ? 28   LEU A CA  1 
ATOM   216  C C   . LEU A 1 30  ? 0.514   -0.931  -7.257  1.00 38.33 ? 28   LEU A C   1 
ATOM   217  O O   . LEU A 1 30  ? 0.885   0.231   -7.160  1.00 38.37 ? 28   LEU A O   1 
ATOM   218  C CB  . LEU A 1 30  ? -0.500  -1.327  -5.009  1.00 37.11 ? 28   LEU A CB  1 
ATOM   219  C CG  . LEU A 1 30  ? -1.923  -1.137  -5.561  1.00 36.92 ? 28   LEU A CG  1 
ATOM   220  C CD1 . LEU A 1 30  ? -2.611  -2.469  -5.812  1.00 36.89 ? 28   LEU A CD1 1 
ATOM   221  C CD2 . LEU A 1 30  ? -2.771  -0.281  -4.644  1.00 34.15 ? 28   LEU A CD2 1 
ATOM   222  N N   . GLY A 1 31  ? 0.123   -1.484  -8.402  1.00 39.21 ? 29   GLY A N   1 
ATOM   223  C CA  . GLY A 1 31  ? 0.031   -0.719  -9.654  1.00 40.26 ? 29   GLY A CA  1 
ATOM   224  C C   . GLY A 1 31  ? -1.292  0.019   -9.603  1.00 41.47 ? 29   GLY A C   1 
ATOM   225  O O   . GLY A 1 31  ? -2.331  -0.593  -9.411  1.00 41.55 ? 29   GLY A O   1 
ATOM   226  N N   . VAL A 1 32  ? -1.269  1.337   -9.772  1.00 42.83 ? 30   VAL A N   1 
ATOM   227  C CA  . VAL A 1 32  ? -2.491  2.132   -9.633  1.00 44.12 ? 30   VAL A CA  1 
ATOM   228  C C   . VAL A 1 32  ? -3.125  2.525   -10.978 1.00 45.19 ? 30   VAL A C   1 
ATOM   229  O O   . VAL A 1 32  ? -4.338  2.433   -11.158 1.00 44.84 ? 30   VAL A O   1 
ATOM   230  C CB  . VAL A 1 32  ? -2.245  3.381   -8.706  1.00 44.13 ? 30   VAL A CB  1 
ATOM   231  C CG1 . VAL A 1 32  ? -3.470  4.313   -8.647  1.00 44.09 ? 30   VAL A CG1 1 
ATOM   232  C CG2 . VAL A 1 32  ? -1.872  2.940   -7.295  1.00 44.59 ? 30   VAL A CG2 1 
ATOM   233  N N   . TYR A 1 33  ? -2.294  3.012   -11.892 1.00 46.99 ? 31   TYR A N   1 
ATOM   234  C CA  . TYR A 1 33  ? -2.718  3.409   -13.225 1.00 49.10 ? 31   TYR A CA  1 
ATOM   235  C C   . TYR A 1 33  ? -1.449  3.696   -14.013 1.00 50.12 ? 31   TYR A C   1 
ATOM   236  O O   . TYR A 1 33  ? -0.373  3.890   -13.417 1.00 50.50 ? 31   TYR A O   1 
ATOM   237  C CB  . TYR A 1 33  ? -3.644  4.631   -13.188 1.00 50.13 ? 31   TYR A CB  1 
ATOM   238  C CG  . TYR A 1 33  ? -2.973  5.947   -12.874 1.00 51.57 ? 31   TYR A CG  1 
ATOM   239  C CD1 . TYR A 1 33  ? -2.544  6.245   -11.587 1.00 51.43 ? 31   TYR A CD1 1 
ATOM   240  C CD2 . TYR A 1 33  ? -2.753  6.894   -13.884 1.00 53.18 ? 31   TYR A CD2 1 
ATOM   241  C CE1 . TYR A 1 33  ? -1.918  7.452   -11.306 1.00 52.91 ? 31   TYR A CE1 1 
ATOM   242  C CE2 . TYR A 1 33  ? -2.141  8.111   -13.615 1.00 52.67 ? 31   TYR A CE2 1 
ATOM   243  C CZ  . TYR A 1 33  ? -1.728  8.384   -12.321 1.00 53.21 ? 31   TYR A CZ  1 
ATOM   244  O OH  . TYR A 1 33  ? -1.123  9.600   -12.028 1.00 54.66 ? 31   TYR A OH  1 
ATOM   245  N N   . ASP A 1 34  ? -1.585  3.724   -15.340 1.00 50.82 ? 32   ASP A N   1 
ATOM   246  C CA  . ASP A 1 34  ? -0.481  3.937   -16.268 1.00 51.03 ? 32   ASP A CA  1 
ATOM   247  C C   . ASP A 1 34  ? 0.630   2.969   -15.909 1.00 50.48 ? 32   ASP A C   1 
ATOM   248  O O   . ASP A 1 34  ? 0.398   1.766   -15.841 1.00 50.37 ? 32   ASP A O   1 
ATOM   249  C CB  . ASP A 1 34  ? -0.049  5.406   -16.263 1.00 52.21 ? 32   ASP A CB  1 
ATOM   250  C CG  . ASP A 1 34  ? -1.170  6.359   -16.736 1.00 55.83 ? 32   ASP A CG  1 
ATOM   251  O OD1 . ASP A 1 34  ? -2.240  5.877   -17.209 1.00 58.65 ? 32   ASP A OD1 1 
ATOM   252  O OD2 . ASP A 1 34  ? -0.988  7.600   -16.627 1.00 59.61 ? 32   ASP A OD2 1 
ATOM   253  N N   . ARG A 1 35  ? 1.825   3.481   -15.667 1.00 50.53 ? 33   ARG A N   1 
ATOM   254  C CA  . ARG A 1 35  ? 2.961   2.655   -15.224 1.00 50.71 ? 33   ARG A CA  1 
ATOM   255  C C   . ARG A 1 35  ? 3.413   3.087   -13.813 1.00 49.28 ? 33   ARG A C   1 
ATOM   256  O O   . ARG A 1 35  ? 4.598   3.022   -13.467 1.00 49.35 ? 33   ARG A O   1 
ATOM   257  C CB  . ARG A 1 35  ? 4.118   2.721   -16.232 1.00 50.56 ? 33   ARG A CB  1 
ATOM   258  C CG  . ARG A 1 35  ? 3.748   2.173   -17.590 1.00 52.49 ? 33   ARG A CG  1 
ATOM   259  C CD  . ARG A 1 35  ? 4.806   2.393   -18.656 1.00 53.34 ? 33   ARG A CD  1 
ATOM   260  N NE  . ARG A 1 35  ? 4.343   1.775   -19.893 1.00 59.98 ? 33   ARG A NE  1 
ATOM   261  C CZ  . ARG A 1 35  ? 3.764   2.422   -20.907 1.00 63.73 ? 33   ARG A CZ  1 
ATOM   262  N NH1 . ARG A 1 35  ? 3.591   3.746   -20.882 1.00 64.69 ? 33   ARG A NH1 1 
ATOM   263  N NH2 . ARG A 1 35  ? 3.365   1.735   -21.971 1.00 65.23 ? 33   ARG A NH2 1 
ATOM   264  N N   . PHE A 1 36  ? 2.452   3.511   -13.003 1.00 48.17 ? 34   PHE A N   1 
ATOM   265  C CA  . PHE A 1 36  ? 2.724   3.955   -11.641 1.00 47.13 ? 34   PHE A CA  1 
ATOM   266  C C   . PHE A 1 36  ? 2.407   2.878   -10.627 1.00 46.32 ? 34   PHE A C   1 
ATOM   267  O O   . PHE A 1 36  ? 1.292   2.355   -10.578 1.00 45.92 ? 34   PHE A O   1 
ATOM   268  C CB  . PHE A 1 36  ? 1.895   5.191   -11.282 1.00 47.49 ? 34   PHE A CB  1 
ATOM   269  C CG  . PHE A 1 36  ? 2.195   6.388   -12.113 1.00 47.38 ? 34   PHE A CG  1 
ATOM   270  C CD1 . PHE A 1 36  ? 3.423   7.038   -12.002 1.00 47.82 ? 34   PHE A CD1 1 
ATOM   271  C CD2 . PHE A 1 36  ? 1.242   6.895   -12.974 1.00 47.89 ? 34   PHE A CD2 1 
ATOM   272  C CE1 . PHE A 1 36  ? 3.716   8.160   -12.752 1.00 46.95 ? 34   PHE A CE1 1 
ATOM   273  C CE2 . PHE A 1 36  ? 1.519   8.026   -13.737 1.00 50.33 ? 34   PHE A CE2 1 
ATOM   274  C CZ  . PHE A 1 36  ? 2.771   8.662   -13.624 1.00 48.67 ? 34   PHE A CZ  1 
ATOM   275  N N   . VAL A 1 37  ? 3.396   2.586   -9.793  1.00 45.59 ? 35   VAL A N   1 
ATOM   276  C CA  . VAL A 1 37  ? 3.264   1.618   -8.724  1.00 44.73 ? 35   VAL A CA  1 
ATOM   277  C C   . VAL A 1 37  ? 3.553   2.342   -7.396  1.00 44.11 ? 35   VAL A C   1 
ATOM   278  O O   . VAL A 1 37  ? 4.456   3.162   -7.308  1.00 44.37 ? 35   VAL A O   1 
ATOM   279  C CB  . VAL A 1 37  ? 4.219   0.417   -8.970  1.00 44.74 ? 35   VAL A CB  1 
ATOM   280  C CG1 . VAL A 1 37  ? 5.656   0.894   -9.014  1.00 46.55 ? 35   VAL A CG1 1 
ATOM   281  C CG2 . VAL A 1 37  ? 4.079   -0.660  -7.906  1.00 44.56 ? 35   VAL A CG2 1 
ATOM   282  N N   . VAL A 1 38  ? 2.747   2.077   -6.383  1.00 43.46 ? 36   VAL A N   1 
ATOM   283  C CA  . VAL A 1 38  ? 2.978   2.640   -5.078  1.00 43.50 ? 36   VAL A CA  1 
ATOM   284  C C   . VAL A 1 38  ? 3.735   1.595   -4.261  1.00 43.07 ? 36   VAL A C   1 
ATOM   285  O O   . VAL A 1 38  ? 3.446   0.408   -4.363  1.00 43.17 ? 36   VAL A O   1 
ATOM   286  C CB  . VAL A 1 38  ? 1.670   3.112   -4.370  1.00 43.87 ? 36   VAL A CB  1 
ATOM   287  C CG1 . VAL A 1 38  ? 0.756   1.963   -4.101  1.00 44.11 ? 36   VAL A CG1 1 
ATOM   288  C CG2 . VAL A 1 38  ? 2.007   3.789   -3.057  1.00 44.97 ? 36   VAL A CG2 1 
ATOM   289  N N   . VAL A 1 39  ? 4.744   2.044   -3.509  1.00 42.13 ? 37   VAL A N   1 
ATOM   290  C CA  . VAL A 1 39  ? 5.569   1.179   -2.671  1.00 41.29 ? 37   VAL A CA  1 
ATOM   291  C C   . VAL A 1 39  ? 5.925   1.914   -1.377  1.00 40.12 ? 37   VAL A C   1 
ATOM   292  O O   . VAL A 1 39  ? 6.047   3.141   -1.387  1.00 40.27 ? 37   VAL A O   1 
ATOM   293  C CB  . VAL A 1 39  ? 6.914   0.776   -3.383  1.00 41.66 ? 37   VAL A CB  1 
ATOM   294  C CG1 . VAL A 1 39  ? 6.652   0.145   -4.730  1.00 43.07 ? 37   VAL A CG1 1 
ATOM   295  C CG2 . VAL A 1 39  ? 7.788   1.949   -3.597  1.00 40.48 ? 37   VAL A CG2 1 
ATOM   296  N N   . PRO A 1 40  ? 6.111   1.186   -0.260  1.00 38.95 ? 38   PRO A N   1 
ATOM   297  C CA  . PRO A 1 40  ? 6.555   1.924   0.914   1.00 38.71 ? 38   PRO A CA  1 
ATOM   298  C C   . PRO A 1 40  ? 7.877   2.675   0.647   1.00 38.74 ? 38   PRO A C   1 
ATOM   299  O O   . PRO A 1 40  ? 8.764   2.167   -0.051  1.00 37.88 ? 38   PRO A O   1 
ATOM   300  C CB  . PRO A 1 40  ? 6.768   0.818   1.949   1.00 38.16 ? 38   PRO A CB  1 
ATOM   301  C CG  . PRO A 1 40  ? 5.896   -0.229  1.542   1.00 37.74 ? 38   PRO A CG  1 
ATOM   302  C CD  . PRO A 1 40  ? 5.939   -0.239  0.051   1.00 38.61 ? 38   PRO A CD  1 
ATOM   303  N N   . THR A 1 41  ? 7.975   3.887   1.190   1.00 39.51 ? 39   THR A N   1 
ATOM   304  C CA  . THR A 1 41  ? 9.150   4.747   1.053   1.00 40.41 ? 39   THR A CA  1 
ATOM   305  C C   . THR A 1 41  ? 10.374  4.063   1.643   1.00 41.37 ? 39   THR A C   1 
ATOM   306  O O   . THR A 1 41  ? 11.467  4.177   1.107   1.00 40.94 ? 39   THR A O   1 
ATOM   307  C CB  . THR A 1 41  ? 8.892   6.102   1.732   1.00 41.01 ? 39   THR A CB  1 
ATOM   308  O OG1 . THR A 1 41  ? 7.822   6.772   1.047   1.00 40.15 ? 39   THR A OG1 1 
ATOM   309  C CG2 . THR A 1 41  ? 10.141  6.994   1.727   1.00 40.90 ? 39   THR A CG2 1 
ATOM   310  N N   . HIS A 1 42  ? 10.166  3.297   2.711   1.00 42.83 ? 40   HIS A N   1 
ATOM   311  C CA  . HIS A 1 42  ? 11.244  2.554   3.333   1.00 44.91 ? 40   HIS A CA  1 
ATOM   312  C C   . HIS A 1 42  ? 11.845  1.446   2.496   1.00 46.50 ? 40   HIS A C   1 
ATOM   313  O O   . HIS A 1 42  ? 12.807  0.816   2.918   1.00 46.90 ? 40   HIS A O   1 
ATOM   314  C CB  . HIS A 1 42  ? 10.850  2.042   4.713   1.00 44.65 ? 40   HIS A CB  1 
ATOM   315  C CG  . HIS A 1 42  ? 11.006  3.074   5.776   1.00 45.70 ? 40   HIS A CG  1 
ATOM   316  N ND1 . HIS A 1 42  ? 10.218  4.204   5.833   1.00 47.53 ? 40   HIS A ND1 1 
ATOM   317  C CD2 . HIS A 1 42  ? 11.881  3.166   6.804   1.00 46.90 ? 40   HIS A CD2 1 
ATOM   318  C CE1 . HIS A 1 42  ? 10.609  4.952   6.851   1.00 50.63 ? 40   HIS A CE1 1 
ATOM   319  N NE2 . HIS A 1 42  ? 11.614  4.342   7.459   1.00 47.77 ? 40   HIS A NE2 1 
ATOM   320  N N   . ALA A 1 43  ? 11.270  1.191   1.330   1.00 48.33 ? 41   ALA A N   1 
ATOM   321  C CA  . ALA A 1 43  ? 11.845  0.216   0.433   1.00 50.68 ? 41   ALA A CA  1 
ATOM   322  C C   . ALA A 1 43  ? 13.132  0.847   -0.074  1.00 52.60 ? 41   ALA A C   1 
ATOM   323  O O   . ALA A 1 43  ? 14.096  0.143   -0.353  1.00 53.10 ? 41   ALA A O   1 
ATOM   324  C CB  . ALA A 1 43  ? 10.908  -0.090  -0.709  1.00 50.38 ? 41   ALA A CB  1 
ATOM   325  N N   . ASP A 1 44  ? 13.141  2.188   -0.130  1.00 54.80 ? 42   ASP A N   1 
ATOM   326  C CA  . ASP A 1 44  ? 14.275  3.003   -0.588  1.00 56.89 ? 42   ASP A CA  1 
ATOM   327  C C   . ASP A 1 44  ? 14.814  2.470   -1.929  1.00 57.63 ? 42   ASP A C   1 
ATOM   328  O O   . ASP A 1 44  ? 15.907  1.879   -1.998  1.00 57.46 ? 42   ASP A O   1 
ATOM   329  C CB  . ASP A 1 44  ? 15.361  3.113   0.497   1.00 57.32 ? 42   ASP A CB  1 
ATOM   330  C CG  . ASP A 1 44  ? 16.480  4.090   0.125   1.00 60.82 ? 42   ASP A CG  1 
ATOM   331  O OD1 . ASP A 1 44  ? 16.237  5.072   -0.640  1.00 63.26 ? 42   ASP A OD1 1 
ATOM   332  O OD2 . ASP A 1 44  ? 17.622  3.864   0.598   1.00 63.79 ? 42   ASP A OD2 1 
ATOM   333  N N   . PRO A 1 45  ? 14.019  2.655   -2.996  1.00 58.54 ? 43   PRO A N   1 
ATOM   334  C CA  . PRO A 1 45  ? 14.385  2.170   -4.317  1.00 59.36 ? 43   PRO A CA  1 
ATOM   335  C C   . PRO A 1 45  ? 15.459  3.003   -5.016  1.00 60.41 ? 43   PRO A C   1 
ATOM   336  O O   . PRO A 1 45  ? 15.429  4.240   -4.966  1.00 60.66 ? 43   PRO A O   1 
ATOM   337  C CB  . PRO A 1 45  ? 13.069  2.244   -5.093  1.00 59.12 ? 43   PRO A CB  1 
ATOM   338  C CG  . PRO A 1 45  ? 12.286  3.295   -4.430  1.00 58.70 ? 43   PRO A CG  1 
ATOM   339  C CD  . PRO A 1 45  ? 12.703  3.328   -2.995  1.00 58.63 ? 43   PRO A CD  1 
ATOM   340  N N   . GLY A 1 46  ? 16.398  2.309   -5.656  1.00 61.42 ? 44   GLY A N   1 
ATOM   341  C CA  . GLY A 1 46  ? 17.449  2.946   -6.431  1.00 62.72 ? 44   GLY A CA  1 
ATOM   342  C C   . GLY A 1 46  ? 16.927  3.375   -7.798  1.00 63.63 ? 44   GLY A C   1 
ATOM   343  O O   . GLY A 1 46  ? 15.725  3.634   -7.974  1.00 63.40 ? 44   GLY A O   1 
ATOM   344  N N   . LYS A 1 47  ? 17.840  3.436   -8.768  1.00 64.30 ? 45   LYS A N   1 
ATOM   345  C CA  . LYS A 1 47  ? 17.526  3.830   -10.140 1.00 64.94 ? 45   LYS A CA  1 
ATOM   346  C C   . LYS A 1 47  ? 16.969  2.612   -10.880 1.00 64.52 ? 45   LYS A C   1 
ATOM   347  O O   . LYS A 1 47  ? 16.219  2.724   -11.846 1.00 63.92 ? 45   LYS A O   1 
ATOM   348  C CB  . LYS A 1 47  ? 18.782  4.415   -10.807 1.00 65.23 ? 45   LYS A CB  1 
ATOM   349  C CG  . LYS A 1 47  ? 19.456  5.473   -9.916  1.00 66.65 ? 45   LYS A CG  1 
ATOM   350  C CD  . LYS A 1 47  ? 20.508  6.373   -10.590 1.00 66.32 ? 45   LYS A CD  1 
ATOM   351  C CE  . LYS A 1 47  ? 20.997  7.459   -9.566  1.00 68.10 ? 45   LYS A CE  1 
ATOM   352  N NZ  . LYS A 1 47  ? 21.890  8.556   -10.097 1.00 67.76 ? 45   LYS A NZ  1 
ATOM   353  N N   . GLU A 1 48  ? 17.359  1.444   -10.381 1.00 65.02 ? 46   GLU A N   1 
ATOM   354  C CA  . GLU A 1 48  ? 16.904  0.149   -10.857 1.00 65.10 ? 46   GLU A CA  1 
ATOM   355  C C   . GLU A 1 48  ? 16.343  -0.615  -9.644  1.00 64.19 ? 46   GLU A C   1 
ATOM   356  O O   . GLU A 1 48  ? 16.868  -0.491  -8.533  1.00 64.02 ? 46   GLU A O   1 
ATOM   357  C CB  . GLU A 1 48  ? 18.060  -0.671  -11.469 1.00 65.70 ? 46   GLU A CB  1 
ATOM   358  C CG  . GLU A 1 48  ? 18.452  -0.409  -12.961 1.00 68.88 ? 46   GLU A CG  1 
ATOM   359  C CD  . GLU A 1 48  ? 19.474  0.733   -13.206 1.00 73.97 ? 46   GLU A CD  1 
ATOM   360  O OE1 . GLU A 1 48  ? 20.313  1.046   -12.309 1.00 75.51 ? 46   GLU A OE1 1 
ATOM   361  O OE2 . GLU A 1 48  ? 19.443  1.312   -14.327 1.00 74.21 ? 46   GLU A OE2 1 
ATOM   362  N N   . ILE A 1 49  ? 15.265  -1.374  -9.853  1.00 62.92 ? 47   ILE A N   1 
ATOM   363  C CA  . ILE A 1 49  ? 14.700  -2.263  -8.822  1.00 61.63 ? 47   ILE A CA  1 
ATOM   364  C C   . ILE A 1 49  ? 14.337  -3.578  -9.477  1.00 61.00 ? 47   ILE A C   1 
ATOM   365  O O   . ILE A 1 49  ? 14.435  -3.705  -10.678 1.00 61.24 ? 47   ILE A O   1 
ATOM   366  C CB  . ILE A 1 49  ? 13.397  -1.707  -8.180  1.00 61.53 ? 47   ILE A CB  1 
ATOM   367  C CG1 . ILE A 1 49  ? 12.379  -1.381  -9.270  1.00 60.32 ? 47   ILE A CG1 1 
ATOM   368  C CG2 . ILE A 1 49  ? 13.689  -0.512  -7.262  1.00 61.33 ? 47   ILE A CG2 1 
ATOM   369  C CD1 . ILE A 1 49  ? 10.979  -1.253  -8.769  1.00 61.98 ? 47   ILE A CD1 1 
ATOM   370  N N   . GLN A 1 50  ? 13.915  -4.559  -8.702  1.00 60.69 ? 48   GLN A N   1 
ATOM   371  C CA  . GLN A 1 50  ? 13.423  -5.797  -9.295  1.00 60.97 ? 48   GLN A CA  1 
ATOM   372  C C   . GLN A 1 50  ? 11.922  -5.941  -9.100  1.00 60.59 ? 48   GLN A C   1 
ATOM   373  O O   . GLN A 1 50  ? 11.431  -5.826  -7.988  1.00 60.57 ? 48   GLN A O   1 
ATOM   374  C CB  . GLN A 1 50  ? 14.139  -7.024  -8.740  1.00 61.19 ? 48   GLN A CB  1 
ATOM   375  C CG  . GLN A 1 50  ? 15.493  -7.287  -9.367  1.00 63.11 ? 48   GLN A CG  1 
ATOM   376  C CD  . GLN A 1 50  ? 15.985  -8.679  -9.033  1.00 67.42 ? 48   GLN A CD  1 
ATOM   377  O OE1 . GLN A 1 50  ? 15.678  -9.218  -7.959  1.00 68.55 ? 48   GLN A OE1 1 
ATOM   378  N NE2 . GLN A 1 50  ? 16.744  -9.283  -9.956  1.00 68.32 ? 48   GLN A NE2 1 
ATOM   379  N N   . VAL A 1 51  ? 11.212  -6.195  -10.191 1.00 60.46 ? 49   VAL A N   1 
ATOM   380  C CA  . VAL A 1 51  ? 9.765   -6.386  -10.183 1.00 60.58 ? 49   VAL A CA  1 
ATOM   381  C C   . VAL A 1 51  ? 9.471   -7.838  -10.540 1.00 60.68 ? 49   VAL A C   1 
ATOM   382  O O   . VAL A 1 51  ? 9.632   -8.239  -11.694 1.00 60.45 ? 49   VAL A O   1 
ATOM   383  C CB  . VAL A 1 51  ? 9.089   -5.458  -11.214 1.00 60.69 ? 49   VAL A CB  1 
ATOM   384  C CG1 . VAL A 1 51  ? 7.566   -5.623  -11.193 1.00 60.33 ? 49   VAL A CG1 1 
ATOM   385  C CG2 . VAL A 1 51  ? 9.498   -4.010  -10.969 1.00 60.73 ? 49   VAL A CG2 1 
ATOM   386  N N   . ASP A 1 52  ? 9.029   -8.612  -9.550  1.00 61.24 ? 50   ASP A N   1 
ATOM   387  C CA  . ASP A 1 52  ? 8.768   -10.056 -9.715  1.00 62.21 ? 50   ASP A CA  1 
ATOM   388  C C   . ASP A 1 52  ? 10.016  -10.752 -10.270 1.00 62.57 ? 50   ASP A C   1 
ATOM   389  O O   . ASP A 1 52  ? 9.924   -11.577 -11.176 1.00 63.04 ? 50   ASP A O   1 
ATOM   390  C CB  . ASP A 1 52  ? 7.526   -10.343 -10.593 1.00 62.29 ? 50   ASP A CB  1 
ATOM   391  C CG  . ASP A 1 52  ? 6.194   -9.888  -9.939  1.00 62.78 ? 50   ASP A CG  1 
ATOM   392  O OD1 . ASP A 1 52  ? 6.027   -9.992  -8.696  1.00 61.13 ? 50   ASP A OD1 1 
ATOM   393  O OD2 . ASP A 1 52  ? 5.295   -9.450  -10.697 1.00 62.77 ? 50   ASP A OD2 1 
ATOM   394  N N   . GLY A 1 53  ? 11.178  -10.371 -9.734  1.00 62.89 ? 51   GLY A N   1 
ATOM   395  C CA  . GLY A 1 53  ? 12.469  -10.934 -10.127 1.00 63.29 ? 51   GLY A CA  1 
ATOM   396  C C   . GLY A 1 53  ? 13.163  -10.329 -11.345 1.00 63.57 ? 51   GLY A C   1 
ATOM   397  O O   . GLY A 1 53  ? 14.258  -10.771 -11.695 1.00 63.66 ? 51   GLY A O   1 
ATOM   398  N N   . ILE A 1 54  ? 12.564  -9.305  -11.963 1.00 63.69 ? 52   ILE A N   1 
ATOM   399  C CA  . ILE A 1 54  ? 13.095  -8.690  -13.192 1.00 64.10 ? 52   ILE A CA  1 
ATOM   400  C C   . ILE A 1 54  ? 13.551  -7.227  -13.055 1.00 64.27 ? 52   ILE A C   1 
ATOM   401  O O   . ILE A 1 54  ? 12.731  -6.326  -12.844 1.00 64.24 ? 52   ILE A O   1 
ATOM   402  C CB  . ILE A 1 54  ? 12.048  -8.782  -14.331 1.00 64.12 ? 52   ILE A CB  1 
ATOM   403  C CG1 . ILE A 1 54  ? 11.613  -10.241 -14.543 1.00 64.52 ? 52   ILE A CG1 1 
ATOM   404  C CG2 . ILE A 1 54  ? 12.587  -8.152  -15.620 1.00 64.39 ? 52   ILE A CG2 1 
ATOM   405  C CD1 . ILE A 1 54  ? 10.570  -10.437 -15.629 1.00 64.67 ? 52   ILE A CD1 1 
ATOM   406  N N   . THR A 1 55  ? 14.852  -6.999  -13.230 1.00 64.49 ? 53   THR A N   1 
ATOM   407  C CA  . THR A 1 55  ? 15.456  -5.673  -13.094 1.00 64.88 ? 53   THR A CA  1 
ATOM   408  C C   . THR A 1 55  ? 14.779  -4.647  -13.994 1.00 65.49 ? 53   THR A C   1 
ATOM   409  O O   . THR A 1 55  ? 14.836  -4.734  -15.219 1.00 65.87 ? 53   THR A O   1 
ATOM   410  C CB  . THR A 1 55  ? 17.002  -5.684  -13.318 1.00 64.78 ? 53   THR A CB  1 
ATOM   411  O OG1 . THR A 1 55  ? 17.597  -6.730  -12.548 1.00 63.92 ? 53   THR A OG1 1 
ATOM   412  C CG2 . THR A 1 55  ? 17.627  -4.342  -12.888 1.00 64.91 ? 53   THR A CG2 1 
ATOM   413  N N   . THR A 1 56  ? 14.143  -3.667  -13.359 1.00 65.98 ? 54   THR A N   1 
ATOM   414  C CA  . THR A 1 56  ? 13.392  -2.643  -14.053 1.00 66.33 ? 54   THR A CA  1 
ATOM   415  C C   . THR A 1 56  ? 13.961  -1.299  -13.678 1.00 66.55 ? 54   THR A C   1 
ATOM   416  O O   . THR A 1 56  ? 14.323  -1.067  -12.523 1.00 66.76 ? 54   THR A O   1 
ATOM   417  C CB  . THR A 1 56  ? 11.896  -2.710  -13.643 1.00 66.57 ? 54   THR A CB  1 
ATOM   418  O OG1 . THR A 1 56  ? 11.418  -4.056  -13.790 1.00 67.96 ? 54   THR A OG1 1 
ATOM   419  C CG2 . THR A 1 56  ? 11.022  -1.751  -14.472 1.00 65.59 ? 54   THR A CG2 1 
ATOM   420  N N   . LYS A 1 57  ? 14.031  -0.413  -14.661 1.00 66.75 ? 55   LYS A N   1 
ATOM   421  C CA  . LYS A 1 57  ? 14.549  0.929   -14.459 1.00 67.43 ? 55   LYS A CA  1 
ATOM   422  C C   . LYS A 1 57  ? 13.394  1.825   -14.004 1.00 66.65 ? 55   LYS A C   1 
ATOM   423  O O   . LYS A 1 57  ? 12.341  1.848   -14.659 1.00 66.84 ? 55   LYS A O   1 
ATOM   424  C CB  . LYS A 1 57  ? 15.130  1.434   -15.777 1.00 67.53 ? 55   LYS A CB  1 
ATOM   425  C CG  . LYS A 1 57  ? 15.872  2.754   -15.716 1.00 69.09 ? 55   LYS A CG  1 
ATOM   426  C CD  . LYS A 1 57  ? 16.282  3.175   -17.137 1.00 69.48 ? 55   LYS A CD  1 
ATOM   427  C CE  . LYS A 1 57  ? 17.031  4.521   -17.151 1.00 72.72 ? 55   LYS A CE  1 
ATOM   428  N NZ  . LYS A 1 57  ? 17.247  5.005   -18.550 1.00 73.04 ? 55   LYS A NZ  1 
ATOM   429  N N   . VAL A 1 58  ? 13.571  2.529   -12.877 1.00 65.37 ? 56   VAL A N   1 
ATOM   430  C CA  . VAL A 1 58  ? 12.525  3.428   -12.397 1.00 64.30 ? 56   VAL A CA  1 
ATOM   431  C C   . VAL A 1 58  ? 12.789  4.776   -13.039 1.00 63.44 ? 56   VAL A C   1 
ATOM   432  O O   . VAL A 1 58  ? 13.868  5.349   -12.882 1.00 63.55 ? 56   VAL A O   1 
ATOM   433  C CB  . VAL A 1 58  ? 12.388  3.526   -10.823 1.00 64.34 ? 56   VAL A CB  1 
ATOM   434  C CG1 . VAL A 1 58  ? 12.602  2.180   -10.170 1.00 63.29 ? 56   VAL A CG1 1 
ATOM   435  C CG2 . VAL A 1 58  ? 13.338  4.537   -10.208 1.00 65.08 ? 56   VAL A CG2 1 
ATOM   436  N N   . ILE A 1 59  ? 11.811  5.261   -13.787 1.00 62.38 ? 57   ILE A N   1 
ATOM   437  C CA  . ILE A 1 59  ? 11.947  6.524   -14.495 1.00 61.64 ? 57   ILE A CA  1 
ATOM   438  C C   . ILE A 1 59  ? 11.891  7.705   -13.518 1.00 61.44 ? 57   ILE A C   1 
ATOM   439  O O   . ILE A 1 59  ? 12.872  8.449   -13.373 1.00 61.49 ? 57   ILE A O   1 
ATOM   440  C CB  . ILE A 1 59  ? 10.894  6.638   -15.625 1.00 61.64 ? 57   ILE A CB  1 
ATOM   441  C CG1 . ILE A 1 59  ? 11.060  5.465   -16.605 1.00 60.71 ? 57   ILE A CG1 1 
ATOM   442  C CG2 . ILE A 1 59  ? 11.020  7.987   -16.345 1.00 61.28 ? 57   ILE A CG2 1 
ATOM   443  C CD1 . ILE A 1 59  ? 9.810   5.128   -17.432 1.00 61.40 ? 57   ILE A CD1 1 
ATOM   444  N N   . ASP A 1 60  ? 10.748  7.864   -12.856 1.00 60.60 ? 58   ASP A N   1 
ATOM   445  C CA  . ASP A 1 60  ? 10.550  8.928   -11.875 1.00 59.87 ? 58   ASP A CA  1 
ATOM   446  C C   . ASP A 1 60  ? 10.117  8.347   -10.529 1.00 58.33 ? 58   ASP A C   1 
ATOM   447  O O   . ASP A 1 60  ? 9.642   7.214   -10.442 1.00 57.33 ? 58   ASP A O   1 
ATOM   448  C CB  . ASP A 1 60  ? 9.538   9.948   -12.398 1.00 60.46 ? 58   ASP A CB  1 
ATOM   449  C CG  . ASP A 1 60  ? 10.065  10.737  -13.599 1.00 63.62 ? 58   ASP A CG  1 
ATOM   450  O OD1 . ASP A 1 60  ? 11.182  11.306  -13.512 1.00 66.67 ? 58   ASP A OD1 1 
ATOM   451  O OD2 . ASP A 1 60  ? 9.349   10.819  -14.626 1.00 66.72 ? 58   ASP A OD2 1 
ATOM   452  N N   . SER A 1 61  ? 10.270  9.147   -9.483  1.00 56.92 ? 59   SER A N   1 
ATOM   453  C CA  . SER A 1 61  ? 9.967   8.717   -8.128  1.00 55.56 ? 59   SER A CA  1 
ATOM   454  C C   . SER A 1 61  ? 9.366   9.891   -7.373  1.00 54.10 ? 59   SER A C   1 
ATOM   455  O O   . SER A 1 61  ? 9.941   10.974  -7.352  1.00 54.23 ? 59   SER A O   1 
ATOM   456  C CB  . SER A 1 61  ? 11.262  8.216   -7.489  1.00 55.70 ? 59   SER A CB  1 
ATOM   457  O OG  . SER A 1 61  ? 11.089  7.779   -6.166  1.00 57.83 ? 59   SER A OG  1 
ATOM   458  N N   . TYR A 1 62  ? 8.201   9.686   -6.761  1.00 52.42 ? 60   TYR A N   1 
ATOM   459  C CA  . TYR A 1 62  ? 7.506   10.770  -6.055  1.00 50.45 ? 60   TYR A CA  1 
ATOM   460  C C   . TYR A 1 62  ? 7.036   10.412  -4.651  1.00 48.59 ? 60   TYR A C   1 
ATOM   461  O O   . TYR A 1 62  ? 6.121   9.604   -4.492  1.00 47.72 ? 60   TYR A O   1 
ATOM   462  C CB  . TYR A 1 62  ? 6.261   11.213  -6.843  1.00 51.42 ? 60   TYR A CB  1 
ATOM   463  C CG  . TYR A 1 62  ? 6.494   11.595  -8.286  1.00 52.04 ? 60   TYR A CG  1 
ATOM   464  C CD1 . TYR A 1 62  ? 6.795   12.922  -8.636  1.00 54.79 ? 60   TYR A CD1 1 
ATOM   465  C CD2 . TYR A 1 62  ? 6.385   10.645  -9.300  1.00 52.06 ? 60   TYR A CD2 1 
ATOM   466  C CE1 . TYR A 1 62  ? 7.002   13.298  -9.966  1.00 54.41 ? 60   TYR A CE1 1 
ATOM   467  C CE2 . TYR A 1 62  ? 6.577   10.991  -10.631 1.00 54.17 ? 60   TYR A CE2 1 
ATOM   468  C CZ  . TYR A 1 62  ? 6.894   12.321  -10.968 1.00 55.19 ? 60   TYR A CZ  1 
ATOM   469  O OH  . TYR A 1 62  ? 7.098   12.667  -12.288 1.00 53.48 ? 60   TYR A OH  1 
ATOM   470  N N   . ASP A 1 63  ? 7.640   11.026  -3.636  1.00 46.26 ? 61   ASP A N   1 
ATOM   471  C CA  . ASP A 1 63  ? 7.189   10.820  -2.258  1.00 44.53 ? 61   ASP A CA  1 
ATOM   472  C C   . ASP A 1 63  ? 5.840   11.520  -2.060  1.00 42.17 ? 61   ASP A C   1 
ATOM   473  O O   . ASP A 1 63  ? 5.646   12.621  -2.524  1.00 42.17 ? 61   ASP A O   1 
ATOM   474  C CB  . ASP A 1 63  ? 8.207   11.351  -1.257  1.00 45.11 ? 61   ASP A CB  1 
ATOM   475  C CG  . ASP A 1 63  ? 9.503   10.561  -1.270  1.00 48.65 ? 61   ASP A CG  1 
ATOM   476  O OD1 . ASP A 1 63  ? 9.596   9.531   -1.973  1.00 52.07 ? 61   ASP A OD1 1 
ATOM   477  O OD2 . ASP A 1 63  ? 10.448  10.966  -0.573  1.00 52.90 ? 61   ASP A OD2 1 
ATOM   478  N N   . LEU A 1 64  ? 4.896   10.848  -1.423  1.00 39.46 ? 62   LEU A N   1 
ATOM   479  C CA  . LEU A 1 64  ? 3.606   11.432  -1.187  1.00 36.81 ? 62   LEU A CA  1 
ATOM   480  C C   . LEU A 1 64  ? 3.554   12.093  0.191   1.00 35.73 ? 62   LEU A C   1 
ATOM   481  O O   . LEU A 1 64  ? 4.150   11.601  1.169   1.00 33.78 ? 62   LEU A O   1 
ATOM   482  C CB  . LEU A 1 64  ? 2.492   10.407  -1.370  1.00 36.43 ? 62   LEU A CB  1 
ATOM   483  C CG  . LEU A 1 64  ? 2.310   9.829   -2.774  1.00 36.31 ? 62   LEU A CG  1 
ATOM   484  C CD1 . LEU A 1 64  ? 1.191   8.802   -2.791  1.00 35.32 ? 62   LEU A CD1 1 
ATOM   485  C CD2 . LEU A 1 64  ? 2.065   10.896  -3.842  1.00 36.42 ? 62   LEU A CD2 1 
ATOM   486  N N   . TYR A 1 65  ? 2.811   13.207  0.233   1.00 34.92 ? 63   TYR A N   1 
ATOM   487  C CA  . TYR A 1 65  ? 2.651   14.067  1.418   1.00 34.14 ? 63   TYR A CA  1 
ATOM   488  C C   . TYR A 1 65  ? 1.210   14.439  1.604   1.00 33.24 ? 63   TYR A C   1 
ATOM   489  O O   . TYR A 1 65  ? 0.485   14.606  0.626   1.00 32.56 ? 63   TYR A O   1 
ATOM   490  C CB  . TYR A 1 65  ? 3.420   15.378  1.217   1.00 34.64 ? 63   TYR A CB  1 
ATOM   491  C CG  . TYR A 1 65  ? 4.925   15.279  1.117   1.00 34.53 ? 63   TYR A CG  1 
ATOM   492  C CD1 . TYR A 1 65  ? 5.547   14.862  -0.055  1.00 34.56 ? 63   TYR A CD1 1 
ATOM   493  C CD2 . TYR A 1 65  ? 5.731   15.638  2.197   1.00 36.21 ? 63   TYR A CD2 1 
ATOM   494  C CE1 . TYR A 1 65  ? 6.948   14.812  -0.156  1.00 36.36 ? 63   TYR A CE1 1 
ATOM   495  C CE2 . TYR A 1 65  ? 7.146   15.585  2.114   1.00 34.64 ? 63   TYR A CE2 1 
ATOM   496  C CZ  . TYR A 1 65  ? 7.740   15.169  0.942   1.00 37.89 ? 63   TYR A CZ  1 
ATOM   497  O OH  . TYR A 1 65  ? 9.129   15.101  0.866   1.00 37.93 ? 63   TYR A OH  1 
ATOM   498  N N   . ASN A 1 66  ? 0.792   14.578  2.862   1.00 33.59 ? 64   ASN A N   1 
ATOM   499  C CA  . ASN A 1 66  ? -0.582  14.978  3.181   1.00 33.52 ? 64   ASN A CA  1 
ATOM   500  C C   . ASN A 1 66  ? -0.790  16.516  3.151   1.00 33.47 ? 64   ASN A C   1 
ATOM   501  O O   . ASN A 1 66  ? 0.129   17.274  2.832   1.00 33.34 ? 64   ASN A O   1 
ATOM   502  C CB  . ASN A 1 66  ? -1.073  14.334  4.494   1.00 33.06 ? 64   ASN A CB  1 
ATOM   503  C CG  . ASN A 1 66  ? -0.682  15.118  5.773   1.00 34.26 ? 64   ASN A CG  1 
ATOM   504  O OD1 . ASN A 1 66  ? 0.290   15.894  5.827   1.00 33.37 ? 64   ASN A OD1 1 
ATOM   505  N ND2 . ASN A 1 66  ? -1.446  14.866  6.833   1.00 33.98 ? 64   ASN A ND2 1 
ATOM   506  N N   . LYS A 1 67  ? -1.997  16.943  3.502   1.00 33.90 ? 65   LYS A N   1 
ATOM   507  C CA  . LYS A 1 67  ? -2.448  18.334  3.449   1.00 34.36 ? 65   LYS A CA  1 
ATOM   508  C C   . LYS A 1 67  ? -1.533  19.277  4.227   1.00 33.80 ? 65   LYS A C   1 
ATOM   509  O O   . LYS A 1 67  ? -1.283  20.375  3.786   1.00 33.62 ? 65   LYS A O   1 
ATOM   510  C CB  . LYS A 1 67  ? -3.927  18.429  3.901   1.00 35.08 ? 65   LYS A CB  1 
ATOM   511  C CG  . LYS A 1 67  ? -4.210  17.925  5.335   1.00 36.29 ? 65   LYS A CG  1 
ATOM   512  C CD  . LYS A 1 67  ? -5.678  17.952  5.701   1.00 36.10 ? 65   LYS A CD  1 
ATOM   513  C CE  . LYS A 1 67  ? -5.915  17.512  7.166   1.00 40.73 ? 65   LYS A CE  1 
ATOM   514  N NZ  . LYS A 1 67  ? -7.355  17.609  7.657   1.00 41.53 ? 65   LYS A NZ  1 
ATOM   515  N N   . ASN A 1 68  ? -0.997  18.796  5.348   1.00 33.72 ? 66   ASN A N   1 
ATOM   516  C CA  . ASN A 1 68  ? -0.075  19.529  6.225   1.00 33.18 ? 66   ASN A CA  1 
ATOM   517  C C   . ASN A 1 68  ? 1.424   19.349  5.890   1.00 32.96 ? 66   ASN A C   1 
ATOM   518  O O   . ASN A 1 68  ? 2.297   19.780  6.649   1.00 32.89 ? 66   ASN A O   1 
ATOM   519  C CB  . ASN A 1 68  ? -0.338  19.138  7.680   1.00 33.12 ? 66   ASN A CB  1 
ATOM   520  C CG  . ASN A 1 68  ? -1.739  19.558  8.162   1.00 35.59 ? 66   ASN A CG  1 
ATOM   521  O OD1 . ASN A 1 68  ? -2.284  20.575  7.718   1.00 39.30 ? 66   ASN A OD1 1 
ATOM   522  N ND2 . ASN A 1 68  ? -2.316  18.787  9.077   1.00 35.32 ? 66   ASN A ND2 1 
ATOM   523  N N   . GLY A 1 69  ? 1.713   18.745  4.744   1.00 32.31 ? 67   GLY A N   1 
ATOM   524  C CA  . GLY A 1 69  ? 3.087   18.513  4.297   1.00 32.64 ? 67   GLY A CA  1 
ATOM   525  C C   . GLY A 1 69  ? 3.850   17.423  5.043   1.00 33.00 ? 67   GLY A C   1 
ATOM   526  O O   . GLY A 1 69  ? 5.050   17.498  5.165   1.00 32.58 ? 67   GLY A O   1 
ATOM   527  N N   . ILE A 1 70  ? 3.151   16.441  5.589   1.00 33.67 ? 68   ILE A N   1 
ATOM   528  C CA  . ILE A 1 70  ? 3.815   15.342  6.283   1.00 34.58 ? 68   ILE A CA  1 
ATOM   529  C C   . ILE A 1 70  ? 3.889   14.158  5.320   1.00 34.86 ? 68   ILE A C   1 
ATOM   530  O O   . ILE A 1 70  ? 2.867   13.799  4.705   1.00 33.93 ? 68   ILE A O   1 
ATOM   531  C CB  . ILE A 1 70  ? 3.002   14.893  7.535   1.00 35.51 ? 68   ILE A CB  1 
ATOM   532  C CG1 . ILE A 1 70  ? 2.764   16.069  8.517   1.00 34.55 ? 68   ILE A CG1 1 
ATOM   533  C CG2 . ILE A 1 70  ? 3.631   13.622  8.185   1.00 34.28 ? 68   ILE A CG2 1 
ATOM   534  C CD1 . ILE A 1 70  ? 3.991   16.707  9.019   1.00 35.95 ? 68   ILE A CD1 1 
ATOM   535  N N   . LYS A 1 71  ? 5.075   13.560  5.196   1.00 35.89 ? 69   LYS A N   1 
ATOM   536  C CA  . LYS A 1 71  ? 5.251   12.351  4.340   1.00 37.04 ? 69   LYS A CA  1 
ATOM   537  C C   . LYS A 1 71  ? 4.328   11.175  4.684   1.00 35.98 ? 69   LYS A C   1 
ATOM   538  O O   . LYS A 1 71  ? 4.198   10.806  5.842   1.00 35.12 ? 69   LYS A O   1 
ATOM   539  C CB  . LYS A 1 71  ? 6.709   11.866  4.315   1.00 37.92 ? 69   LYS A CB  1 
ATOM   540  C CG  . LYS A 1 71  ? 7.586   12.730  3.470   1.00 41.78 ? 69   LYS A CG  1 
ATOM   541  C CD  . LYS A 1 71  ? 8.819   12.026  2.866   1.00 48.18 ? 69   LYS A CD  1 
ATOM   542  C CE  . LYS A 1 71  ? 10.008  12.010  3.784   1.00 51.66 ? 69   LYS A CE  1 
ATOM   543  N NZ  . LYS A 1 71  ? 11.267  11.905  2.939   1.00 54.55 ? 69   LYS A NZ  1 
ATOM   544  N N   . LEU A 1 72  ? 3.669   10.608  3.677   1.00 36.44 ? 70   LEU A N   1 
ATOM   545  C CA  . LEU A 1 72  ? 2.804   9.444   3.926   1.00 37.70 ? 70   LEU A CA  1 
ATOM   546  C C   . LEU A 1 72  ? 3.553   8.137   4.253   1.00 37.75 ? 70   LEU A C   1 
ATOM   547  O O   . LEU A 1 72  ? 3.001   7.255   4.930   1.00 37.41 ? 70   LEU A O   1 
ATOM   548  C CB  . LEU A 1 72  ? 1.904   9.136   2.733   1.00 38.18 ? 70   LEU A CB  1 
ATOM   549  C CG  . LEU A 1 72  ? 0.849   10.087  2.182   1.00 39.74 ? 70   LEU A CG  1 
ATOM   550  C CD1 . LEU A 1 72  ? -0.160  9.155   1.504   1.00 37.98 ? 70   LEU A CD1 1 
ATOM   551  C CD2 . LEU A 1 72  ? 0.199   10.869  3.273   1.00 39.20 ? 70   LEU A CD2 1 
ATOM   552  N N   . GLU A 1 73  ? 4.779   8.009   3.735   1.00 37.18 ? 71   GLU A N   1 
ATOM   553  C CA  . GLU A 1 73  ? 5.591   6.794   3.900   1.00 37.68 ? 71   GLU A CA  1 
ATOM   554  C C   . GLU A 1 73  ? 5.385   5.743   2.794   1.00 36.63 ? 71   GLU A C   1 
ATOM   555  O O   . GLU A 1 73  ? 5.775   4.568   2.901   1.00 36.50 ? 71   GLU A O   1 
ATOM   556  C CB  . GLU A 1 73  ? 5.512   6.231   5.317   1.00 37.92 ? 71   GLU A CB  1 
ATOM   557  C CG  . GLU A 1 73  ? 6.011   7.244   6.383   1.00 41.02 ? 71   GLU A CG  1 
ATOM   558  C CD  . GLU A 1 73  ? 7.413   7.819   6.112   1.00 46.17 ? 71   GLU A CD  1 
ATOM   559  O OE1 . GLU A 1 73  ? 8.097   7.405   5.144   1.00 49.04 ? 71   GLU A OE1 1 
ATOM   560  O OE2 . GLU A 1 73  ? 7.843   8.721   6.864   1.00 48.09 ? 71   GLU A OE2 1 
ATOM   561  N N   . ILE A 1 74  ? 4.765   6.238   1.728   1.00 35.41 ? 72   ILE A N   1 
ATOM   562  C CA  . ILE A 1 74  ? 4.584   5.567   0.466   1.00 35.07 ? 72   ILE A CA  1 
ATOM   563  C C   . ILE A 1 74  ? 5.103   6.530   -0.618  1.00 35.51 ? 72   ILE A C   1 
ATOM   564  O O   . ILE A 1 74  ? 5.037   7.756   -0.488  1.00 34.11 ? 72   ILE A O   1 
ATOM   565  C CB  . ILE A 1 74  ? 3.121   5.080   0.170   1.00 34.65 ? 72   ILE A CB  1 
ATOM   566  C CG1 . ILE A 1 74  ? 2.103   6.216   0.300   1.00 35.70 ? 72   ILE A CG1 1 
ATOM   567  C CG2 . ILE A 1 74  ? 2.716   3.921   1.107   1.00 34.08 ? 72   ILE A CG2 1 
ATOM   568  C CD1 . ILE A 1 74  ? 0.661   5.776   0.013   1.00 35.58 ? 72   ILE A CD1 1 
ATOM   569  N N   . THR A 1 75  ? 5.676   5.935   -1.656  1.00 36.29 ? 73   THR A N   1 
ATOM   570  C CA  . THR A 1 75  ? 6.224   6.642   -2.784  1.00 36.91 ? 73   THR A CA  1 
ATOM   571  C C   . THR A 1 75  ? 5.617   6.041   -4.041  1.00 37.62 ? 73   THR A C   1 
ATOM   572  O O   . THR A 1 75  ? 5.232   4.853   -4.054  1.00 37.04 ? 73   THR A O   1 
ATOM   573  C CB  . THR A 1 75  ? 7.765   6.514   -2.793  1.00 36.95 ? 73   THR A CB  1 
ATOM   574  O OG1 . THR A 1 75  ? 8.295   7.208   -1.663  1.00 35.69 ? 73   THR A OG1 1 
ATOM   575  C CG2 . THR A 1 75  ? 8.388   7.098   -4.054  1.00 37.14 ? 73   THR A CG2 1 
ATOM   576  N N   . VAL A 1 76  ? 5.487   6.876   -5.069  1.00 38.01 ? 74   VAL A N   1 
ATOM   577  C CA  . VAL A 1 76  ? 4.978   6.432   -6.350  1.00 39.97 ? 74   VAL A CA  1 
ATOM   578  C C   . VAL A 1 76  ? 6.150   6.334   -7.333  1.00 41.10 ? 74   VAL A C   1 
ATOM   579  O O   . VAL A 1 76  ? 6.916   7.276   -7.504  1.00 40.95 ? 74   VAL A O   1 
ATOM   580  C CB  . VAL A 1 76  ? 3.856   7.359   -6.874  1.00 40.05 ? 74   VAL A CB  1 
ATOM   581  C CG1 . VAL A 1 76  ? 3.464   7.013   -8.335  1.00 39.26 ? 74   VAL A CG1 1 
ATOM   582  C CG2 . VAL A 1 76  ? 2.668   7.268   -5.958  1.00 40.23 ? 74   VAL A CG2 1 
ATOM   583  N N   . LEU A 1 77  ? 6.299   5.168   -7.943  1.00 43.20 ? 75   LEU A N   1 
ATOM   584  C CA  . LEU A 1 77  ? 7.377   4.941   -8.903  1.00 45.54 ? 75   LEU A CA  1 
ATOM   585  C C   . LEU A 1 77  ? 6.808   4.846   -10.297 1.00 47.65 ? 75   LEU A C   1 
ATOM   586  O O   . LEU A 1 77  ? 5.752   4.237   -10.487 1.00 48.04 ? 75   LEU A O   1 
ATOM   587  C CB  . LEU A 1 77  ? 8.097   3.631   -8.593  1.00 44.63 ? 75   LEU A CB  1 
ATOM   588  C CG  . LEU A 1 77  ? 8.611   3.395   -7.183  1.00 43.39 ? 75   LEU A CG  1 
ATOM   589  C CD1 . LEU A 1 77  ? 9.121   1.963   -7.085  1.00 43.48 ? 75   LEU A CD1 1 
ATOM   590  C CD2 . LEU A 1 77  ? 9.696   4.412   -6.809  1.00 41.11 ? 75   LEU A CD2 1 
ATOM   591  N N   . LYS A 1 78  ? 7.485   5.471   -11.259 1.00 50.76 ? 76   LYS A N   1 
ATOM   592  C CA  . LYS A 1 78  ? 7.091   5.370   -12.661 1.00 53.87 ? 76   LYS A CA  1 
ATOM   593  C C   . LYS A 1 78  ? 8.011   4.292   -13.227 1.00 55.29 ? 76   LYS A C   1 
ATOM   594  O O   . LYS A 1 78  ? 9.236   4.457   -13.263 1.00 54.85 ? 76   LYS A O   1 
ATOM   595  C CB  . LYS A 1 78  ? 7.244   6.702   -13.405 1.00 54.09 ? 76   LYS A CB  1 
ATOM   596  C CG  . LYS A 1 78  ? 6.590   6.727   -14.803 1.00 55.44 ? 76   LYS A CG  1 
ATOM   597  C CD  . LYS A 1 78  ? 6.840   8.043   -15.566 1.00 54.96 ? 76   LYS A CD  1 
ATOM   598  C CE  . LYS A 1 78  ? 6.189   8.009   -16.962 1.00 57.74 ? 76   LYS A CE  1 
ATOM   599  N NZ  . LYS A 1 78  ? 6.591   9.153   -17.867 1.00 58.17 ? 76   LYS A NZ  1 
ATOM   600  N N   . LEU A 1 79  ? 7.422   3.174   -13.634 1.00 57.57 ? 77   LEU A N   1 
ATOM   601  C CA  . LEU A 1 79  ? 8.216   2.047   -14.136 1.00 60.51 ? 77   LEU A CA  1 
ATOM   602  C C   . LEU A 1 79  ? 8.442   1.955   -15.645 1.00 62.97 ? 77   LEU A C   1 
ATOM   603  O O   . LEU A 1 79  ? 7.899   2.722   -16.446 1.00 63.35 ? 77   LEU A O   1 
ATOM   604  C CB  . LEU A 1 79  ? 7.691   0.711   -13.594 1.00 59.72 ? 77   LEU A CB  1 
ATOM   605  C CG  . LEU A 1 79  ? 7.771   0.519   -12.079 1.00 59.04 ? 77   LEU A CG  1 
ATOM   606  C CD1 . LEU A 1 79  ? 7.258   -0.868  -11.696 1.00 59.38 ? 77   LEU A CD1 1 
ATOM   607  C CD2 . LEU A 1 79  ? 9.171   0.736   -11.553 1.00 58.11 ? 77   LEU A CD2 1 
ATOM   608  N N   . ASP A 1 80  ? 9.274   0.985   -16.002 1.00 66.40 ? 78   ASP A N   1 
ATOM   609  C CA  . ASP A 1 80  ? 9.636   0.661   -17.372 1.00 69.46 ? 78   ASP A CA  1 
ATOM   610  C C   . ASP A 1 80  ? 8.738   -0.458  -17.897 1.00 70.74 ? 78   ASP A C   1 
ATOM   611  O O   . ASP A 1 80  ? 9.088   -1.104  -18.873 1.00 71.53 ? 78   ASP A O   1 
ATOM   612  C CB  . ASP A 1 80  ? 11.071  0.145   -17.345 1.00 70.00 ? 78   ASP A CB  1 
ATOM   613  C CG  . ASP A 1 80  ? 11.662  -0.033  -18.719 1.00 73.05 ? 78   ASP A CG  1 
ATOM   614  O OD1 . ASP A 1 80  ? 11.908  0.997   -19.401 1.00 75.80 ? 78   ASP A OD1 1 
ATOM   615  O OD2 . ASP A 1 80  ? 11.923  -1.203  -19.087 1.00 75.69 ? 78   ASP A OD2 1 
ATOM   616  N N   . ARG A 1 81  ? 7.581   -0.679  -17.267 1.00 72.24 ? 79   ARG A N   1 
ATOM   617  C CA  . ARG A 1 81  ? 6.700   -1.808  -17.610 1.00 73.55 ? 79   ARG A CA  1 
ATOM   618  C C   . ARG A 1 81  ? 6.324   -1.901  -19.101 1.00 74.29 ? 79   ARG A C   1 
ATOM   619  O O   . ARG A 1 81  ? 6.492   -0.939  -19.868 1.00 73.80 ? 79   ARG A O   1 
ATOM   620  C CB  . ARG A 1 81  ? 5.467   -1.878  -16.679 1.00 73.59 ? 79   ARG A CB  1 
ATOM   621  C CG  . ARG A 1 81  ? 5.048   -3.327  -16.294 1.00 74.35 ? 79   ARG A CG  1 
ATOM   622  C CD  . ARG A 1 81  ? 3.920   -3.374  -15.247 1.00 73.82 ? 79   ARG A CD  1 
ATOM   623  N NE  . ARG A 1 81  ? 2.572   -3.283  -15.813 1.00 74.85 ? 79   ARG A NE  1 
ATOM   624  C CZ  . ARG A 1 81  ? 1.615   -4.208  -15.650 1.00 76.44 ? 79   ARG A CZ  1 
ATOM   625  N NH1 . ARG A 1 81  ? 1.832   -5.287  -14.901 1.00 76.46 ? 79   ARG A NH1 1 
ATOM   626  N NH2 . ARG A 1 81  ? 0.413   -4.045  -16.208 1.00 75.70 ? 79   ARG A NH2 1 
ATOM   627  N N   . ASN A 1 82  ? 5.813   -3.086  -19.466 1.00 75.27 ? 80   ASN A N   1 
ATOM   628  C CA  . ASN A 1 82  ? 5.457   -3.494  -20.839 1.00 75.89 ? 80   ASN A CA  1 
ATOM   629  C C   . ASN A 1 82  ? 4.638   -2.514  -21.731 1.00 75.70 ? 80   ASN A C   1 
ATOM   630  O O   . ASN A 1 82  ? 5.210   -2.061  -22.728 1.00 76.22 ? 80   ASN A O   1 
ATOM   631  C CB  . ASN A 1 82  ? 4.901   -4.937  -20.868 1.00 76.42 ? 80   ASN A CB  1 
ATOM   632  C CG  . ASN A 1 82  ? 5.633   -5.891  -19.887 1.00 78.34 ? 80   ASN A CG  1 
ATOM   633  O OD1 . ASN A 1 82  ? 6.441   -5.462  -19.040 1.00 78.82 ? 80   ASN A OD1 1 
ATOM   634  N ND2 . ASN A 1 82  ? 5.312   -7.189  -19.982 1.00 79.37 ? 80   ASN A ND2 1 
ATOM   635  N N   . GLU A 1 83  ? 3.344   -2.199  -21.513 1.00 74.88 ? 81   GLU A N   1 
ATOM   636  C CA  . GLU A 1 83  ? 2.347   -2.670  -20.515 1.00 74.09 ? 81   GLU A CA  1 
ATOM   637  C C   . GLU A 1 83  ? 1.752   -1.485  -19.704 1.00 72.73 ? 81   GLU A C   1 
ATOM   638  O O   . GLU A 1 83  ? 2.410   -0.436  -19.525 1.00 73.46 ? 81   GLU A O   1 
ATOM   639  C CB  . GLU A 1 83  ? 2.858   -3.785  -19.602 1.00 74.10 ? 81   GLU A CB  1 
ATOM   640  C CG  . GLU A 1 83  ? 1.788   -4.803  -19.192 1.00 75.03 ? 81   GLU A CG  1 
ATOM   641  C CD  . GLU A 1 83  ? 2.370   -6.029  -18.481 1.00 75.36 ? 81   GLU A CD  1 
ATOM   642  O OE1 . GLU A 1 83  ? 3.484   -5.928  -17.916 1.00 77.07 ? 81   GLU A OE1 1 
ATOM   643  O OE2 . GLU A 1 83  ? 1.711   -7.100  -18.483 1.00 77.28 ? 81   GLU A OE2 1 
ATOM   644  N N   . LYS A 1 84  ? 0.495   -1.640  -19.265 1.00 70.34 ? 82   LYS A N   1 
ATOM   645  C CA  . LYS A 1 84  ? -0.181  -0.630  -18.452 1.00 68.10 ? 82   LYS A CA  1 
ATOM   646  C C   . LYS A 1 84  ? -1.128  -1.301  -17.469 1.00 66.12 ? 82   LYS A C   1 
ATOM   647  O O   . LYS A 1 84  ? -1.800  -2.276  -17.828 1.00 66.24 ? 82   LYS A O   1 
ATOM   648  C CB  . LYS A 1 84  ? -0.963  0.383   -19.295 1.00 68.09 ? 82   LYS A CB  1 
ATOM   649  C CG  . LYS A 1 84  ? -0.150  1.548   -19.833 1.00 68.66 ? 82   LYS A CG  1 
ATOM   650  C CD  . LYS A 1 84  ? -1.089  2.659   -20.331 1.00 68.87 ? 82   LYS A CD  1 
ATOM   651  C CE  . LYS A 1 84  ? -0.324  3.932   -20.734 1.00 70.70 ? 82   LYS A CE  1 
ATOM   652  N NZ  . LYS A 1 84  ? -1.225  5.048   -21.190 1.00 69.96 ? 82   LYS A NZ  1 
ATOM   653  N N   . PHE A 1 85  ? -1.176  -0.775  -16.242 1.00 63.06 ? 83   PHE A N   1 
ATOM   654  C CA  . PHE A 1 85  ? -2.049  -1.302  -15.200 1.00 60.33 ? 83   PHE A CA  1 
ATOM   655  C C   . PHE A 1 85  ? -3.491  -0.905  -15.459 1.00 59.06 ? 83   PHE A C   1 
ATOM   656  O O   . PHE A 1 85  ? -3.745  0.165   -16.007 1.00 58.92 ? 83   PHE A O   1 
ATOM   657  C CB  . PHE A 1 85  ? -1.645  -0.751  -13.831 1.00 59.85 ? 83   PHE A CB  1 
ATOM   658  C CG  . PHE A 1 85  ? -0.281  -1.177  -13.372 1.00 58.57 ? 83   PHE A CG  1 
ATOM   659  C CD1 . PHE A 1 85  ? -0.054  -2.480  -12.937 1.00 57.09 ? 83   PHE A CD1 1 
ATOM   660  C CD2 . PHE A 1 85  ? 0.764   -0.272  -13.333 1.00 57.13 ? 83   PHE A CD2 1 
ATOM   661  C CE1 . PHE A 1 85  ? 1.193   -2.873  -12.502 1.00 55.08 ? 83   PHE A CE1 1 
ATOM   662  C CE2 . PHE A 1 85  ? 2.022   -0.666  -12.893 1.00 57.24 ? 83   PHE A CE2 1 
ATOM   663  C CZ  . PHE A 1 85  ? 2.233   -1.969  -12.480 1.00 56.14 ? 83   PHE A CZ  1 
ATOM   664  N N   . ARG A 1 86  ? -4.438  -1.759  -15.083 1.00 56.98 ? 84   ARG A N   1 
ATOM   665  C CA  . ARG A 1 86  ? -5.825  -1.360  -15.191 1.00 55.78 ? 84   ARG A CA  1 
ATOM   666  C C   . ARG A 1 86  ? -5.944  -0.305  -14.110 1.00 53.99 ? 84   ARG A C   1 
ATOM   667  O O   . ARG A 1 86  ? -5.485  -0.506  -12.991 1.00 54.50 ? 84   ARG A O   1 
ATOM   668  C CB  . ARG A 1 86  ? -6.800  -2.524  -14.959 1.00 55.56 ? 84   ARG A CB  1 
ATOM   669  C CG  . ARG A 1 86  ? -6.910  -2.995  -13.513 1.00 57.06 ? 84   ARG A CG  1 
ATOM   670  C CD  . ARG A 1 86  ? -7.750  -4.263  -13.384 1.00 57.60 ? 84   ARG A CD  1 
ATOM   671  N NE  . ARG A 1 86  ? -7.768  -4.796  -12.016 1.00 60.13 ? 84   ARG A NE  1 
ATOM   672  C CZ  . ARG A 1 86  ? -8.823  -4.818  -11.206 1.00 61.07 ? 84   ARG A CZ  1 
ATOM   673  N NH1 . ARG A 1 86  ? -10.011 -4.348  -11.598 1.00 61.99 ? 84   ARG A NH1 1 
ATOM   674  N NH2 . ARG A 1 86  ? -8.696  -5.364  -10.003 1.00 62.37 ? 84   ARG A NH2 1 
ATOM   675  N N   . ASP A 1 87  ? -6.524  0.830   -14.460 1.00 52.07 ? 85   ASP A N   1 
ATOM   676  C CA  . ASP A 1 87  ? -6.665  1.973   -13.574 1.00 49.87 ? 85   ASP A CA  1 
ATOM   677  C C   . ASP A 1 87  ? -7.581  1.647   -12.407 1.00 48.41 ? 85   ASP A C   1 
ATOM   678  O O   . ASP A 1 87  ? -8.782  1.507   -12.577 1.00 48.93 ? 85   ASP A O   1 
ATOM   679  C CB  . ASP A 1 87  ? -7.207  3.147   -14.403 1.00 50.15 ? 85   ASP A CB  1 
ATOM   680  C CG  . ASP A 1 87  ? -7.337  4.448   -13.615 1.00 51.34 ? 85   ASP A CG  1 
ATOM   681  O OD1 . ASP A 1 87  ? -7.320  4.455   -12.366 1.00 49.70 ? 85   ASP A OD1 1 
ATOM   682  O OD2 . ASP A 1 87  ? -7.481  5.497   -14.283 1.00 54.65 ? 85   ASP A OD2 1 
ATOM   683  N N   . ILE A 1 88  ? -7.032  1.539   -11.208 1.00 46.03 ? 86   ILE A N   1 
ATOM   684  C CA  . ILE A 1 88  ? -7.879  1.229   -10.060 1.00 44.19 ? 86   ILE A CA  1 
ATOM   685  C C   . ILE A 1 88  ? -8.240  2.441   -9.193  1.00 42.95 ? 86   ILE A C   1 
ATOM   686  O O   . ILE A 1 88  ? -8.826  2.280   -8.132  1.00 40.98 ? 86   ILE A O   1 
ATOM   687  C CB  . ILE A 1 88  ? -7.273  0.104   -9.186  1.00 44.79 ? 86   ILE A CB  1 
ATOM   688  C CG1 . ILE A 1 88  ? -5.840  0.482   -8.756  1.00 43.61 ? 86   ILE A CG1 1 
ATOM   689  C CG2 . ILE A 1 88  ? -7.306  -1.209  -9.946  1.00 43.51 ? 86   ILE A CG2 1 
ATOM   690  C CD1 . ILE A 1 88  ? -5.236  -0.453  -7.762  1.00 41.31 ? 86   ILE A CD1 1 
ATOM   691  N N   . ARG A 1 89  ? -7.922  3.642   -9.684  1.00 42.45 ? 87   ARG A N   1 
ATOM   692  C CA  . ARG A 1 89  ? -8.194  4.874   -8.960  1.00 42.75 ? 87   ARG A CA  1 
ATOM   693  C C   . ARG A 1 89  ? -9.601  5.022   -8.429  1.00 43.08 ? 87   ARG A C   1 
ATOM   694  O O   . ARG A 1 89  ? -9.802  5.647   -7.395  1.00 43.45 ? 87   ARG A O   1 
ATOM   695  C CB  . ARG A 1 89  ? -7.784  6.109   -9.761  1.00 43.16 ? 87   ARG A CB  1 
ATOM   696  C CG  . ARG A 1 89  ? -6.302  6.337   -9.786  1.00 42.29 ? 87   ARG A CG  1 
ATOM   697  C CD  . ARG A 1 89  ? -5.938  7.519   -10.632 1.00 44.95 ? 87   ARG A CD  1 
ATOM   698  N NE  . ARG A 1 89  ? -6.026  7.273   -12.072 1.00 46.49 ? 87   ARG A NE  1 
ATOM   699  C CZ  . ARG A 1 89  ? -5.706  8.168   -13.017 1.00 47.31 ? 87   ARG A CZ  1 
ATOM   700  N NH1 . ARG A 1 89  ? -5.260  9.378   -12.680 1.00 46.10 ? 87   ARG A NH1 1 
ATOM   701  N NH2 . ARG A 1 89  ? -5.820  7.849   -14.304 1.00 45.99 ? 87   ARG A NH2 1 
ATOM   702  N N   . ARG A 1 90  ? -10.572 4.418   -9.097  1.00 43.77 ? 88   ARG A N   1 
ATOM   703  C CA  . ARG A 1 90  ? -11.965 4.530   -8.663  1.00 44.49 ? 88   ARG A CA  1 
ATOM   704  C C   . ARG A 1 90  ? -12.286 3.797   -7.384  1.00 43.39 ? 88   ARG A C   1 
ATOM   705  O O   . ARG A 1 90  ? -13.309 4.071   -6.758  1.00 43.32 ? 88   ARG A O   1 
ATOM   706  C CB  . ARG A 1 90  ? -12.927 4.114   -9.774  1.00 46.01 ? 88   ARG A CB  1 
ATOM   707  C CG  . ARG A 1 90  ? -12.774 2.688   -10.270 1.00 51.10 ? 88   ARG A CG  1 
ATOM   708  C CD  . ARG A 1 90  ? -13.611 2.487   -11.514 1.00 57.38 ? 88   ARG A CD  1 
ATOM   709  N NE  . ARG A 1 90  ? -13.710 1.083   -11.874 1.00 62.95 ? 88   ARG A NE  1 
ATOM   710  C CZ  . ARG A 1 90  ? -14.774 0.323   -11.638 1.00 67.26 ? 88   ARG A CZ  1 
ATOM   711  N NH1 . ARG A 1 90  ? -15.860 0.831   -11.045 1.00 67.35 ? 88   ARG A NH1 1 
ATOM   712  N NH2 . ARG A 1 90  ? -14.755 -0.953  -12.015 1.00 70.22 ? 88   ARG A NH2 1 
ATOM   713  N N   . TYR A 1 91  ? -11.428 2.867   -6.984  1.00 42.61 ? 89   TYR A N   1 
ATOM   714  C CA  . TYR A 1 91  ? -11.646 2.180   -5.720  1.00 41.78 ? 89   TYR A CA  1 
ATOM   715  C C   . TYR A 1 91  ? -11.067 2.957   -4.532  1.00 40.51 ? 89   TYR A C   1 
ATOM   716  O O   . TYR A 1 91  ? -11.412 2.686   -3.377  1.00 39.66 ? 89   TYR A O   1 
ATOM   717  C CB  . TYR A 1 91  ? -11.102 0.745   -5.765  1.00 43.46 ? 89   TYR A CB  1 
ATOM   718  C CG  . TYR A 1 91  ? -11.640 -0.062  -6.917  1.00 44.21 ? 89   TYR A CG  1 
ATOM   719  C CD1 . TYR A 1 91  ? -13.008 -0.335  -7.027  1.00 46.24 ? 89   TYR A CD1 1 
ATOM   720  C CD2 . TYR A 1 91  ? -10.783 -0.579  -7.891  1.00 46.00 ? 89   TYR A CD2 1 
ATOM   721  C CE1 . TYR A 1 91  ? -13.517 -1.097  -8.094  1.00 45.35 ? 89   TYR A CE1 1 
ATOM   722  C CE2 . TYR A 1 91  ? -11.280 -1.333  -8.963  1.00 47.00 ? 89   TYR A CE2 1 
ATOM   723  C CZ  . TYR A 1 91  ? -12.651 -1.582  -9.047  1.00 46.23 ? 89   TYR A CZ  1 
ATOM   724  O OH  . TYR A 1 91  ? -13.141 -2.305  -10.111 1.00 48.42 ? 89   TYR A OH  1 
ATOM   725  N N   . ILE A 1 92  ? -10.204 3.930   -4.819  1.00 39.49 ? 90   ILE A N   1 
ATOM   726  C CA  . ILE A 1 92  ? -9.551  4.732   -3.779  1.00 39.05 ? 90   ILE A CA  1 
ATOM   727  C C   . ILE A 1 92  ? -10.496 5.826   -3.269  1.00 39.41 ? 90   ILE A C   1 
ATOM   728  O O   . ILE A 1 92  ? -10.995 6.617   -4.040  1.00 39.94 ? 90   ILE A O   1 
ATOM   729  C CB  . ILE A 1 92  ? -8.208  5.343   -4.293  1.00 38.69 ? 90   ILE A CB  1 
ATOM   730  C CG1 . ILE A 1 92  ? -7.295  4.232   -4.805  1.00 36.30 ? 90   ILE A CG1 1 
ATOM   731  C CG2 . ILE A 1 92  ? -7.536  6.173   -3.187  1.00 38.30 ? 90   ILE A CG2 1 
ATOM   732  C CD1 . ILE A 1 92  ? -6.090  4.683   -5.555  1.00 34.21 ? 90   ILE A CD1 1 
ATOM   733  N N   . PRO A 1 93  ? -10.786 5.844   -1.967  1.00 39.83 ? 91   PRO A N   1 
ATOM   734  C CA  . PRO A 1 93  ? -11.673 6.884   -1.442  1.00 40.11 ? 91   PRO A CA  1 
ATOM   735  C C   . PRO A 1 93  ? -11.170 8.340   -1.635  1.00 40.79 ? 91   PRO A C   1 
ATOM   736  O O   . PRO A 1 93  ? -9.977  8.587   -1.854  1.00 40.70 ? 91   PRO A O   1 
ATOM   737  C CB  . PRO A 1 93  ? -11.773 6.541   0.051   1.00 39.56 ? 91   PRO A CB  1 
ATOM   738  C CG  . PRO A 1 93  ? -10.721 5.631   0.315   1.00 39.53 ? 91   PRO A CG  1 
ATOM   739  C CD  . PRO A 1 93  ? -10.366 4.903   -0.922  1.00 39.20 ? 91   PRO A CD  1 
ATOM   740  N N   . ASN A 1 94  ? -12.091 9.291   -1.548  1.00 41.51 ? 92   ASN A N   1 
ATOM   741  C CA  . ASN A 1 94  ? -11.755 10.687  -1.737  1.00 42.46 ? 92   ASN A CA  1 
ATOM   742  C C   . ASN A 1 94  ? -11.312 11.344  -0.461  1.00 43.27 ? 92   ASN A C   1 
ATOM   743  O O   . ASN A 1 94  ? -10.478 12.234  -0.500  1.00 43.87 ? 92   ASN A O   1 
ATOM   744  C CB  . ASN A 1 94  ? -12.930 11.456  -2.324  1.00 41.94 ? 92   ASN A CB  1 
ATOM   745  C CG  . ASN A 1 94  ? -13.065 11.269  -3.800  1.00 42.28 ? 92   ASN A CG  1 
ATOM   746  O OD1 . ASN A 1 94  ? -14.175 11.110  -4.298  1.00 42.73 ? 92   ASN A OD1 1 
ATOM   747  N ND2 . ASN A 1 94  ? -11.942 11.300  -4.528  1.00 42.91 ? 92   ASN A ND2 1 
ATOM   748  N N   . ASN A 1 95  ? -11.836 10.863  0.661   1.00 44.39 ? 93   ASN A N   1 
ATOM   749  C CA  . ASN A 1 95  ? -11.591 11.440  1.975   1.00 45.64 ? 93   ASN A CA  1 
ATOM   750  C C   . ASN A 1 95  ? -11.276 10.404  3.060   1.00 46.27 ? 93   ASN A C   1 
ATOM   751  O O   . ASN A 1 95  ? -11.456 9.209   2.867   1.00 46.15 ? 93   ASN A O   1 
ATOM   752  C CB  . ASN A 1 95  ? -12.843 12.215  2.372   1.00 46.06 ? 93   ASN A CB  1 
ATOM   753  C CG  . ASN A 1 95  ? -13.172 13.351  1.385   1.00 48.98 ? 93   ASN A CG  1 
ATOM   754  O OD1 . ASN A 1 95  ? -14.001 13.177  0.478   1.00 51.94 ? 93   ASN A OD1 1 
ATOM   755  N ND2 . ASN A 1 95  ? -12.485 14.493  1.528   1.00 48.15 ? 93   ASN A ND2 1 
ATOM   756  N N   . GLU A 1 96  ? -10.808 10.870  4.208   1.00 47.29 ? 94   GLU A N   1 
ATOM   757  C CA  . GLU A 1 96  ? -10.535 9.988   5.343   1.00 48.58 ? 94   GLU A CA  1 
ATOM   758  C C   . GLU A 1 96  ? -11.835 9.427   5.883   1.00 49.10 ? 94   GLU A C   1 
ATOM   759  O O   . GLU A 1 96  ? -12.862 10.095  5.825   1.00 49.12 ? 94   GLU A O   1 
ATOM   760  C CB  . GLU A 1 96  ? -9.831  10.766  6.459   1.00 48.09 ? 94   GLU A CB  1 
ATOM   761  C CG  . GLU A 1 96  ? -9.755  10.075  7.857   1.00 51.40 ? 94   GLU A CG  1 
ATOM   762  C CD  . GLU A 1 96  ? -11.048 10.191  8.715   1.00 57.12 ? 94   GLU A CD  1 
ATOM   763  O OE1 . GLU A 1 96  ? -11.891 11.097  8.453   1.00 58.99 ? 94   GLU A OE1 1 
ATOM   764  O OE2 . GLU A 1 96  ? -11.231 9.362   9.659   1.00 58.27 ? 94   GLU A OE2 1 
ATOM   765  N N   . ASP A 1 97  ? -11.772 8.212   6.433   1.00 49.95 ? 95   ASP A N   1 
ATOM   766  C CA  . ASP A 1 97  ? -12.910 7.596   7.115   1.00 49.90 ? 95   ASP A CA  1 
ATOM   767  C C   . ASP A 1 97  ? -12.417 6.433   7.985   1.00 49.81 ? 95   ASP A C   1 
ATOM   768  O O   . ASP A 1 97  ? -11.245 6.087   7.950   1.00 49.72 ? 95   ASP A O   1 
ATOM   769  C CB  . ASP A 1 97  ? -13.915 7.098   6.089   1.00 50.16 ? 95   ASP A CB  1 
ATOM   770  C CG  . ASP A 1 97  ? -15.333 7.037   6.637   1.00 51.30 ? 95   ASP A CG  1 
ATOM   771  O OD1 . ASP A 1 97  ? -15.548 7.330   7.838   1.00 51.09 ? 95   ASP A OD1 1 
ATOM   772  O OD2 . ASP A 1 97  ? -16.240 6.687   5.851   1.00 52.90 ? 95   ASP A OD2 1 
ATOM   773  N N   . ASP A 1 98  ? -13.304 5.873   8.797   1.00 49.90 ? 96   ASP A N   1 
ATOM   774  C CA  . ASP A 1 98  ? -13.029 4.671   9.585   1.00 50.08 ? 96   ASP A CA  1 
ATOM   775  C C   . ASP A 1 98  ? -13.742 3.583   8.809   1.00 49.50 ? 96   ASP A C   1 
ATOM   776  O O   . ASP A 1 98  ? -14.762 3.865   8.206   1.00 49.27 ? 96   ASP A O   1 
ATOM   777  C CB  . ASP A 1 98  ? -13.605 4.787   10.989  1.00 50.38 ? 96   ASP A CB  1 
ATOM   778  C CG  . ASP A 1 98  ? -12.868 5.825   11.855  1.00 52.63 ? 96   ASP A CG  1 
ATOM   779  O OD1 . ASP A 1 98  ? -11.732 6.213   11.530  1.00 51.44 ? 96   ASP A OD1 1 
ATOM   780  O OD2 . ASP A 1 98  ? -13.436 6.253   12.884  1.00 57.45 ? 96   ASP A OD2 1 
ATOM   781  N N   . TYR A 1 99  ? -13.200 2.360   8.791   1.00 49.53 ? 97   TYR A N   1 
ATOM   782  C CA  . TYR A 1 99  ? -13.799 1.251   8.020   1.00 48.93 ? 97   TYR A CA  1 
ATOM   783  C C   . TYR A 1 99  ? -13.932 -0.065  8.759   1.00 49.86 ? 97   TYR A C   1 
ATOM   784  O O   . TYR A 1 99  ? -12.942 -0.668  9.152   1.00 50.20 ? 97   TYR A O   1 
ATOM   785  C CB  . TYR A 1 99  ? -13.020 0.979   6.742   1.00 47.26 ? 97   TYR A CB  1 
ATOM   786  C CG  . TYR A 1 99  ? -12.851 2.156   5.861   1.00 45.79 ? 97   TYR A CG  1 
ATOM   787  C CD1 . TYR A 1 99  ? -11.742 3.003   6.005   1.00 43.31 ? 97   TYR A CD1 1 
ATOM   788  C CD2 . TYR A 1 99  ? -13.788 2.441   4.855   1.00 43.03 ? 97   TYR A CD2 1 
ATOM   789  C CE1 . TYR A 1 99  ? -11.571 4.107   5.174   1.00 40.63 ? 97   TYR A CE1 1 
ATOM   790  C CE2 . TYR A 1 99  ? -13.616 3.550   4.020   1.00 40.64 ? 97   TYR A CE2 1 
ATOM   791  C CZ  . TYR A 1 99  ? -12.513 4.367   4.188   1.00 41.51 ? 97   TYR A CZ  1 
ATOM   792  O OH  . TYR A 1 99  ? -12.343 5.447   3.371   1.00 44.01 ? 97   TYR A OH  1 
ATOM   793  N N   . PRO A 1 100 ? -15.168 -0.526  8.942   1.00 50.86 ? 98   PRO A N   1 
ATOM   794  C CA  . PRO A 1 100 ? -15.388 -1.805  9.614   1.00 50.92 ? 98   PRO A CA  1 
ATOM   795  C C   . PRO A 1 100 ? -14.982 -3.018  8.766   1.00 50.97 ? 98   PRO A C   1 
ATOM   796  O O   . PRO A 1 100 ? -15.177 -3.020  7.543   1.00 51.02 ? 98   PRO A O   1 
ATOM   797  C CB  . PRO A 1 100 ? -16.902 -1.812  9.884   1.00 51.02 ? 98   PRO A CB  1 
ATOM   798  C CG  . PRO A 1 100 ? -17.354 -0.349  9.696   1.00 51.97 ? 98   PRO A CG  1 
ATOM   799  C CD  . PRO A 1 100 ? -16.435 0.151   8.603   1.00 51.51 ? 98   PRO A CD  1 
ATOM   800  N N   . ASN A 1 101 ? -14.405 -4.014  9.446   1.00 50.77 ? 99   ASN A N   1 
ATOM   801  C CA  . ASN A 1 101 ? -13.980 -5.306  8.888   1.00 51.04 ? 99   ASN A CA  1 
ATOM   802  C C   . ASN A 1 101 ? -13.194 -5.294  7.580   1.00 49.69 ? 99   ASN A C   1 
ATOM   803  O O   . ASN A 1 101 ? -13.703 -5.705  6.535   1.00 50.80 ? 99   ASN A O   1 
ATOM   804  C CB  . ASN A 1 101 ? -15.168 -6.264  8.750   1.00 51.85 ? 99   ASN A CB  1 
ATOM   805  C CG  . ASN A 1 101 ? -14.711 -7.712  8.503   1.00 56.18 ? 99   ASN A CG  1 
ATOM   806  O OD1 . ASN A 1 101 ? -14.047 -8.321  9.371   1.00 58.54 ? 99   ASN A OD1 1 
ATOM   807  N ND2 . ASN A 1 101 ? -15.051 -8.267  7.314   1.00 56.60 ? 99   ASN A ND2 1 
ATOM   808  N N   . CYS A 1 102 ? -11.941 -4.876  7.630   1.00 47.93 ? 100  CYS A N   1 
ATOM   809  C CA  . CYS A 1 102 ? -11.143 -4.822  6.420   1.00 46.56 ? 100  CYS A CA  1 
ATOM   810  C C   . CYS A 1 102 ? -10.180 -6.013  6.266   1.00 45.07 ? 100  CYS A C   1 
ATOM   811  O O   . CYS A 1 102 ? -9.873  -6.728  7.204   1.00 44.05 ? 100  CYS A O   1 
ATOM   812  C CB  . CYS A 1 102 ? -10.345 -3.505  6.381   1.00 46.89 ? 100  CYS A CB  1 
ATOM   813  S SG  . CYS A 1 102 ? -11.328 -1.972  6.536   1.00 47.72 ? 100  CYS A SG  1 
ATOM   814  N N   . ASN A 1 103 ? -9.692  -6.194  5.054   1.00 44.16 ? 101  ASN A N   1 
ATOM   815  C CA  . ASN A 1 103 ? -8.721  -7.222  4.777   1.00 42.85 ? 101  ASN A CA  1 
ATOM   816  C C   . ASN A 1 103 ? -7.399  -6.611  4.393   1.00 42.06 ? 101  ASN A C   1 
ATOM   817  O O   . ASN A 1 103 ? -7.305  -5.408  4.089   1.00 40.69 ? 101  ASN A O   1 
ATOM   818  C CB  . ASN A 1 103 ? -9.189  -8.136  3.638   1.00 43.26 ? 101  ASN A CB  1 
ATOM   819  C CG  . ASN A 1 103 ? -10.323 -9.087  4.053   1.00 43.07 ? 101  ASN A CG  1 
ATOM   820  O OD1 . ASN A 1 103 ? -10.702 -9.197  5.222   1.00 43.34 ? 101  ASN A OD1 1 
ATOM   821  N ND2 . ASN A 1 103 ? -10.845 -9.793  3.076   1.00 43.03 ? 101  ASN A ND2 1 
ATOM   822  N N   . LEU A 1 104 ? -6.381  -7.470  4.398   1.00 41.64 ? 102  LEU A N   1 
ATOM   823  C CA  . LEU A 1 104 ? -5.055  -7.091  3.978   1.00 41.59 ? 102  LEU A CA  1 
ATOM   824  C C   . LEU A 1 104 ? -4.585  -8.058  2.913   1.00 42.19 ? 102  LEU A C   1 
ATOM   825  O O   . LEU A 1 104 ? -4.555  -9.271  3.135   1.00 42.80 ? 102  LEU A O   1 
ATOM   826  C CB  . LEU A 1 104 ? -4.129  -7.054  5.181   1.00 41.11 ? 102  LEU A CB  1 
ATOM   827  C CG  . LEU A 1 104 ? -2.788  -6.337  5.107   1.00 39.95 ? 102  LEU A CG  1 
ATOM   828  C CD1 . LEU A 1 104 ? -2.872  -4.926  4.535   1.00 38.19 ? 102  LEU A CD1 1 
ATOM   829  C CD2 . LEU A 1 104 ? -2.261  -6.295  6.518   1.00 39.75 ? 102  LEU A CD2 1 
ATOM   830  N N   . ALA A 1 105 ? -4.249  -7.529  1.745   1.00 42.57 ? 103  ALA A N   1 
ATOM   831  C CA  . ALA A 1 105 ? -3.778  -8.356  0.650   1.00 43.49 ? 103  ALA A CA  1 
ATOM   832  C C   . ALA A 1 105 ? -2.244  -8.357  0.590   1.00 44.87 ? 103  ALA A C   1 
ATOM   833  O O   . ALA A 1 105 ? -1.600  -7.313  0.360   1.00 44.82 ? 103  ALA A O   1 
ATOM   834  C CB  . ALA A 1 105 ? -4.385  -7.901  -0.663  1.00 42.95 ? 103  ALA A CB  1 
ATOM   835  N N   . LEU A 1 106 ? -1.669  -9.544  0.797   1.00 46.63 ? 104  LEU A N   1 
ATOM   836  C CA  . LEU A 1 106 ? -0.213  -9.734  0.851   1.00 47.42 ? 104  LEU A CA  1 
ATOM   837  C C   . LEU A 1 106 ? 0.343   -10.623 -0.239  1.00 48.46 ? 104  LEU A C   1 
ATOM   838  O O   . LEU A 1 106 ? -0.239  -11.676 -0.544  1.00 49.20 ? 104  LEU A O   1 
ATOM   839  C CB  . LEU A 1 106 ? 0.169   -10.358 2.183   1.00 47.46 ? 104  LEU A CB  1 
ATOM   840  C CG  . LEU A 1 106 ? -0.324  -9.651  3.435   1.00 46.23 ? 104  LEU A CG  1 
ATOM   841  C CD1 . LEU A 1 106 ? 0.003   -10.542 4.597   1.00 45.91 ? 104  LEU A CD1 1 
ATOM   842  C CD2 . LEU A 1 106 ? 0.307   -8.274  3.563   1.00 45.06 ? 104  LEU A CD2 1 
ATOM   843  N N   . LEU A 1 107 ? 1.482   -10.206 -0.796  1.00 48.72 ? 105  LEU A N   1 
ATOM   844  C CA  . LEU A 1 107 ? 2.156   -10.974 -1.825  1.00 49.21 ? 105  LEU A CA  1 
ATOM   845  C C   . LEU A 1 107 ? 3.624   -11.247 -1.439  1.00 49.60 ? 105  LEU A C   1 
ATOM   846  O O   . LEU A 1 107 ? 4.037   -12.421 -1.373  1.00 50.21 ? 105  LEU A O   1 
ATOM   847  C CB  . LEU A 1 107 ? 2.020   -10.310 -3.210  1.00 49.14 ? 105  LEU A CB  1 
ATOM   848  C CG  . LEU A 1 107 ? 2.591   -11.020 -4.456  1.00 49.37 ? 105  LEU A CG  1 
ATOM   849  C CD1 . LEU A 1 107 ? 1.960   -12.401 -4.742  1.00 48.61 ? 105  LEU A CD1 1 
ATOM   850  C CD2 . LEU A 1 107 ? 2.475   -10.126 -5.699  1.00 49.20 ? 105  LEU A CD2 1 
ATOM   851  N N   . ALA A 1 108 ? 4.385   -10.189 -1.140  1.00 49.12 ? 106  ALA A N   1 
ATOM   852  C CA  . ALA A 1 108 ? 5.816   -10.312 -0.793  1.00 48.81 ? 106  ALA A CA  1 
ATOM   853  C C   . ALA A 1 108 ? 6.081   -11.020 0.517   1.00 48.84 ? 106  ALA A C   1 
ATOM   854  O O   . ALA A 1 108 ? 5.332   -10.884 1.486   1.00 47.40 ? 106  ALA A O   1 
ATOM   855  C CB  . ALA A 1 108 ? 6.505   -8.964  -0.806  1.00 48.72 ? 106  ALA A CB  1 
ATOM   856  N N   . ASN A 1 109 ? 7.166   -11.797 0.520   1.00 49.94 ? 107  ASN A N   1 
ATOM   857  C CA  . ASN A 1 109 ? 7.581   -12.604 1.685   1.00 50.27 ? 107  ASN A CA  1 
ATOM   858  C C   . ASN A 1 109 ? 6.557   -13.655 2.102   1.00 50.25 ? 107  ASN A C   1 
ATOM   859  O O   . ASN A 1 109 ? 6.588   -14.099 3.222   1.00 49.55 ? 107  ASN A O   1 
ATOM   860  C CB  . ASN A 1 109 ? 7.889   -11.697 2.885   1.00 49.94 ? 107  ASN A CB  1 
ATOM   861  C CG  . ASN A 1 109 ? 8.757   -10.526 2.509   1.00 51.35 ? 107  ASN A CG  1 
ATOM   862  O OD1 . ASN A 1 109 ? 9.912   -10.703 2.083   1.00 52.49 ? 107  ASN A OD1 1 
ATOM   863  N ND2 . ASN A 1 109 ? 8.204   -9.298  2.648   1.00 48.54 ? 107  ASN A ND2 1 
ATOM   864  N N   . GLN A 1 110 ? 5.641   -14.031 1.214   1.00 52.03 ? 108  GLN A N   1 
ATOM   865  C CA  . GLN A 1 110 ? 4.620   -15.030 1.556   1.00 53.87 ? 108  GLN A CA  1 
ATOM   866  C C   . GLN A 1 110 ? 4.764   -16.215 0.616   1.00 55.35 ? 108  GLN A C   1 
ATOM   867  O O   . GLN A 1 110 ? 5.140   -16.028 -0.549  1.00 55.51 ? 108  GLN A O   1 
ATOM   868  C CB  . GLN A 1 110 ? 3.183   -14.483 1.411   1.00 54.15 ? 108  GLN A CB  1 
ATOM   869  C CG  . GLN A 1 110 ? 2.901   -13.096 1.986   1.00 54.10 ? 108  GLN A CG  1 
ATOM   870  C CD  . GLN A 1 110 ? 3.233   -12.955 3.450   1.00 54.64 ? 108  GLN A CD  1 
ATOM   871  O OE1 . GLN A 1 110 ? 2.829   -13.769 4.284   1.00 55.73 ? 108  GLN A OE1 1 
ATOM   872  N NE2 . GLN A 1 110 ? 3.955   -11.891 3.781   1.00 56.17 ? 108  GLN A NE2 1 
ATOM   873  N N   . PRO A 1 111 ? 4.464   -17.443 1.106   1.00 56.81 ? 109  PRO A N   1 
ATOM   874  C CA  . PRO A 1 111 ? 4.515   -18.634 0.243   1.00 57.50 ? 109  PRO A CA  1 
ATOM   875  C C   . PRO A 1 111 ? 3.662   -18.405 -1.014  1.00 58.53 ? 109  PRO A C   1 
ATOM   876  O O   . PRO A 1 111 ? 4.133   -18.619 -2.146  1.00 58.57 ? 109  PRO A O   1 
ATOM   877  C CB  . PRO A 1 111 ? 3.900   -19.729 1.121   1.00 57.73 ? 109  PRO A CB  1 
ATOM   878  C CG  . PRO A 1 111 ? 3.278   -19.010 2.304   1.00 58.02 ? 109  PRO A CG  1 
ATOM   879  C CD  . PRO A 1 111 ? 4.071   -17.784 2.487   1.00 56.72 ? 109  PRO A CD  1 
ATOM   880  N N   . GLU A 1 112 ? 2.427   -17.952 -0.793  1.00 59.09 ? 110  GLU A N   1 
ATOM   881  C CA  . GLU A 1 112 ? 1.484   -17.599 -1.859  1.00 60.14 ? 110  GLU A CA  1 
ATOM   882  C C   . GLU A 1 112 ? 0.611   -16.389 -1.475  1.00 59.41 ? 110  GLU A C   1 
ATOM   883  O O   . GLU A 1 112 ? 0.535   -16.050 -0.286  1.00 59.58 ? 110  GLU A O   1 
ATOM   884  C CB  . GLU A 1 112 ? 0.664   -18.827 -2.330  1.00 60.63 ? 110  GLU A CB  1 
ATOM   885  C CG  . GLU A 1 112 ? 0.423   -19.925 -1.283  1.00 64.76 ? 110  GLU A CG  1 
ATOM   886  C CD  . GLU A 1 112 ? -0.725  -19.657 -0.310  1.00 68.90 ? 110  GLU A CD  1 
ATOM   887  O OE1 . GLU A 1 112 ? -1.900  -19.630 -0.755  1.00 69.90 ? 110  GLU A OE1 1 
ATOM   888  O OE2 . GLU A 1 112 ? -0.445  -19.494 0.903   1.00 70.64 ? 110  GLU A OE2 1 
ATOM   889  N N   . PRO A 1 113 ? 0.008   -15.701 -2.478  1.00 58.64 ? 111  PRO A N   1 
ATOM   890  C CA  . PRO A 1 113 ? -0.904  -14.574 -2.257  1.00 58.03 ? 111  PRO A CA  1 
ATOM   891  C C   . PRO A 1 113 ? -1.857  -14.869 -1.099  1.00 57.69 ? 111  PRO A C   1 
ATOM   892  O O   . PRO A 1 113 ? -2.516  -15.902 -1.081  1.00 58.05 ? 111  PRO A O   1 
ATOM   893  C CB  . PRO A 1 113 ? -1.659  -14.458 -3.584  1.00 58.11 ? 111  PRO A CB  1 
ATOM   894  C CG  . PRO A 1 113 ? -1.063  -15.482 -4.508  1.00 58.20 ? 111  PRO A CG  1 
ATOM   895  C CD  . PRO A 1 113 ? 0.211   -15.936 -3.916  1.00 58.85 ? 111  PRO A CD  1 
ATOM   896  N N   . THR A 1 114 ? -1.938  -13.944 -0.154  1.00 56.83 ? 112  THR A N   1 
ATOM   897  C CA  . THR A 1 114 ? -2.664  -14.165 1.084   1.00 55.88 ? 112  THR A CA  1 
ATOM   898  C C   . THR A 1 114 ? -3.580  -13.005 1.445   1.00 54.87 ? 112  THR A C   1 
ATOM   899  O O   . THR A 1 114 ? -3.196  -11.847 1.315   1.00 54.82 ? 112  THR A O   1 
ATOM   900  C CB  . THR A 1 114 ? -1.615  -14.313 2.231   1.00 55.76 ? 112  THR A CB  1 
ATOM   901  O OG1 . THR A 1 114 ? -0.540  -15.145 1.781   1.00 58.06 ? 112  THR A OG1 1 
ATOM   902  C CG2 . THR A 1 114 ? -2.207  -14.890 3.496   1.00 55.57 ? 112  THR A CG2 1 
ATOM   903  N N   . ILE A 1 115 ? -4.780  -13.333 1.914   1.00 53.73 ? 113  ILE A N   1 
ATOM   904  C CA  . ILE A 1 115 ? -5.734  -12.351 2.398   1.00 52.75 ? 113  ILE A CA  1 
ATOM   905  C C   . ILE A 1 115 ? -5.858  -12.585 3.904   1.00 52.46 ? 113  ILE A C   1 
ATOM   906  O O   . ILE A 1 115 ? -6.057  -13.707 4.337   1.00 52.68 ? 113  ILE A O   1 
ATOM   907  C CB  . ILE A 1 115 ? -7.145  -12.449 1.695   1.00 52.71 ? 113  ILE A CB  1 
ATOM   908  C CG1 . ILE A 1 115 ? -7.067  -12.351 0.155   1.00 51.76 ? 113  ILE A CG1 1 
ATOM   909  C CG2 . ILE A 1 115 ? -8.141  -11.454 2.277   1.00 52.17 ? 113  ILE A CG2 1 
ATOM   910  C CD1 . ILE A 1 115 ? -6.291  -11.179 -0.431  1.00 49.65 ? 113  ILE A CD1 1 
ATOM   911  N N   . ILE A 1 116 ? -5.728  -11.515 4.683   1.00 52.17 ? 114  ILE A N   1 
ATOM   912  C CA  . ILE A 1 116 ? -5.783  -11.539 6.136   1.00 51.87 ? 114  ILE A CA  1 
ATOM   913  C C   . ILE A 1 116 ? -6.924  -10.641 6.604   1.00 51.69 ? 114  ILE A C   1 
ATOM   914  O O   . ILE A 1 116 ? -7.040  -9.501  6.159   1.00 52.89 ? 114  ILE A O   1 
ATOM   915  C CB  . ILE A 1 116 ? -4.434  -10.977 6.733   1.00 52.21 ? 114  ILE A CB  1 
ATOM   916  C CG1 . ILE A 1 116 ? -3.204  -11.810 6.303   1.00 53.40 ? 114  ILE A CG1 1 
ATOM   917  C CG2 . ILE A 1 116 ? -4.476  -10.846 8.252   1.00 52.27 ? 114  ILE A CG2 1 
ATOM   918  C CD1 . ILE A 1 116 ? -3.148  -13.213 6.856   1.00 54.78 ? 114  ILE A CD1 1 
ATOM   919  N N   . ASN A 1 117 ? -7.787  -11.123 7.481   1.00 50.73 ? 115  ASN A N   1 
ATOM   920  C CA  . ASN A 1 117 ? -8.796  -10.241 8.010   1.00 50.00 ? 115  ASN A CA  1 
ATOM   921  C C   . ASN A 1 117 ? -8.193  -9.522  9.193   1.00 49.09 ? 115  ASN A C   1 
ATOM   922  O O   . ASN A 1 117 ? -7.905  -10.143 10.235  1.00 49.08 ? 115  ASN A O   1 
ATOM   923  C CB  . ASN A 1 117 ? -10.049 -10.976 8.462   1.00 50.82 ? 115  ASN A CB  1 
ATOM   924  C CG  . ASN A 1 117 ? -11.101 -10.020 9.031   1.00 52.44 ? 115  ASN A CG  1 
ATOM   925  O OD1 . ASN A 1 117 ? -11.372 -10.045 10.236  1.00 56.56 ? 115  ASN A OD1 1 
ATOM   926  N ND2 . ASN A 1 117 ? -11.654 -9.138  8.183   1.00 51.15 ? 115  ASN A ND2 1 
ATOM   927  N N   . VAL A 1 118 ? -8.005  -8.215  9.039   1.00 47.32 ? 116  VAL A N   1 
ATOM   928  C CA  . VAL A 1 118 ? -7.407  -7.414  10.101  1.00 45.61 ? 116  VAL A CA  1 
ATOM   929  C C   . VAL A 1 118 ? -8.421  -6.797  11.064  1.00 45.95 ? 116  VAL A C   1 
ATOM   930  O O   . VAL A 1 118 ? -8.031  -6.220  12.090  1.00 46.21 ? 116  VAL A O   1 
ATOM   931  C CB  . VAL A 1 118 ? -6.408  -6.360  9.558   1.00 45.75 ? 116  VAL A CB  1 
ATOM   932  C CG1 . VAL A 1 118 ? -5.266  -7.062  8.810   1.00 43.10 ? 116  VAL A CG1 1 
ATOM   933  C CG2 . VAL A 1 118 ? -7.116  -5.295  8.663   1.00 41.77 ? 116  VAL A CG2 1 
ATOM   934  N N   . GLY A 1 119 ? -9.711  -6.928  10.757  1.00 45.28 ? 117  GLY A N   1 
ATOM   935  C CA  . GLY A 1 119 ? -10.737 -6.394  11.650  1.00 45.38 ? 117  GLY A CA  1 
ATOM   936  C C   . GLY A 1 119 ? -11.102 -4.955  11.329  1.00 45.95 ? 117  GLY A C   1 
ATOM   937  O O   . GLY A 1 119 ? -10.937 -4.493  10.183  1.00 46.12 ? 117  GLY A O   1 
ATOM   938  N N   . ASP A 1 120 ? -11.589 -4.239  12.339  1.00 45.25 ? 118  ASP A N   1 
ATOM   939  C CA  . ASP A 1 120 ? -11.995 -2.861  12.147  1.00 45.07 ? 118  ASP A CA  1 
ATOM   940  C C   . ASP A 1 120 ? -10.800 -1.918  12.128  1.00 44.41 ? 118  ASP A C   1 
ATOM   941  O O   . ASP A 1 120 ? -9.848  -2.057  12.911  1.00 44.45 ? 118  ASP A O   1 
ATOM   942  C CB  . ASP A 1 120 ? -13.038 -2.436  13.174  1.00 45.17 ? 118  ASP A CB  1 
ATOM   943  C CG  . ASP A 1 120 ? -14.371 -3.250  13.059  1.00 48.22 ? 118  ASP A CG  1 
ATOM   944  O OD1 . ASP A 1 120 ? -14.732 -3.779  11.977  1.00 47.54 ? 118  ASP A OD1 1 
ATOM   945  O OD2 . ASP A 1 120 ? -15.074 -3.347  14.086  1.00 52.19 ? 118  ASP A OD2 1 
ATOM   946  N N   . VAL A 1 121 ? -10.890 -0.954  11.222  1.00 43.09 ? 119  VAL A N   1 
ATOM   947  C CA  . VAL A 1 121 ? -9.874  0.031   10.955  1.00 42.06 ? 119  VAL A CA  1 
ATOM   948  C C   . VAL A 1 121 ? -10.320 1.452   11.331  1.00 42.22 ? 119  VAL A C   1 
ATOM   949  O O   . VAL A 1 121 ? -11.354 1.920   10.877  1.00 42.03 ? 119  VAL A O   1 
ATOM   950  C CB  . VAL A 1 121 ? -9.535  -0.037  9.457   1.00 41.66 ? 119  VAL A CB  1 
ATOM   951  C CG1 . VAL A 1 121 ? -8.769  1.193   8.991   1.00 42.59 ? 119  VAL A CG1 1 
ATOM   952  C CG2 . VAL A 1 121 ? -8.803  -1.310  9.152   1.00 40.16 ? 119  VAL A CG2 1 
ATOM   953  N N   . VAL A 1 122 ? -9.530  2.127   12.164  1.00 42.47 ? 120  VAL A N   1 
ATOM   954  C CA  . VAL A 1 122 ? -9.813  3.511   12.554  1.00 42.56 ? 120  VAL A CA  1 
ATOM   955  C C   . VAL A 1 122 ? -8.661  4.457   12.186  1.00 41.92 ? 120  VAL A C   1 
ATOM   956  O O   . VAL A 1 122 ? -7.501  4.052   12.197  1.00 41.44 ? 120  VAL A O   1 
ATOM   957  C CB  . VAL A 1 122 ? -10.113 3.651   14.085  1.00 43.01 ? 120  VAL A CB  1 
ATOM   958  C CG1 . VAL A 1 122 ? -11.396 2.885   14.458  1.00 42.98 ? 120  VAL A CG1 1 
ATOM   959  C CG2 . VAL A 1 122 ? -8.900  3.197   14.950  1.00 42.90 ? 120  VAL A CG2 1 
ATOM   960  N N   . SER A 1 123 ? -8.978  5.708   11.864  1.00 41.01 ? 121  SER A N   1 
ATOM   961  C CA  . SER A 1 123 ? -7.931  6.661   11.566  1.00 41.17 ? 121  SER A CA  1 
ATOM   962  C C   . SER A 1 123 ? -7.284  6.993   12.893  1.00 40.68 ? 121  SER A C   1 
ATOM   963  O O   . SER A 1 123 ? -7.971  7.071   13.901  1.00 40.89 ? 121  SER A O   1 
ATOM   964  C CB  . SER A 1 123 ? -8.471  7.932   10.913  1.00 41.31 ? 121  SER A CB  1 
ATOM   965  O OG  . SER A 1 123 ? -9.123  8.739   11.883  1.00 42.97 ? 121  SER A OG  1 
ATOM   966  N N   . TYR A 1 124 ? -5.977  7.164   12.898  1.00 40.18 ? 122  TYR A N   1 
ATOM   967  C CA  . TYR A 1 124 ? -5.246  7.473   14.099  1.00 39.81 ? 122  TYR A CA  1 
ATOM   968  C C   . TYR A 1 124 ? -4.178  8.508   13.850  1.00 40.00 ? 122  TYR A C   1 
ATOM   969  O O   . TYR A 1 124 ? -3.440  8.409   12.923  1.00 40.40 ? 122  TYR A O   1 
ATOM   970  C CB  . TYR A 1 124 ? -4.606  6.226   14.651  1.00 39.12 ? 122  TYR A CB  1 
ATOM   971  C CG  . TYR A 1 124 ? -3.980  6.430   15.973  1.00 38.49 ? 122  TYR A CG  1 
ATOM   972  C CD1 . TYR A 1 124 ? -4.742  6.645   17.078  1.00 37.77 ? 122  TYR A CD1 1 
ATOM   973  C CD2 . TYR A 1 124 ? -2.628  6.431   16.120  1.00 36.60 ? 122  TYR A CD2 1 
ATOM   974  C CE1 . TYR A 1 124 ? -4.175  6.833   18.269  1.00 37.45 ? 122  TYR A CE1 1 
ATOM   975  C CE2 . TYR A 1 124 ? -2.068  6.614   17.299  1.00 35.06 ? 122  TYR A CE2 1 
ATOM   976  C CZ  . TYR A 1 124 ? -2.835  6.811   18.375  1.00 38.30 ? 122  TYR A CZ  1 
ATOM   977  O OH  . TYR A 1 124 ? -2.274  7.000   19.586  1.00 40.59 ? 122  TYR A OH  1 
ATOM   978  N N   . GLY A 1 125 ? -4.090  9.504   14.704  1.00 39.94 ? 123  GLY A N   1 
ATOM   979  C CA  . GLY A 1 125 ? -3.130  10.559  14.526  1.00 40.18 ? 123  GLY A CA  1 
ATOM   980  C C   . GLY A 1 125 ? -1.685  10.213  14.728  1.00 40.62 ? 123  GLY A C   1 
ATOM   981  O O   . GLY A 1 125 ? -1.332  9.650   15.706  1.00 40.36 ? 123  GLY A O   1 
ATOM   982  N N   . ASN A 1 126 ? -0.850  10.587  13.788  1.00 40.31 ? 124  ASN A N   1 
ATOM   983  C CA  . ASN A 1 126 ? 0.561   10.438  13.949  1.00 41.75 ? 124  ASN A CA  1 
ATOM   984  C C   . ASN A 1 126 ? 1.009   11.183  15.149  1.00 41.69 ? 124  ASN A C   1 
ATOM   985  O O   . ASN A 1 126 ? 0.489   12.201  15.487  1.00 41.88 ? 124  ASN A O   1 
ATOM   986  C CB  . ASN A 1 126 ? 1.325   11.005  12.780  1.00 41.86 ? 124  ASN A CB  1 
ATOM   987  C CG  . ASN A 1 126 ? 1.149   10.222  11.537  1.00 45.91 ? 124  ASN A CG  1 
ATOM   988  O OD1 . ASN A 1 126 ? 1.773   10.506  10.550  1.00 46.49 ? 124  ASN A OD1 1 
ATOM   989  N ND2 . ASN A 1 126 ? 0.293   9.243   11.568  1.00 48.45 ? 124  ASN A ND2 1 
ATOM   990  N N   . ILE A 1 127 ? 2.020   10.656  15.783  1.00 42.10 ? 125  ILE A N   1 
ATOM   991  C CA  . ILE A 1 127 ? 2.479   11.195  16.998  1.00 41.64 ? 125  ILE A CA  1 
ATOM   992  C C   . ILE A 1 127 ? 3.679   12.017  16.661  1.00 40.76 ? 125  ILE A C   1 
ATOM   993  O O   . ILE A 1 127 ? 4.535   11.607  15.941  1.00 40.08 ? 125  ILE A O   1 
ATOM   994  C CB  . ILE A 1 127 ? 2.711   10.070  17.973  1.00 42.40 ? 125  ILE A CB  1 
ATOM   995  C CG1 . ILE A 1 127 ? 4.122   10.056  18.461  1.00 42.66 ? 125  ILE A CG1 1 
ATOM   996  C CG2 . ILE A 1 127 ? 2.465   8.813   17.294  1.00 45.97 ? 125  ILE A CG2 1 
ATOM   997  C CD1 . ILE A 1 127 ? 4.295   10.819  19.656  1.00 40.37 ? 125  ILE A CD1 1 
ATOM   998  N N   . LEU A 1 128 ? 3.678   13.232  17.136  1.00 39.71 ? 126  LEU A N   1 
ATOM   999  C CA  . LEU A 1 128 ? 4.635   14.191  16.708  1.00 39.47 ? 126  LEU A CA  1 
ATOM   1000 C C   . LEU A 1 128 ? 5.513   14.619  17.822  1.00 39.33 ? 126  LEU A C   1 
ATOM   1001 O O   . LEU A 1 128 ? 5.062   14.820  18.907  1.00 38.69 ? 126  LEU A O   1 
ATOM   1002 C CB  . LEU A 1 128 ? 3.931   15.414  16.182  1.00 38.90 ? 126  LEU A CB  1 
ATOM   1003 C CG  . LEU A 1 128 ? 2.871   15.249  15.139  1.00 38.24 ? 126  LEU A CG  1 
ATOM   1004 C CD1 . LEU A 1 128 ? 2.212   16.571  14.936  1.00 38.50 ? 126  LEU A CD1 1 
ATOM   1005 C CD2 . LEU A 1 128 ? 3.527   14.807  13.925  1.00 34.93 ? 126  LEU A CD2 1 
ATOM   1006 N N   . LEU A 1 129 ? 6.776   14.804  17.497  1.00 39.53 ? 127  LEU A N   1 
ATOM   1007 C CA  . LEU A 1 129 ? 7.796   15.203  18.414  1.00 39.96 ? 127  LEU A CA  1 
ATOM   1008 C C   . LEU A 1 129 ? 8.174   16.627  18.192  1.00 39.81 ? 127  LEU A C   1 
ATOM   1009 O O   . LEU A 1 129 ? 9.025   17.149  18.807  1.00 38.83 ? 127  LEU A O   1 
ATOM   1010 C CB  . LEU A 1 129 ? 8.987   14.326  18.200  1.00 39.76 ? 127  LEU A CB  1 
ATOM   1011 C CG  . LEU A 1 129 ? 8.519   12.907  18.150  1.00 41.73 ? 127  LEU A CG  1 
ATOM   1012 C CD1 . LEU A 1 129 ? 9.473   12.115  17.387  1.00 45.10 ? 127  LEU A CD1 1 
ATOM   1013 C CD2 . LEU A 1 129 ? 8.421   12.405  19.505  1.00 40.42 ? 127  LEU A CD2 1 
ATOM   1014 N N   . SER A 1 130 ? 7.487   17.243  17.285  1.00 40.61 ? 128  SER A N   1 
ATOM   1015 C CA  . SER A 1 130 ? 7.704   18.626  16.945  1.00 41.61 ? 128  SER A CA  1 
ATOM   1016 C C   . SER A 1 130 ? 6.499   19.156  16.210  1.00 41.76 ? 128  SER A C   1 
ATOM   1017 O O   . SER A 1 130 ? 6.033   18.544  15.241  1.00 41.87 ? 128  SER A O   1 
ATOM   1018 C CB  . SER A 1 130 ? 8.900   18.740  16.020  1.00 41.90 ? 128  SER A CB  1 
ATOM   1019 O OG  . SER A 1 130 ? 9.128   20.105  15.752  1.00 45.74 ? 128  SER A OG  1 
ATOM   1020 N N   . GLY A 1 131 ? 5.992   20.293  16.670  1.00 42.10 ? 129  GLY A N   1 
ATOM   1021 C CA  . GLY A 1 131 ? 4.860   20.950  16.030  1.00 42.51 ? 129  GLY A CA  1 
ATOM   1022 C C   . GLY A 1 131 ? 3.522   20.263  16.236  1.00 42.87 ? 129  GLY A C   1 
ATOM   1023 O O   . GLY A 1 131 ? 3.423   19.328  17.008  1.00 42.50 ? 129  GLY A O   1 
ATOM   1024 N N   . ASN A 1 132 ? 2.494   20.753  15.552  1.00 43.13 ? 130  ASN A N   1 
ATOM   1025 C CA  . ASN A 1 132 ? 1.170   20.166  15.618  1.00 44.62 ? 130  ASN A CA  1 
ATOM   1026 C C   . ASN A 1 132 ? 0.494   19.980  14.253  1.00 44.47 ? 130  ASN A C   1 
ATOM   1027 O O   . ASN A 1 132 ? -0.728  19.847  14.178  1.00 43.78 ? 130  ASN A O   1 
ATOM   1028 C CB  . ASN A 1 132 ? 0.257   20.893  16.630  1.00 45.72 ? 130  ASN A CB  1 
ATOM   1029 C CG  . ASN A 1 132 ? 0.041   22.380  16.306  1.00 48.66 ? 130  ASN A CG  1 
ATOM   1030 O OD1 . ASN A 1 132 ? 0.206   22.835  15.161  1.00 50.88 ? 130  ASN A OD1 1 
ATOM   1031 N ND2 . ASN A 1 132 ? -0.371  23.141  17.329  1.00 51.56 ? 130  ASN A ND2 1 
ATOM   1032 N N   . GLN A 1 133 ? 1.313   19.944  13.199  1.00 44.85 ? 131  GLN A N   1 
ATOM   1033 C CA  . GLN A 1 133 ? 0.868   19.690  11.829  1.00 46.15 ? 131  GLN A CA  1 
ATOM   1034 C C   . GLN A 1 133 ? 0.492   18.207  11.740  1.00 46.66 ? 131  GLN A C   1 
ATOM   1035 O O   . GLN A 1 133 ? 1.321   17.360  11.402  1.00 47.41 ? 131  GLN A O   1 
ATOM   1036 C CB  . GLN A 1 133 ? 1.976   20.053  10.819  1.00 46.06 ? 131  GLN A CB  1 
ATOM   1037 C CG  . GLN A 1 133 ? 2.393   21.559  10.857  1.00 48.98 ? 131  GLN A CG  1 
ATOM   1038 C CD  . GLN A 1 133 ? 1.198   22.536  10.566  1.00 52.39 ? 131  GLN A CD  1 
ATOM   1039 O OE1 . GLN A 1 133 ? 0.854   23.398  11.397  1.00 52.40 ? 131  GLN A OE1 1 
ATOM   1040 N NE2 . GLN A 1 133 ? 0.551   22.360  9.400   1.00 52.13 ? 131  GLN A NE2 1 
ATOM   1041 N N   . THR A 1 134 ? -0.764  17.911  12.064  1.00 46.58 ? 132  THR A N   1 
ATOM   1042 C CA  . THR A 1 134 ? -1.304  16.559  12.080  1.00 46.85 ? 132  THR A CA  1 
ATOM   1043 C C   . THR A 1 134 ? -1.285  15.715  10.773  1.00 45.93 ? 132  THR A C   1 
ATOM   1044 O O   . THR A 1 134 ? -1.274  16.243  9.666   1.00 46.20 ? 132  THR A O   1 
ATOM   1045 C CB  . THR A 1 134 ? -2.771  16.609  12.537  1.00 47.78 ? 132  THR A CB  1 
ATOM   1046 O OG1 . THR A 1 134 ? -3.563  17.270  11.537  1.00 48.63 ? 132  THR A OG1 1 
ATOM   1047 C CG2 . THR A 1 134 ? -2.885  17.331  13.882  1.00 48.52 ? 132  THR A CG2 1 
ATOM   1048 N N   . ALA A 1 135 ? -1.307  14.393  10.950  1.00 44.63 ? 133  ALA A N   1 
ATOM   1049 C CA  . ALA A 1 135 ? -1.339  13.403  9.883   1.00 43.49 ? 133  ALA A CA  1 
ATOM   1050 C C   . ALA A 1 135 ? -2.001  12.150  10.435  1.00 43.10 ? 133  ALA A C   1 
ATOM   1051 O O   . ALA A 1 135 ? -1.770  11.788  11.590  1.00 44.41 ? 133  ALA A O   1 
ATOM   1052 C CB  . ALA A 1 135 ? 0.061   13.077  9.419   1.00 43.42 ? 133  ALA A CB  1 
ATOM   1053 N N   . ARG A 1 136 ? -2.828  11.491  9.631   1.00 41.87 ? 134  ARG A N   1 
ATOM   1054 C CA  . ARG A 1 136 ? -3.463  10.263  10.065  1.00 40.66 ? 134  ARG A CA  1 
ATOM   1055 C C   . ARG A 1 136 ? -3.016  9.059   9.270   1.00 39.89 ? 134  ARG A C   1 
ATOM   1056 O O   . ARG A 1 136 ? -2.645  9.149   8.102   1.00 38.14 ? 134  ARG A O   1 
ATOM   1057 C CB  . ARG A 1 136 ? -4.994  10.314  9.979   1.00 40.40 ? 134  ARG A CB  1 
ATOM   1058 C CG  . ARG A 1 136 ? -5.592  11.441  10.714  1.00 43.84 ? 134  ARG A CG  1 
ATOM   1059 C CD  . ARG A 1 136 ? -6.003  12.496  9.733   1.00 49.95 ? 134  ARG A CD  1 
ATOM   1060 N NE  . ARG A 1 136 ? -7.456  12.564  9.605   1.00 52.69 ? 134  ARG A NE  1 
ATOM   1061 C CZ  . ARG A 1 136 ? -8.091  13.119  8.584   1.00 52.22 ? 134  ARG A CZ  1 
ATOM   1062 N NH1 . ARG A 1 136 ? -7.409  13.576  7.543   1.00 52.54 ? 134  ARG A NH1 1 
ATOM   1063 N NH2 . ARG A 1 136 ? -9.412  13.162  8.585   1.00 54.52 ? 134  ARG A NH2 1 
ATOM   1064 N N   . MET A 1 137 ? -3.076  7.920   9.939   1.00 38.93 ? 135  MET A N   1 
ATOM   1065 C CA  . MET A 1 137 ? -2.835  6.649   9.325   1.00 38.80 ? 135  MET A CA  1 
ATOM   1066 C C   . MET A 1 137 ? -4.042  5.829   9.722   1.00 37.47 ? 135  MET A C   1 
ATOM   1067 O O   . MET A 1 137 ? -4.784  6.199   10.640  1.00 36.90 ? 135  MET A O   1 
ATOM   1068 C CB  . MET A 1 137 ? -1.569  5.999   9.864   1.00 37.87 ? 135  MET A CB  1 
ATOM   1069 C CG  . MET A 1 137 ? -0.313  6.669   9.466   1.00 38.44 ? 135  MET A CG  1 
ATOM   1070 S SD  . MET A 1 137 ? 1.119   5.603   9.815   1.00 43.84 ? 135  MET A SD  1 
ATOM   1071 C CE  . MET A 1 137 ? 1.267   5.646   11.590  1.00 45.18 ? 135  MET A CE  1 
ATOM   1072 N N   . LEU A 1 138 ? -4.244  4.724   9.022   1.00 36.35 ? 136  LEU A N   1 
ATOM   1073 C CA  . LEU A 1 138 ? -5.333  3.821   9.321   1.00 35.45 ? 136  LEU A CA  1 
ATOM   1074 C C   . LEU A 1 138 ? -4.740  2.720   10.204  1.00 35.86 ? 136  LEU A C   1 
ATOM   1075 O O   . LEU A 1 138 ? -3.799  2.031   9.802   1.00 35.18 ? 136  LEU A O   1 
ATOM   1076 C CB  . LEU A 1 138 ? -5.921  3.268   8.025   1.00 34.82 ? 136  LEU A CB  1 
ATOM   1077 C CG  . LEU A 1 138 ? -6.653  4.271   7.130   1.00 33.93 ? 136  LEU A CG  1 
ATOM   1078 C CD1 . LEU A 1 138 ? -6.929  3.645   5.789   1.00 34.09 ? 136  LEU A CD1 1 
ATOM   1079 C CD2 . LEU A 1 138 ? -7.972  4.801   7.798   1.00 30.12 ? 136  LEU A CD2 1 
ATOM   1080 N N   . LYS A 1 139 ? -5.298  2.595   11.404  1.00 36.64 ? 137  LYS A N   1 
ATOM   1081 C CA  . LYS A 1 139 ? -4.870  1.670   12.443  1.00 37.92 ? 137  LYS A CA  1 
ATOM   1082 C C   . LYS A 1 139 ? -5.819  0.495   12.585  1.00 38.98 ? 137  LYS A C   1 
ATOM   1083 O O   . LYS A 1 139 ? -7.040  0.630   12.454  1.00 39.09 ? 137  LYS A O   1 
ATOM   1084 C CB  . LYS A 1 139 ? -4.792  2.423   13.777  1.00 37.52 ? 137  LYS A CB  1 
ATOM   1085 C CG  . LYS A 1 139 ? -4.391  1.602   15.005  1.00 39.34 ? 137  LYS A CG  1 
ATOM   1086 C CD  . LYS A 1 139 ? -4.524  2.447   16.266  1.00 38.58 ? 137  LYS A CD  1 
ATOM   1087 C CE  . LYS A 1 139 ? -4.169  1.667   17.530  1.00 44.52 ? 137  LYS A CE  1 
ATOM   1088 N NZ  . LYS A 1 139 ? -4.271  2.473   18.840  1.00 42.93 ? 137  LYS A NZ  1 
ATOM   1089 N N   . TYR A 1 140 ? -5.240  -0.668  12.864  1.00 40.32 ? 138  TYR A N   1 
ATOM   1090 C CA  . TYR A 1 140 ? -5.989  -1.902  13.081  1.00 40.64 ? 138  TYR A CA  1 
ATOM   1091 C C   . TYR A 1 140 ? -5.304  -2.779  14.131  1.00 42.54 ? 138  TYR A C   1 
ATOM   1092 O O   . TYR A 1 140 ? -4.075  -2.754  14.252  1.00 43.08 ? 138  TYR A O   1 
ATOM   1093 C CB  . TYR A 1 140 ? -6.241  -2.640  11.762  1.00 38.87 ? 138  TYR A CB  1 
ATOM   1094 C CG  . TYR A 1 140 ? -5.170  -2.477  10.715  1.00 37.32 ? 138  TYR A CG  1 
ATOM   1095 C CD1 . TYR A 1 140 ? -5.186  -1.364  9.845   1.00 35.52 ? 138  TYR A CD1 1 
ATOM   1096 C CD2 . TYR A 1 140 ? -4.153  -3.428  10.557  1.00 34.69 ? 138  TYR A CD2 1 
ATOM   1097 C CE1 . TYR A 1 140 ? -4.210  -1.190  8.861   1.00 32.74 ? 138  TYR A CE1 1 
ATOM   1098 C CE2 . TYR A 1 140 ? -3.152  -3.254  9.569   1.00 34.45 ? 138  TYR A CE2 1 
ATOM   1099 C CZ  . TYR A 1 140 ? -3.190  -2.131  8.731   1.00 35.16 ? 138  TYR A CZ  1 
ATOM   1100 O OH  . TYR A 1 140 ? -2.214  -1.939  7.764   1.00 34.93 ? 138  TYR A OH  1 
ATOM   1101 N N   . SER A 1 141 ? -6.090  -3.498  14.936  1.00 44.31 ? 139  SER A N   1 
ATOM   1102 C CA  . SER A 1 141 ? -5.519  -4.406  15.945  1.00 46.18 ? 139  SER A CA  1 
ATOM   1103 C C   . SER A 1 141 ? -5.267  -5.745  15.305  1.00 46.68 ? 139  SER A C   1 
ATOM   1104 O O   . SER A 1 141 ? -6.193  -6.535  15.077  1.00 47.10 ? 139  SER A O   1 
ATOM   1105 C CB  . SER A 1 141 ? -6.454  -4.617  17.135  1.00 46.45 ? 139  SER A CB  1 
ATOM   1106 O OG  . SER A 1 141 ? -6.789  -3.376  17.729  1.00 49.93 ? 139  SER A OG  1 
ATOM   1107 N N   . TYR A 1 142 ? -4.008  -5.991  14.985  1.00 47.24 ? 140  TYR A N   1 
ATOM   1108 C CA  . TYR A 1 142 ? -3.609  -7.259  14.442  1.00 47.38 ? 140  TYR A CA  1 
ATOM   1109 C C   . TYR A 1 142 ? -2.103  -7.311  14.530  1.00 47.69 ? 140  TYR A C   1 
ATOM   1110 O O   . TYR A 1 142 ? -1.434  -6.347  14.163  1.00 47.79 ? 140  TYR A O   1 
ATOM   1111 C CB  . TYR A 1 142 ? -4.062  -7.403  13.005  1.00 47.91 ? 140  TYR A CB  1 
ATOM   1112 C CG  . TYR A 1 142 ? -3.870  -8.780  12.454  1.00 48.32 ? 140  TYR A CG  1 
ATOM   1113 C CD1 . TYR A 1 142 ? -2.634  -9.173  11.954  1.00 48.26 ? 140  TYR A CD1 1 
ATOM   1114 C CD2 . TYR A 1 142 ? -4.924  -9.707  12.449  1.00 49.56 ? 140  TYR A CD2 1 
ATOM   1115 C CE1 . TYR A 1 142 ? -2.435  -10.443 11.449  1.00 50.00 ? 140  TYR A CE1 1 
ATOM   1116 C CE2 . TYR A 1 142 ? -4.732  -10.997 11.941  1.00 50.91 ? 140  TYR A CE2 1 
ATOM   1117 C CZ  . TYR A 1 142 ? -3.476  -11.348 11.445  1.00 49.62 ? 140  TYR A CZ  1 
ATOM   1118 O OH  . TYR A 1 142 ? -3.246  -12.589 10.933  1.00 49.95 ? 140  TYR A OH  1 
ATOM   1119 N N   . PRO A 1 143 ? -1.558  -8.432  15.044  1.00 47.96 ? 141  PRO A N   1 
ATOM   1120 C CA  . PRO A 1 143 ? -0.094  -8.549  15.147  1.00 47.11 ? 141  PRO A CA  1 
ATOM   1121 C C   . PRO A 1 143 ? 0.478   -8.694  13.754  1.00 46.34 ? 141  PRO A C   1 
ATOM   1122 O O   . PRO A 1 143 ? 0.606   -9.819  13.254  1.00 47.07 ? 141  PRO A O   1 
ATOM   1123 C CB  . PRO A 1 143 ? 0.109   -9.836  15.954  1.00 46.91 ? 141  PRO A CB  1 
ATOM   1124 C CG  . PRO A 1 143 ? -1.153  -10.616 15.768  1.00 48.01 ? 141  PRO A CG  1 
ATOM   1125 C CD  . PRO A 1 143 ? -2.263  -9.629  15.551  1.00 47.65 ? 141  PRO A CD  1 
ATOM   1126 N N   . THR A 1 144 ? 0.769   -7.566  13.110  1.00 44.85 ? 142  THR A N   1 
ATOM   1127 C CA  . THR A 1 144 ? 1.329   -7.591  11.747  1.00 43.03 ? 142  THR A CA  1 
ATOM   1128 C C   . THR A 1 144 ? 2.830   -7.766  11.847  1.00 42.60 ? 142  THR A C   1 
ATOM   1129 O O   . THR A 1 144 ? 3.400   -7.495  12.892  1.00 42.04 ? 142  THR A O   1 
ATOM   1130 C CB  . THR A 1 144 ? 0.992   -6.300  10.924  1.00 42.44 ? 142  THR A CB  1 
ATOM   1131 O OG1 . THR A 1 144 ? 1.359   -5.129  11.671  1.00 39.89 ? 142  THR A OG1 1 
ATOM   1132 C CG2 . THR A 1 144 ? -0.466  -6.251  10.589  1.00 40.86 ? 142  THR A CG2 1 
ATOM   1133 N N   . LYS A 1 145 ? 3.454   -8.210  10.761  1.00 42.64 ? 143  LYS A N   1 
ATOM   1134 C CA  . LYS A 1 145 ? 4.897   -8.475  10.699  1.00 43.04 ? 143  LYS A CA  1 
ATOM   1135 C C   . LYS A 1 145 ? 5.469   -7.540  9.655   1.00 42.69 ? 143  LYS A C   1 
ATOM   1136 O O   . LYS A 1 145 ? 4.733   -7.075  8.799   1.00 43.77 ? 143  LYS A O   1 
ATOM   1137 C CB  . LYS A 1 145 ? 5.157   -9.929  10.252  1.00 43.69 ? 143  LYS A CB  1 
ATOM   1138 C CG  . LYS A 1 145 ? 4.774   -11.085 11.237  1.00 45.78 ? 143  LYS A CG  1 
ATOM   1139 C CD  . LYS A 1 145 ? 4.243   -12.266 10.385  1.00 52.78 ? 143  LYS A CD  1 
ATOM   1140 C CE  . LYS A 1 145 ? 4.382   -13.678 10.994  1.00 56.54 ? 143  LYS A CE  1 
ATOM   1141 N NZ  . LYS A 1 145 ? 5.802   -14.249 10.849  1.00 59.48 ? 143  LYS A NZ  1 
ATOM   1142 N N   . SER A 1 146 ? 6.773   -7.280  9.705   1.00 41.84 ? 144  SER A N   1 
ATOM   1143 C CA  . SER A 1 146 ? 7.454   -6.386  8.763   1.00 40.64 ? 144  SER A CA  1 
ATOM   1144 C C   . SER A 1 146 ? 7.418   -6.913  7.329   1.00 39.99 ? 144  SER A C   1 
ATOM   1145 O O   . SER A 1 146 ? 7.629   -6.149  6.388   1.00 38.91 ? 144  SER A O   1 
ATOM   1146 C CB  . SER A 1 146 ? 8.907   -6.148  9.204   1.00 40.76 ? 144  SER A CB  1 
ATOM   1147 O OG  . SER A 1 146 ? 9.658   -7.346  9.162   1.00 39.41 ? 144  SER A OG  1 
ATOM   1148 N N   . GLY A 1 147 ? 7.175   -8.222  7.184   1.00 39.35 ? 145  GLY A N   1 
ATOM   1149 C CA  . GLY A 1 147 ? 7.041   -8.871  5.863   1.00 38.76 ? 145  GLY A CA  1 
ATOM   1150 C C   . GLY A 1 147 ? 5.709   -8.534  5.177   1.00 39.07 ? 145  GLY A C   1 
ATOM   1151 O O   . GLY A 1 147 ? 5.525   -8.844  3.992   1.00 38.18 ? 145  GLY A O   1 
ATOM   1152 N N   . TYR A 1 148 ? 4.774   -7.923  5.922   1.00 38.23 ? 146  TYR A N   1 
ATOM   1153 C CA  . TYR A 1 148 ? 3.491   -7.484  5.361   1.00 39.06 ? 146  TYR A CA  1 
ATOM   1154 C C   . TYR A 1 148 ? 3.635   -6.140  4.651   1.00 38.85 ? 146  TYR A C   1 
ATOM   1155 O O   . TYR A 1 148 ? 2.726   -5.712  3.956   1.00 39.69 ? 146  TYR A O   1 
ATOM   1156 C CB  . TYR A 1 148 ? 2.450   -7.304  6.465   1.00 39.75 ? 146  TYR A CB  1 
ATOM   1157 C CG  . TYR A 1 148 ? 1.946   -8.559  7.132   1.00 40.51 ? 146  TYR A CG  1 
ATOM   1158 C CD1 . TYR A 1 148 ? 2.599   -9.783  6.964   1.00 42.05 ? 146  TYR A CD1 1 
ATOM   1159 C CD2 . TYR A 1 148 ? 0.887   -8.498  8.028   1.00 40.17 ? 146  TYR A CD2 1 
ATOM   1160 C CE1 . TYR A 1 148 ? 2.147   -10.928 7.591   1.00 43.18 ? 146  TYR A CE1 1 
ATOM   1161 C CE2 . TYR A 1 148 ? 0.438   -9.635  8.698   1.00 41.56 ? 146  TYR A CE2 1 
ATOM   1162 C CZ  . TYR A 1 148 ? 1.074   -10.849 8.470   1.00 43.96 ? 146  TYR A CZ  1 
ATOM   1163 O OH  . TYR A 1 148 ? 0.646   -11.998 9.111   1.00 45.33 ? 146  TYR A OH  1 
ATOM   1164 N N   . CYS A 1 149 ? 4.775   -5.487  4.827   1.00 38.26 ? 147  CYS A N   1 
ATOM   1165 C CA  . CYS A 1 149 ? 5.009   -4.153  4.311   1.00 37.51 ? 147  CYS A CA  1 
ATOM   1166 C C   . CYS A 1 149 ? 4.708   -4.073  2.841   1.00 37.13 ? 147  CYS A C   1 
ATOM   1167 O O   . CYS A 1 149 ? 5.257   -4.850  2.054   1.00 36.79 ? 147  CYS A O   1 
ATOM   1168 C CB  . CYS A 1 149 ? 6.448   -3.705  4.584   1.00 37.77 ? 147  CYS A CB  1 
ATOM   1169 S SG  . CYS A 1 149 ? 6.713   -1.902  4.557   1.00 39.13 ? 147  CYS A SG  1 
ATOM   1170 N N   . GLY A 1 150 ? 3.828   -3.125  2.479   1.00 35.83 ? 148  GLY A N   1 
ATOM   1171 C CA  . GLY A 1 150 ? 3.432   -2.954  1.104   1.00 35.32 ? 148  GLY A CA  1 
ATOM   1172 C C   . GLY A 1 150 ? 2.044   -3.507  0.864   1.00 36.01 ? 148  GLY A C   1 
ATOM   1173 O O   . GLY A 1 150 ? 1.404   -3.137  -0.111  1.00 36.16 ? 148  GLY A O   1 
ATOM   1174 N N   . GLY A 1 151 ? 1.591   -4.392  1.756   1.00 35.66 ? 149  GLY A N   1 
ATOM   1175 C CA  . GLY A 1 151 ? 0.258   -4.988  1.690   1.00 36.75 ? 149  GLY A CA  1 
ATOM   1176 C C   . GLY A 1 151 ? -0.898  -4.003  1.514   1.00 37.33 ? 149  GLY A C   1 
ATOM   1177 O O   . GLY A 1 151 ? -0.927  -2.915  2.097   1.00 37.06 ? 149  GLY A O   1 
ATOM   1178 N N   . VAL A 1 152 ? -1.876  -4.406  0.716   1.00 37.59 ? 150  VAL A N   1 
ATOM   1179 C CA  . VAL A 1 152 ? -2.997  -3.527  0.408   1.00 36.85 ? 150  VAL A CA  1 
ATOM   1180 C C   . VAL A 1 152 ? -4.145  -3.709  1.356   1.00 36.44 ? 150  VAL A C   1 
ATOM   1181 O O   . VAL A 1 152 ? -4.654  -4.813  1.517   1.00 37.08 ? 150  VAL A O   1 
ATOM   1182 C CB  . VAL A 1 152 ? -3.488  -3.788  -1.011  1.00 37.19 ? 150  VAL A CB  1 
ATOM   1183 C CG1 . VAL A 1 152 ? -4.528  -2.715  -1.431  1.00 37.01 ? 150  VAL A CG1 1 
ATOM   1184 C CG2 . VAL A 1 152 ? -2.300  -3.780  -1.942  1.00 35.70 ? 150  VAL A CG2 1 
ATOM   1185 N N   . LEU A 1 153 ? -4.522  -2.625  2.007   1.00 35.56 ? 151  LEU A N   1 
ATOM   1186 C CA  . LEU A 1 153 ? -5.668  -2.610  2.885   1.00 35.63 ? 151  LEU A CA  1 
ATOM   1187 C C   . LEU A 1 153 ? -6.904  -2.305  2.006   1.00 36.88 ? 151  LEU A C   1 
ATOM   1188 O O   . LEU A 1 153 ? -6.947  -1.310  1.253   1.00 36.38 ? 151  LEU A O   1 
ATOM   1189 C CB  . LEU A 1 153 ? -5.501  -1.550  3.944   1.00 34.47 ? 151  LEU A CB  1 
ATOM   1190 C CG  . LEU A 1 153 ? -6.594  -1.519  4.990   1.00 33.95 ? 151  LEU A CG  1 
ATOM   1191 C CD1 . LEU A 1 153 ? -6.467  -2.749  5.912   1.00 31.97 ? 151  LEU A CD1 1 
ATOM   1192 C CD2 . LEU A 1 153 ? -6.561  -0.213  5.777   1.00 28.20 ? 151  LEU A CD2 1 
ATOM   1193 N N   . TYR A 1 154 ? -7.907  -3.168  2.106   1.00 37.94 ? 152  TYR A N   1 
ATOM   1194 C CA  . TYR A 1 154 ? -9.065  -3.052  1.253   1.00 39.25 ? 152  TYR A CA  1 
ATOM   1195 C C   . TYR A 1 154 ? -10.315 -3.698  1.833   1.00 39.80 ? 152  TYR A C   1 
ATOM   1196 O O   . TYR A 1 154 ? -10.276 -4.360  2.873   1.00 39.79 ? 152  TYR A O   1 
ATOM   1197 C CB  . TYR A 1 154 ? -8.761  -3.695  -0.103  1.00 39.26 ? 152  TYR A CB  1 
ATOM   1198 C CG  . TYR A 1 154 ? -8.894  -5.189  -0.054  1.00 40.98 ? 152  TYR A CG  1 
ATOM   1199 C CD1 . TYR A 1 154 ? -7.805  -6.020  0.282   1.00 39.70 ? 152  TYR A CD1 1 
ATOM   1200 C CD2 . TYR A 1 154 ? -10.124 -5.788  -0.333  1.00 42.67 ? 152  TYR A CD2 1 
ATOM   1201 C CE1 . TYR A 1 154 ? -7.965  -7.410  0.328   1.00 40.85 ? 152  TYR A CE1 1 
ATOM   1202 C CE2 . TYR A 1 154 ? -10.292 -7.144  -0.280  1.00 41.90 ? 152  TYR A CE2 1 
ATOM   1203 C CZ  . TYR A 1 154 ? -9.226  -7.950  0.053   1.00 41.71 ? 152  TYR A CZ  1 
ATOM   1204 O OH  . TYR A 1 154 ? -9.464  -9.294  0.073   1.00 42.45 ? 152  TYR A OH  1 
ATOM   1205 N N   . LYS A 1 155 ? -11.423 -3.426  1.144   1.00 41.03 ? 153  LYS A N   1 
ATOM   1206 C CA  . LYS A 1 155 ? -12.754 -3.996  1.351   1.00 42.09 ? 153  LYS A CA  1 
ATOM   1207 C C   . LYS A 1 155 ? -13.225 -4.098  -0.081  1.00 41.64 ? 153  LYS A C   1 
ATOM   1208 O O   . LYS A 1 155 ? -12.523 -3.632  -0.999  1.00 40.98 ? 153  LYS A O   1 
ATOM   1209 C CB  . LYS A 1 155 ? -13.687 -3.089  2.147   1.00 41.75 ? 153  LYS A CB  1 
ATOM   1210 C CG  . LYS A 1 155 ? -13.369 -2.994  3.634   1.00 45.14 ? 153  LYS A CG  1 
ATOM   1211 C CD  . LYS A 1 155 ? -14.503 -2.342  4.458   1.00 44.98 ? 153  LYS A CD  1 
ATOM   1212 C CE  . LYS A 1 155 ? -15.778 -3.203  4.426   1.00 50.84 ? 153  LYS A CE  1 
ATOM   1213 N NZ  . LYS A 1 155 ? -16.869 -2.660  5.281   1.00 52.91 ? 153  LYS A NZ  1 
ATOM   1214 N N   . ILE A 1 156 ? -14.389 -4.705  -0.305  1.00 42.17 ? 154  ILE A N   1 
ATOM   1215 C CA  . ILE A 1 156 ? -14.866 -4.826  -1.676  1.00 42.96 ? 154  ILE A CA  1 
ATOM   1216 C C   . ILE A 1 156 ? -15.184 -3.451  -2.247  1.00 42.60 ? 154  ILE A C   1 
ATOM   1217 O O   . ILE A 1 156 ? -15.828 -2.601  -1.590  1.00 42.38 ? 154  ILE A O   1 
ATOM   1218 C CB  . ILE A 1 156 ? -15.997 -5.872  -1.858  1.00 44.03 ? 154  ILE A CB  1 
ATOM   1219 C CG1 . ILE A 1 156 ? -16.239 -6.129  -3.363  1.00 46.22 ? 154  ILE A CG1 1 
ATOM   1220 C CG2 . ILE A 1 156 ? -17.268 -5.469  -1.098  1.00 43.24 ? 154  ILE A CG2 1 
ATOM   1221 C CD1 . ILE A 1 156 ? -16.832 -7.526  -3.660  1.00 48.63 ? 154  ILE A CD1 1 
ATOM   1222 N N   . GLY A 1 157 ? -14.653 -3.242  -3.445  1.00 42.48 ? 155  GLY A N   1 
ATOM   1223 C CA  . GLY A 1 157 ? -14.775 -1.992  -4.176  1.00 42.75 ? 155  GLY A CA  1 
ATOM   1224 C C   . GLY A 1 157 ? -14.039 -0.813  -3.564  1.00 42.65 ? 155  GLY A C   1 
ATOM   1225 O O   . GLY A 1 157 ? -14.261 0.335   -3.984  1.00 43.31 ? 155  GLY A O   1 
ATOM   1226 N N   . GLN A 1 158 ? -13.154 -1.085  -2.591  1.00 41.49 ? 156  GLN A N   1 
ATOM   1227 C CA  . GLN A 1 158 ? -12.373 -0.036  -1.933  1.00 40.02 ? 156  GLN A CA  1 
ATOM   1228 C C   . GLN A 1 158 ? -10.915 -0.396  -1.634  1.00 38.76 ? 156  GLN A C   1 
ATOM   1229 O O   . GLN A 1 158 ? -10.634 -1.322  -0.872  1.00 37.73 ? 156  GLN A O   1 
ATOM   1230 C CB  . GLN A 1 158 ? -13.039 0.384   -0.639  1.00 40.19 ? 156  GLN A CB  1 
ATOM   1231 C CG  . GLN A 1 158 ? -14.500 0.706   -0.751  1.00 43.59 ? 156  GLN A CG  1 
ATOM   1232 C CD  . GLN A 1 158 ? -15.035 1.382   0.487   1.00 47.16 ? 156  GLN A CD  1 
ATOM   1233 O OE1 . GLN A 1 158 ? -15.651 0.738   1.335   1.00 49.67 ? 156  GLN A OE1 1 
ATOM   1234 N NE2 . GLN A 1 158 ? -14.773 2.683   0.617   1.00 48.10 ? 156  GLN A NE2 1 
ATOM   1235 N N   . VAL A 1 159 ? -9.997  0.362   -2.239  1.00 37.25 ? 157  VAL A N   1 
ATOM   1236 C CA  . VAL A 1 159 ? -8.559  0.214   -2.015  1.00 35.39 ? 157  VAL A CA  1 
ATOM   1237 C C   . VAL A 1 159 ? -8.224  1.394   -1.122  1.00 35.24 ? 157  VAL A C   1 
ATOM   1238 O O   . VAL A 1 159 ? -8.127  2.548   -1.597  1.00 35.64 ? 157  VAL A O   1 
ATOM   1239 C CB  . VAL A 1 159 ? -7.786  0.221   -3.338  1.00 35.54 ? 157  VAL A CB  1 
ATOM   1240 C CG1 . VAL A 1 159 ? -6.285  0.325   -3.099  1.00 34.41 ? 157  VAL A CG1 1 
ATOM   1241 C CG2 . VAL A 1 159 ? -8.156  -1.018  -4.156  1.00 32.54 ? 157  VAL A CG2 1 
ATOM   1242 N N   . LEU A 1 160 ? -8.063  1.075   0.165   1.00 33.79 ? 158  LEU A N   1 
ATOM   1243 C CA  . LEU A 1 160 ? -7.931  2.016   1.280   1.00 32.27 ? 158  LEU A CA  1 
ATOM   1244 C C   . LEU A 1 160 ? -6.565  2.424   1.829   1.00 31.77 ? 158  LEU A C   1 
ATOM   1245 O O   . LEU A 1 160 ? -6.422  3.507   2.414   1.00 31.51 ? 158  LEU A O   1 
ATOM   1246 C CB  . LEU A 1 160 ? -8.684  1.407   2.453   1.00 32.20 ? 158  LEU A CB  1 
ATOM   1247 C CG  . LEU A 1 160 ? -10.100 0.929   2.157   1.00 33.21 ? 158  LEU A CG  1 
ATOM   1248 C CD1 . LEU A 1 160 ? -10.635 0.270   3.392   1.00 33.40 ? 158  LEU A CD1 1 
ATOM   1249 C CD2 . LEU A 1 160 ? -10.990 2.119   1.720   1.00 31.98 ? 158  LEU A CD2 1 
ATOM   1250 N N   . GLY A 1 161 ? -5.573  1.555   1.723   1.00 31.85 ? 159  GLY A N   1 
ATOM   1251 C CA  . GLY A 1 161 ? -4.271  1.891   2.261   1.00 30.95 ? 159  GLY A CA  1 
ATOM   1252 C C   . GLY A 1 161 ? -3.198  0.905   1.904   1.00 31.19 ? 159  GLY A C   1 
ATOM   1253 O O   . GLY A 1 161 ? -3.476  -0.130  1.286   1.00 30.28 ? 159  GLY A O   1 
ATOM   1254 N N   . ILE A 1 162 ? -1.969  1.283   2.267   1.00 30.45 ? 160  ILE A N   1 
ATOM   1255 C CA  . ILE A 1 162 ? -0.778  0.488   2.097   1.00 29.92 ? 160  ILE A CA  1 
ATOM   1256 C C   . ILE A 1 162 ? -0.189  0.253   3.501   1.00 30.26 ? 160  ILE A C   1 
ATOM   1257 O O   . ILE A 1 162 ? 0.104   1.224   4.239   1.00 29.28 ? 160  ILE A O   1 
ATOM   1258 C CB  . ILE A 1 162 ? 0.265   1.227   1.264   1.00 29.85 ? 160  ILE A CB  1 
ATOM   1259 C CG1 . ILE A 1 162 ? -0.320  1.711   -0.082  1.00 30.73 ? 160  ILE A CG1 1 
ATOM   1260 C CG2 . ILE A 1 162 ? 1.485   0.352   1.027   1.00 29.24 ? 160  ILE A CG2 1 
ATOM   1261 C CD1 . ILE A 1 162 ? -0.680  0.607   -1.069  1.00 26.98 ? 160  ILE A CD1 1 
ATOM   1262 N N   . HIS A 1 163 ? -0.001  -1.024  3.864   1.00 30.03 ? 161  HIS A N   1 
ATOM   1263 C CA  . HIS A 1 163 ? 0.570   -1.369  5.172   1.00 30.42 ? 161  HIS A CA  1 
ATOM   1264 C C   . HIS A 1 163 ? 2.040   -0.950  5.253   1.00 31.01 ? 161  HIS A C   1 
ATOM   1265 O O   . HIS A 1 163 ? 2.871   -1.390  4.431   1.00 32.40 ? 161  HIS A O   1 
ATOM   1266 C CB  . HIS A 1 163 ? 0.430   -2.853  5.471   1.00 30.17 ? 161  HIS A CB  1 
ATOM   1267 C CG  . HIS A 1 163 ? 0.993   -3.226  6.802   1.00 29.31 ? 161  HIS A CG  1 
ATOM   1268 N ND1 . HIS A 1 163 ? 0.300   -3.039  7.976   1.00 26.58 ? 161  HIS A ND1 1 
ATOM   1269 C CD2 . HIS A 1 163 ? 2.216   -3.707  7.151   1.00 27.84 ? 161  HIS A CD2 1 
ATOM   1270 C CE1 . HIS A 1 163 ? 1.067   -3.399  8.994   1.00 28.24 ? 161  HIS A CE1 1 
ATOM   1271 N NE2 . HIS A 1 163 ? 2.232   -3.816  8.519   1.00 25.79 ? 161  HIS A NE2 1 
ATOM   1272 N N   . VAL A 1 164 ? 2.363   -0.108  6.223   1.00 30.68 ? 162  VAL A N   1 
ATOM   1273 C CA  . VAL A 1 164 ? 3.709   0.429   6.314   1.00 31.35 ? 162  VAL A CA  1 
ATOM   1274 C C   . VAL A 1 164 ? 4.416   0.294   7.664   1.00 32.05 ? 162  VAL A C   1 
ATOM   1275 O O   . VAL A 1 164 ? 5.612   0.562   7.759   1.00 32.56 ? 162  VAL A O   1 
ATOM   1276 C CB  . VAL A 1 164 ? 3.779   1.959   5.861   1.00 31.61 ? 162  VAL A CB  1 
ATOM   1277 C CG1 . VAL A 1 164 ? 3.551   2.106   4.374   1.00 30.65 ? 162  VAL A CG1 1 
ATOM   1278 C CG2 . VAL A 1 164 ? 2.825   2.877   6.690   1.00 29.55 ? 162  VAL A CG2 1 
ATOM   1279 N N   . GLY A 1 165 ? 3.706   -0.130  8.698   1.00 32.92 ? 163  GLY A N   1 
ATOM   1280 C CA  . GLY A 1 165 ? 4.289   -0.134  10.024  1.00 33.25 ? 163  GLY A CA  1 
ATOM   1281 C C   . GLY A 1 165 ? 3.507   -0.917  11.036  1.00 33.74 ? 163  GLY A C   1 
ATOM   1282 O O   . GLY A 1 165 ? 2.374   -1.294  10.771  1.00 34.20 ? 163  GLY A O   1 
ATOM   1283 N N   . GLY A 1 166 ? 4.110   -1.135  12.200  1.00 33.78 ? 164  GLY A N   1 
ATOM   1284 C CA  . GLY A 1 166 ? 3.488   -1.906  13.251  1.00 34.67 ? 164  GLY A CA  1 
ATOM   1285 C C   . GLY A 1 166 ? 4.303   -1.969  14.532  1.00 35.62 ? 164  GLY A C   1 
ATOM   1286 O O   . GLY A 1 166 ? 5.447   -1.530  14.586  1.00 35.61 ? 164  GLY A O   1 
ATOM   1287 N N   . ASN A 1 167 ? 3.715   -2.515  15.583  1.00 36.74 ? 165  ASN A N   1 
ATOM   1288 C CA  . ASN A 1 167 ? 4.421   -2.553  16.856  1.00 38.52 ? 165  ASN A CA  1 
ATOM   1289 C C   . ASN A 1 167 ? 4.315   -3.891  17.579  1.00 39.40 ? 165  ASN A C   1 
ATOM   1290 O O   . ASN A 1 167 ? 4.666   -3.999  18.761  1.00 39.00 ? 165  ASN A O   1 
ATOM   1291 C CB  . ASN A 1 167 ? 3.936   -1.418  17.750  1.00 37.78 ? 165  ASN A CB  1 
ATOM   1292 C CG  . ASN A 1 167 ? 2.529   -1.613  18.233  1.00 37.83 ? 165  ASN A CG  1 
ATOM   1293 O OD1 . ASN A 1 167 ? 1.880   -2.626  17.951  1.00 39.91 ? 165  ASN A OD1 1 
ATOM   1294 N ND2 . ASN A 1 167 ? 2.045   -0.648  18.995  1.00 38.94 ? 165  ASN A ND2 1 
ATOM   1295 N N   . GLY A 1 168 ? 3.854   -4.909  16.850  1.00 41.08 ? 166  GLY A N   1 
ATOM   1296 C CA  . GLY A 1 168 ? 3.630   -6.226  17.436  1.00 42.42 ? 166  GLY A CA  1 
ATOM   1297 C C   . GLY A 1 168 ? 2.154   -6.413  17.719  1.00 43.75 ? 166  GLY A C   1 
ATOM   1298 O O   . GLY A 1 168 ? 1.616   -7.478  17.464  1.00 44.58 ? 166  GLY A O   1 
ATOM   1299 N N   . ARG A 1 169 ? 1.485   -5.379  18.238  1.00 44.59 ? 167  ARG A N   1 
ATOM   1300 C CA  . ARG A 1 169 ? 0.055   -5.480  18.531  1.00 45.34 ? 167  ARG A CA  1 
ATOM   1301 C C   . ARG A 1 169 ? -0.837  -4.804  17.473  1.00 44.68 ? 167  ARG A C   1 
ATOM   1302 O O   . ARG A 1 169 ? -1.881  -5.350  17.082  1.00 45.32 ? 167  ARG A O   1 
ATOM   1303 C CB  . ARG A 1 169 ? -0.255  -4.891  19.900  1.00 46.48 ? 167  ARG A CB  1 
ATOM   1304 C CG  . ARG A 1 169 ? 0.360   -5.611  21.066  1.00 51.79 ? 167  ARG A CG  1 
ATOM   1305 C CD  . ARG A 1 169 ? -0.157  -5.024  22.384  1.00 60.31 ? 167  ARG A CD  1 
ATOM   1306 N NE  . ARG A 1 169 ? 0.317   -5.792  23.543  1.00 65.98 ? 167  ARG A NE  1 
ATOM   1307 C CZ  . ARG A 1 169 ? -0.309  -6.860  24.046  1.00 69.69 ? 167  ARG A CZ  1 
ATOM   1308 N NH1 . ARG A 1 169 ? -1.447  -7.306  23.498  1.00 70.61 ? 167  ARG A NH1 1 
ATOM   1309 N NH2 . ARG A 1 169 ? 0.200   -7.482  25.107  1.00 70.66 ? 167  ARG A NH2 1 
ATOM   1310 N N   . ASP A 1 170 ? -0.453  -3.614  17.021  1.00 43.27 ? 168  ASP A N   1 
ATOM   1311 C CA  . ASP A 1 170 ? -1.266  -2.906  16.025  1.00 41.52 ? 168  ASP A CA  1 
ATOM   1312 C C   . ASP A 1 170 ? -0.528  -2.767  14.701  1.00 40.46 ? 168  ASP A C   1 
ATOM   1313 O O   . ASP A 1 170 ? 0.712   -2.764  14.666  1.00 39.90 ? 168  ASP A O   1 
ATOM   1314 C CB  . ASP A 1 170 ? -1.690  -1.524  16.544  1.00 41.27 ? 168  ASP A CB  1 
ATOM   1315 C CG  . ASP A 1 170 ? -2.436  -1.585  17.885  1.00 41.98 ? 168  ASP A CG  1 
ATOM   1316 O OD1 . ASP A 1 170 ? -3.421  -2.342  18.015  1.00 44.93 ? 168  ASP A OD1 1 
ATOM   1317 O OD2 . ASP A 1 170 ? -2.053  -0.852  18.822  1.00 41.96 ? 168  ASP A OD2 1 
ATOM   1318 N N   . GLY A 1 171 ? -1.298  -2.684  13.615  1.00 38.95 ? 169  GLY A N   1 
ATOM   1319 C CA  . GLY A 1 171 ? -0.761  -2.449  12.281  1.00 37.00 ? 169  GLY A CA  1 
ATOM   1320 C C   . GLY A 1 171 ? -1.203  -1.064  11.832  1.00 36.49 ? 169  GLY A C   1 
ATOM   1321 O O   . GLY A 1 171 ? -2.217  -0.532  12.302  1.00 35.94 ? 169  GLY A O   1 
ATOM   1322 N N   . PHE A 1 172 ? -0.450  -0.470  10.911  1.00 35.36 ? 170  PHE A N   1 
ATOM   1323 C CA  . PHE A 1 172 ? -0.763  0.853   10.428  1.00 34.02 ? 170  PHE A CA  1 
ATOM   1324 C C   . PHE A 1 172 ? -0.576  0.931   8.940   1.00 34.40 ? 170  PHE A C   1 
ATOM   1325 O O   . PHE A 1 172 ? 0.446   0.460   8.389   1.00 34.62 ? 170  PHE A O   1 
ATOM   1326 C CB  . PHE A 1 172 ? 0.126   1.908   11.090  1.00 33.44 ? 170  PHE A CB  1 
ATOM   1327 C CG  . PHE A 1 172 ? -0.042  1.996   12.583  1.00 32.73 ? 170  PHE A CG  1 
ATOM   1328 C CD1 . PHE A 1 172 ? 0.583   1.071   13.427  1.00 31.97 ? 170  PHE A CD1 1 
ATOM   1329 C CD2 . PHE A 1 172 ? -0.826  2.991   13.144  1.00 30.61 ? 170  PHE A CD2 1 
ATOM   1330 C CE1 . PHE A 1 172 ? 0.416   1.132   14.823  1.00 32.40 ? 170  PHE A CE1 1 
ATOM   1331 C CE2 . PHE A 1 172 ? -0.990  3.081   14.535  1.00 31.76 ? 170  PHE A CE2 1 
ATOM   1332 C CZ  . PHE A 1 172 ? -0.383  2.156   15.380  1.00 31.62 ? 170  PHE A CZ  1 
ATOM   1333 N N   . SER A 1 173 ? -1.555  1.563   8.298   1.00 33.85 ? 171  SER A N   1 
ATOM   1334 C CA  . SER A 1 173 ? -1.532  1.783   6.867   1.00 34.10 ? 171  SER A CA  1 
ATOM   1335 C C   . SER A 1 173 ? -1.435  3.244   6.508   1.00 33.84 ? 171  SER A C   1 
ATOM   1336 O O   . SER A 1 173 ? -1.988  4.087   7.197   1.00 35.25 ? 171  SER A O   1 
ATOM   1337 C CB  . SER A 1 173 ? -2.798  1.214   6.200   1.00 33.44 ? 171  SER A CB  1 
ATOM   1338 O OG  . SER A 1 173 ? -2.561  -0.090  5.738   1.00 33.73 ? 171  SER A OG  1 
ATOM   1339 N N   . ALA A 1 174 ? -0.743  3.539   5.423   1.00 33.98 ? 172  ALA A N   1 
ATOM   1340 C CA  . ALA A 1 174 ? -0.721  4.885   4.889   1.00 34.87 ? 172  ALA A CA  1 
ATOM   1341 C C   . ALA A 1 174 ? -2.097  5.100   4.248   1.00 35.63 ? 172  ALA A C   1 
ATOM   1342 O O   . ALA A 1 174 ? -2.546  4.291   3.455   1.00 34.87 ? 172  ALA A O   1 
ATOM   1343 C CB  . ALA A 1 174 ? 0.358   5.013   3.863   1.00 34.72 ? 172  ALA A CB  1 
ATOM   1344 N N   . MET A 1 175 ? -2.782  6.164   4.627   1.00 36.85 ? 173  MET A N   1 
ATOM   1345 C CA  . MET A 1 175 ? -4.122  6.422   4.083   1.00 38.81 ? 173  MET A CA  1 
ATOM   1346 C C   . MET A 1 175 ? -4.132  6.888   2.626   1.00 37.54 ? 173  MET A C   1 
ATOM   1347 O O   . MET A 1 175 ? -3.637  7.961   2.334   1.00 38.59 ? 173  MET A O   1 
ATOM   1348 C CB  . MET A 1 175 ? -4.821  7.454   4.959   1.00 38.73 ? 173  MET A CB  1 
ATOM   1349 C CG  . MET A 1 175 ? -6.281  7.685   4.652   1.00 39.10 ? 173  MET A CG  1 
ATOM   1350 S SD  . MET A 1 175 ? -6.910  8.704   6.005   1.00 43.41 ? 173  MET A SD  1 
ATOM   1351 C CE  . MET A 1 175 ? -6.347  10.341  5.518   1.00 44.04 ? 173  MET A CE  1 
ATOM   1352 N N   . LEU A 1 176 ? -4.665  6.075   1.721   1.00 36.93 ? 174  LEU A N   1 
ATOM   1353 C CA  . LEU A 1 176 ? -4.746  6.432   0.302   1.00 36.72 ? 174  LEU A CA  1 
ATOM   1354 C C   . LEU A 1 176 ? -5.984  7.316   -0.014  1.00 36.52 ? 174  LEU A C   1 
ATOM   1355 O O   . LEU A 1 176 ? -7.105  7.023   0.450   1.00 36.70 ? 174  LEU A O   1 
ATOM   1356 C CB  . LEU A 1 176 ? -4.832  5.170   -0.568  1.00 36.64 ? 174  LEU A CB  1 
ATOM   1357 C CG  . LEU A 1 176 ? -3.691  4.176   -0.727  1.00 36.81 ? 174  LEU A CG  1 
ATOM   1358 C CD1 . LEU A 1 176 ? -4.101  3.066   -1.704  1.00 36.73 ? 174  LEU A CD1 1 
ATOM   1359 C CD2 . LEU A 1 176 ? -2.489  4.869   -1.257  1.00 36.49 ? 174  LEU A CD2 1 
ATOM   1360 N N   . LEU A 1 177 ? -5.773  8.370   -0.813  1.00 35.70 ? 175  LEU A N   1 
ATOM   1361 C CA  . LEU A 1 177 ? -6.845  9.281   -1.249  1.00 35.24 ? 175  LEU A CA  1 
ATOM   1362 C C   . LEU A 1 177 ? -6.703  9.425   -2.740  1.00 35.24 ? 175  LEU A C   1 
ATOM   1363 O O   . LEU A 1 177 ? -5.572  9.446   -3.260  1.00 35.07 ? 175  LEU A O   1 
ATOM   1364 C CB  . LEU A 1 177 ? -6.784  10.641  -0.554  1.00 34.68 ? 175  LEU A CB  1 
ATOM   1365 C CG  . LEU A 1 177 ? -6.895  10.608  0.978   1.00 36.03 ? 175  LEU A CG  1 
ATOM   1366 C CD1 . LEU A 1 177 ? -6.799  12.019  1.519   1.00 36.69 ? 175  LEU A CD1 1 
ATOM   1367 C CD2 . LEU A 1 177 ? -8.156  9.916   1.516   1.00 34.84 ? 175  LEU A CD2 1 
ATOM   1368 N N   . ARG A 1 178 ? -7.831  9.487   -3.444  1.00 35.26 ? 176  ARG A N   1 
ATOM   1369 C CA  . ARG A 1 178 ? -7.763  9.521   -4.897  1.00 36.83 ? 176  ARG A CA  1 
ATOM   1370 C C   . ARG A 1 178 ? -6.970  10.701  -5.447  1.00 37.37 ? 176  ARG A C   1 
ATOM   1371 O O   . ARG A 1 178 ? -6.257  10.542  -6.444  1.00 37.64 ? 176  ARG A O   1 
ATOM   1372 C CB  . ARG A 1 178 ? -9.143  9.437   -5.519  1.00 37.21 ? 176  ARG A CB  1 
ATOM   1373 C CG  . ARG A 1 178 ? -9.153  8.961   -6.967  1.00 38.50 ? 176  ARG A CG  1 
ATOM   1374 C CD  . ARG A 1 178 ? -10.600 8.854   -7.453  1.00 41.28 ? 176  ARG A CD  1 
ATOM   1375 N NE  . ARG A 1 178 ? -11.451 8.307   -6.383  1.00 44.56 ? 176  ARG A NE  1 
ATOM   1376 C CZ  . ARG A 1 178 ? -12.776 8.206   -6.438  1.00 46.08 ? 176  ARG A CZ  1 
ATOM   1377 N NH1 . ARG A 1 178 ? -13.423 8.621   -7.519  1.00 48.91 ? 176  ARG A NH1 1 
ATOM   1378 N NH2 . ARG A 1 178 ? -13.454 7.710   -5.412  1.00 42.78 ? 176  ARG A NH2 1 
ATOM   1379 N N   . SER A 1 179 ? -7.042  11.856  -4.772  1.00 38.39 ? 177  SER A N   1 
ATOM   1380 C CA  . SER A 1 179 ? -6.292  13.051  -5.202  1.00 39.20 ? 177  SER A CA  1 
ATOM   1381 C C   . SER A 1 179 ? -4.766  12.876  -5.213  1.00 38.75 ? 177  SER A C   1 
ATOM   1382 O O   . SER A 1 179 ? -4.070  13.657  -5.857  1.00 38.48 ? 177  SER A O   1 
ATOM   1383 C CB  . SER A 1 179 ? -6.730  14.341  -4.488  1.00 39.13 ? 177  SER A CB  1 
ATOM   1384 O OG  . SER A 1 179 ? -6.617  14.218  -3.087  1.00 43.23 ? 177  SER A OG  1 
ATOM   1385 N N   . TYR A 1 180 ? -4.252  11.842  -4.541  1.00 38.51 ? 178  TYR A N   1 
ATOM   1386 C CA  . TYR A 1 180 ? -2.821  11.567  -4.630  1.00 38.33 ? 178  TYR A CA  1 
ATOM   1387 C C   . TYR A 1 180 ? -2.456  11.050  -6.022  1.00 39.32 ? 178  TYR A C   1 
ATOM   1388 O O   . TYR A 1 180 ? -1.279  11.046  -6.403  1.00 39.15 ? 178  TYR A O   1 
ATOM   1389 C CB  . TYR A 1 180 ? -2.332  10.575  -3.573  1.00 36.69 ? 178  TYR A CB  1 
ATOM   1390 C CG  . TYR A 1 180 ? -2.519  10.995  -2.134  1.00 35.88 ? 178  TYR A CG  1 
ATOM   1391 C CD1 . TYR A 1 180 ? -2.436  12.340  -1.745  1.00 37.25 ? 178  TYR A CD1 1 
ATOM   1392 C CD2 . TYR A 1 180 ? -2.801  10.058  -1.159  1.00 32.21 ? 178  TYR A CD2 1 
ATOM   1393 C CE1 . TYR A 1 180 ? -2.621  12.736  -0.381  1.00 32.43 ? 178  TYR A CE1 1 
ATOM   1394 C CE2 . TYR A 1 180 ? -2.983  10.431  0.156   1.00 31.89 ? 178  TYR A CE2 1 
ATOM   1395 C CZ  . TYR A 1 180 ? -2.893  11.771  0.534   1.00 33.17 ? 178  TYR A CZ  1 
ATOM   1396 O OH  . TYR A 1 180 ? -3.048  12.109  1.841   1.00 33.41 ? 178  TYR A OH  1 
ATOM   1397 N N   . PHE A 1 181 ? -3.462  10.633  -6.792  1.00 40.94 ? 179  PHE A N   1 
ATOM   1398 C CA  . PHE A 1 181 ? -3.204  10.011  -8.099  1.00 42.78 ? 179  PHE A CA  1 
ATOM   1399 C C   . PHE A 1 181 ? -3.817  10.661  -9.339  1.00 44.17 ? 179  PHE A C   1 
ATOM   1400 O O   . PHE A 1 181 ? -3.466  10.281  -10.464 1.00 44.81 ? 179  PHE A O   1 
ATOM   1401 C CB  . PHE A 1 181 ? -3.581  8.526   -8.005  1.00 42.64 ? 179  PHE A CB  1 
ATOM   1402 C CG  . PHE A 1 181 ? -2.988  7.860   -6.809  1.00 41.65 ? 179  PHE A CG  1 
ATOM   1403 C CD1 . PHE A 1 181 ? -1.664  7.449   -6.820  1.00 41.35 ? 179  PHE A CD1 1 
ATOM   1404 C CD2 . PHE A 1 181 ? -3.731  7.706   -5.650  1.00 40.56 ? 179  PHE A CD2 1 
ATOM   1405 C CE1 . PHE A 1 181 ? -1.106  6.855   -5.704  1.00 41.79 ? 179  PHE A CE1 1 
ATOM   1406 C CE2 . PHE A 1 181 ? -3.180  7.113   -4.532  1.00 40.20 ? 179  PHE A CE2 1 
ATOM   1407 C CZ  . PHE A 1 181 ? -1.867  6.694   -4.551  1.00 40.20 ? 179  PHE A CZ  1 
ATOM   1408 N N   . THR A 1 182 ? -4.693  11.642  -9.125  1.00 45.79 ? 180  THR A N   1 
ATOM   1409 C CA  . THR A 1 182 ? -5.387  12.371  -10.202 1.00 47.62 ? 180  THR A CA  1 
ATOM   1410 C C   . THR A 1 182 ? -4.795  13.788  -10.387 1.00 49.10 ? 180  THR A C   1 
ATOM   1411 O O   . THR A 1 182 ? -4.088  14.268  -9.484  1.00 50.30 ? 180  THR A O   1 
ATOM   1412 C CB  . THR A 1 182 ? -6.930  12.472  -9.916  1.00 47.31 ? 180  THR A CB  1 
ATOM   1413 O OG1 . THR A 1 182 ? -7.174  13.302  -8.769  1.00 48.25 ? 180  THR A OG1 1 
ATOM   1414 C CG2 . THR A 1 182 ? -7.545  11.110  -9.660  1.00 47.07 ? 180  THR A CG2 1 
ATOM   1415 O OXT . THR A 1 182 ? -4.993  14.520  -11.395 1.00 49.95 ? 180  THR A OXT 1 
HETATM 1416 C C1  . 7L4 B 2 .   ? 7.484   -5.886  16.932  1.00 32.31 ? 1181 7L4 A C1  1 
HETATM 1417 C C2  . 7L4 B 2 .   ? 6.778   -6.725  16.083  1.00 34.48 ? 1181 7L4 A C2  1 
HETATM 1418 C C3  . 7L4 B 2 .   ? 6.464   -6.326  14.782  1.00 32.79 ? 1181 7L4 A C3  1 
HETATM 1419 C C4  . 7L4 B 2 .   ? 6.873   -5.076  14.324  1.00 30.49 ? 1181 7L4 A C4  1 
HETATM 1420 C C5  . 7L4 B 2 .   ? 7.576   -4.222  15.167  1.00 33.31 ? 1181 7L4 A C5  1 
HETATM 1421 C C6  . 7L4 B 2 .   ? 7.882   -4.634  16.457  1.00 34.74 ? 1181 7L4 A C6  1 
HETATM 1422 C C7  . 7L4 B 2 .   ? 6.557   -4.641  12.950  1.00 31.46 ? 1181 7L4 A C7  1 
HETATM 1423 C C8  . 7L4 B 2 .   ? 5.238   -4.801  12.471  1.00 28.75 ? 1181 7L4 A C8  1 
HETATM 1424 C C9  . 7L4 B 2 .   ? 4.946   -4.377  11.201  1.00 29.66 ? 1181 7L4 A C9  1 
HETATM 1425 C C10 . 7L4 B 2 .   ? 5.969   -3.792  10.415  1.00 28.63 ? 1181 7L4 A C10 1 
HETATM 1426 C C11 . 7L4 B 2 .   ? 5.717   -3.364  9.112   1.00 30.13 ? 1181 7L4 A C11 1 
HETATM 1427 C C12 . 7L4 B 2 .   ? 6.718   -2.802  8.357   1.00 29.65 ? 1181 7L4 A C12 1 
HETATM 1428 C C13 . 7L4 B 2 .   ? 8.003   -2.686  8.881   1.00 29.04 ? 1181 7L4 A C13 1 
HETATM 1429 C C14 . 7L4 B 2 .   ? 8.269   -3.086  10.163  1.00 29.23 ? 1181 7L4 A C14 1 
HETATM 1430 C C15 . 7L4 B 2 .   ? 7.271   -3.654  10.956  1.00 27.71 ? 1181 7L4 A C15 1 
HETATM 1431 N N16 . 7L4 B 2 .   ? 7.519   -4.079  12.209  1.00 30.29 ? 1181 7L4 A N16 1 
HETATM 1432 O O17 . 7L4 B 2 .   ? 3.698   -4.538  10.687  1.00 31.62 ? 1181 7L4 A O17 1 
HETATM 1433 O O   . HOH C 3 .   ? 10.986  -9.098  -6.944  1.00 50.45 ? 2001 HOH A O   1 
HETATM 1434 O O   . HOH C 3 .   ? 17.466  -0.962  -4.784  1.00 54.25 ? 2002 HOH A O   1 
HETATM 1435 O O   . HOH C 3 .   ? 2.314   5.526   -19.165 1.00 54.91 ? 2003 HOH A O   1 
HETATM 1436 O O   . HOH C 3 .   ? 1.552   2.292   -23.738 1.00 48.19 ? 2004 HOH A O   1 
HETATM 1437 O O   . HOH C 3 .   ? 10.267  12.733  -3.870  1.00 46.37 ? 2005 HOH A O   1 
HETATM 1438 O O   . HOH C 3 .   ? -1.514  16.718  0.040   0.50 22.79 ? 2006 HOH A O   1 
HETATM 1439 O O   . HOH C 3 .   ? -3.979  13.147  7.098   1.00 33.99 ? 2007 HOH A O   1 
HETATM 1440 O O   . HOH C 3 .   ? 7.503   14.154  7.306   1.00 42.91 ? 2008 HOH A O   1 
HETATM 1441 O O   . HOH C 3 .   ? 0.926   7.559   6.444   1.00 42.25 ? 2009 HOH A O   1 
HETATM 1442 O O   . HOH C 3 .   ? 6.079   9.488   1.798   1.00 40.07 ? 2010 HOH A O   1 
HETATM 1443 O O   . HOH C 3 .   ? 7.763   3.174   4.244   1.00 30.03 ? 2011 HOH A O   1 
HETATM 1444 O O   . HOH C 3 .   ? -12.673 12.919  6.202   1.00 51.18 ? 2012 HOH A O   1 
HETATM 1445 O O   . HOH C 3 .   ? -10.076 6.795   3.783   1.00 38.14 ? 2013 HOH A O   1 
HETATM 1446 O O   . HOH C 3 .   ? 8.419   -12.776 -1.852  1.00 35.79 ? 2014 HOH A O   1 
HETATM 1447 O O   . HOH C 3 .   ? 5.537   -11.875 6.519   1.00 41.94 ? 2015 HOH A O   1 
HETATM 1448 O O   . HOH C 3 .   ? -8.704  -4.305  13.751  1.00 39.49 ? 2016 HOH A O   1 
HETATM 1449 O O   . HOH C 3 .   ? -5.987  9.850   17.068  1.00 37.67 ? 2017 HOH A O   1 
HETATM 1450 O O   . HOH C 3 .   ? -0.714  14.069  13.948  1.00 34.34 ? 2018 HOH A O   1 
HETATM 1451 O O   . HOH C 3 .   ? 7.680   14.369  14.419  1.00 28.55 ? 2019 HOH A O   1 
HETATM 1452 O O   . HOH C 3 .   ? 9.622   19.469  20.225  1.00 33.48 ? 2020 HOH A O   1 
HETATM 1453 O O   . HOH C 3 .   ? -2.823  20.604  15.548  1.00 67.38 ? 2021 HOH A O   1 
HETATM 1454 O O   . HOH C 3 .   ? -1.576  8.298   5.947   1.00 34.60 ? 2022 HOH A O   1 
HETATM 1455 O O   . HOH C 3 .   ? 8.269   -10.829 8.321   1.00 36.64 ? 2023 HOH A O   1 
HETATM 1456 O O   . HOH C 3 .   ? -13.989 4.196   -1.832  1.00 60.51 ? 2024 HOH A O   1 
HETATM 1457 O O   . HOH C 3 .   ? 7.444   1.097   5.929   1.00 26.82 ? 2025 HOH A O   1 
HETATM 1458 O O   . HOH C 3 .   ? 2.254   -5.368  14.722  1.00 37.15 ? 2026 HOH A O   1 
HETATM 1459 O O   . HOH C 3 .   ? -8.232  5.625   2.515   1.00 34.26 ? 2027 HOH A O   1 
HETATM 1460 O O   . HOH C 3 .   ? -16.335 9.375   -6.402  1.00 49.38 ? 2028 HOH A O   1 
HETATM 1461 O O   . HOH C 3 .   ? -3.371  10.485  3.532   1.00 35.54 ? 2029 HOH A O   1 
HETATM 1462 O O   . HOH C 3 .   ? -6.703  15.887  -8.031  1.00 45.95 ? 2030 HOH A O   1 
# 
